data_1UJT
#
_entry.id   1UJT
#
_entity_poly.entity_id   1
_entity_poly.type   'polypeptide(L)'
_entity_poly.pdbx_seq_one_letter_code
;GSSGSSGRQVQKELGDVLVRLHNPVVLTPTTVQVTWTVDRQPQFIQGYRVMYRQTSGLQATSSWQNLDAKVPTERSAVLV
NLKKGVTYEIKVRPYFNEFQGMDSESKTVRTTEESGPSSG
;
_entity_poly.pdbx_strand_id   A
#
# COMPACT_ATOMS: atom_id res chain seq x y z
N GLY A 1 36.78 1.12 12.29
CA GLY A 1 36.65 -0.31 12.47
C GLY A 1 35.22 -0.79 12.26
N SER A 2 34.81 -0.88 11.00
CA SER A 2 33.47 -1.32 10.67
C SER A 2 33.39 -2.85 10.59
N SER A 3 33.03 -3.47 11.71
CA SER A 3 32.93 -4.93 11.77
C SER A 3 32.05 -5.45 10.64
N GLY A 4 30.81 -4.98 10.58
CA GLY A 4 29.90 -5.43 9.55
C GLY A 4 28.58 -4.68 9.58
N SER A 5 28.07 -4.35 8.40
CA SER A 5 26.80 -3.62 8.29
C SER A 5 26.22 -3.74 6.88
N SER A 6 24.98 -3.30 6.72
CA SER A 6 24.30 -3.37 5.44
C SER A 6 23.36 -2.17 5.25
N GLY A 7 23.24 -1.72 4.01
CA GLY A 7 22.38 -0.59 3.72
C GLY A 7 22.91 0.71 4.30
N ARG A 8 23.86 1.32 3.60
CA ARG A 8 24.46 2.58 4.05
C ARG A 8 23.55 3.76 3.70
N GLN A 9 23.18 3.87 2.43
CA GLN A 9 22.32 4.96 1.98
C GLN A 9 20.85 4.62 2.21
N VAL A 10 20.61 3.60 3.04
CA VAL A 10 19.24 3.18 3.34
C VAL A 10 18.51 4.24 4.15
N GLN A 11 19.17 4.75 5.18
CA GLN A 11 18.59 5.77 6.04
C GLN A 11 18.63 7.14 5.37
N LYS A 12 19.16 7.18 4.16
CA LYS A 12 19.27 8.44 3.41
C LYS A 12 18.28 8.46 2.25
N GLU A 13 18.18 7.33 1.54
CA GLU A 13 17.27 7.22 0.40
C GLU A 13 15.87 6.85 0.87
N LEU A 14 15.79 5.86 1.76
CA LEU A 14 14.52 5.40 2.28
C LEU A 14 13.53 6.56 2.40
N GLY A 15 13.76 7.43 3.37
CA GLY A 15 12.88 8.57 3.57
C GLY A 15 12.69 9.39 2.29
N ASP A 16 13.79 9.68 1.61
CA ASP A 16 13.74 10.46 0.38
C ASP A 16 12.67 9.93 -0.55
N VAL A 17 12.73 8.62 -0.85
CA VAL A 17 11.76 8.00 -1.73
C VAL A 17 10.38 8.63 -1.58
N LEU A 18 9.89 9.23 -2.65
CA LEU A 18 8.58 9.88 -2.64
C LEU A 18 7.55 9.03 -3.39
N VAL A 19 6.85 8.17 -2.66
CA VAL A 19 5.84 7.32 -3.27
C VAL A 19 4.59 8.11 -3.61
N ARG A 20 4.22 8.09 -4.89
CA ARG A 20 3.04 8.81 -5.35
C ARG A 20 1.85 7.87 -5.52
N LEU A 21 0.93 7.91 -4.56
CA LEU A 21 -0.25 7.06 -4.59
C LEU A 21 -1.37 7.70 -5.43
N HIS A 22 -1.67 7.08 -6.57
CA HIS A 22 -2.71 7.58 -7.45
C HIS A 22 -4.09 7.44 -6.82
N ASN A 23 -4.58 6.20 -6.78
CA ASN A 23 -5.89 5.93 -6.18
C ASN A 23 -6.17 4.43 -6.15
N PRO A 24 -6.75 3.96 -5.04
CA PRO A 24 -7.09 2.54 -4.86
C PRO A 24 -8.22 2.09 -5.78
N VAL A 25 -7.89 1.81 -7.04
CA VAL A 25 -8.88 1.36 -8.01
C VAL A 25 -9.73 0.24 -7.45
N VAL A 26 -10.98 0.56 -7.12
CA VAL A 26 -11.90 -0.43 -6.58
C VAL A 26 -12.52 -1.28 -7.69
N LEU A 27 -12.06 -2.51 -7.82
CA LEU A 27 -12.58 -3.41 -8.85
C LEU A 27 -13.84 -4.12 -8.36
N THR A 28 -13.74 -4.79 -7.21
CA THR A 28 -14.88 -5.50 -6.64
C THR A 28 -15.07 -5.14 -5.17
N PRO A 29 -16.27 -5.41 -4.64
CA PRO A 29 -16.60 -5.13 -3.24
C PRO A 29 -15.86 -6.06 -2.28
N THR A 30 -15.11 -7.01 -2.83
CA THR A 30 -14.35 -7.96 -2.02
C THR A 30 -12.87 -7.90 -2.35
N THR A 31 -12.49 -6.96 -3.22
CA THR A 31 -11.10 -6.81 -3.63
C THR A 31 -10.85 -5.41 -4.20
N VAL A 32 -9.70 -4.84 -3.86
CA VAL A 32 -9.34 -3.52 -4.34
C VAL A 32 -7.90 -3.49 -4.85
N GLN A 33 -7.72 -2.90 -6.03
CA GLN A 33 -6.40 -2.82 -6.64
C GLN A 33 -5.70 -1.52 -6.24
N VAL A 34 -4.47 -1.64 -5.72
CA VAL A 34 -3.70 -0.48 -5.31
C VAL A 34 -2.49 -0.27 -6.21
N THR A 35 -2.38 0.94 -6.76
CA THR A 35 -1.27 1.28 -7.64
C THR A 35 -0.49 2.48 -7.11
N TRP A 36 0.79 2.55 -7.48
CA TRP A 36 1.64 3.65 -7.04
C TRP A 36 2.91 3.71 -7.88
N THR A 37 3.69 4.78 -7.68
CA THR A 37 4.93 4.96 -8.42
C THR A 37 5.96 5.72 -7.60
N VAL A 38 7.24 5.49 -7.88
CA VAL A 38 8.32 6.16 -7.17
C VAL A 38 9.33 6.75 -8.14
N ASP A 39 9.79 7.96 -7.85
CA ASP A 39 10.76 8.65 -8.69
C ASP A 39 12.14 7.98 -8.58
N ARG A 40 12.60 7.82 -7.34
CA ARG A 40 13.90 7.20 -7.09
C ARG A 40 13.73 5.81 -6.50
N GLN A 41 13.74 4.79 -7.37
CA GLN A 41 13.59 3.42 -6.93
C GLN A 41 14.80 2.97 -6.11
N PRO A 42 14.55 2.63 -4.83
CA PRO A 42 15.61 2.19 -3.91
C PRO A 42 16.15 0.80 -4.27
N GLN A 43 17.46 0.65 -4.18
CA GLN A 43 18.09 -0.63 -4.51
C GLN A 43 18.13 -1.54 -3.28
N PHE A 44 18.25 -0.95 -2.11
CA PHE A 44 18.29 -1.71 -0.87
C PHE A 44 16.93 -2.28 -0.53
N ILE A 45 15.89 -1.46 -0.70
CA ILE A 45 14.52 -1.89 -0.43
C ILE A 45 14.33 -3.37 -0.74
N GLN A 46 13.49 -4.02 0.04
CA GLN A 46 13.21 -5.45 -0.15
C GLN A 46 11.83 -5.66 -0.76
N GLY A 47 10.94 -4.67 -0.56
CA GLY A 47 9.61 -4.78 -1.09
C GLY A 47 8.75 -3.57 -0.74
N TYR A 48 7.48 -3.81 -0.46
CA TYR A 48 6.55 -2.74 -0.11
C TYR A 48 5.50 -3.22 0.88
N ARG A 49 5.16 -2.36 1.83
CA ARG A 49 4.16 -2.69 2.84
C ARG A 49 2.88 -1.89 2.64
N VAL A 50 1.84 -2.56 2.15
CA VAL A 50 0.56 -1.91 1.91
C VAL A 50 -0.37 -2.08 3.10
N MET A 51 -0.48 -1.03 3.93
CA MET A 51 -1.34 -1.07 5.10
C MET A 51 -2.76 -0.64 4.74
N TYR A 52 -3.74 -1.40 5.22
CA TYR A 52 -5.14 -1.09 4.95
C TYR A 52 -6.01 -1.44 6.16
N ARG A 53 -7.16 -0.79 6.25
CA ARG A 53 -8.09 -1.02 7.35
C ARG A 53 -9.40 -0.29 7.13
N GLN A 54 -10.44 -0.67 7.87
CA GLN A 54 -11.75 -0.05 7.76
C GLN A 54 -11.77 1.30 8.46
N THR A 55 -12.72 2.15 8.06
CA THR A 55 -12.86 3.47 8.66
C THR A 55 -14.31 3.76 9.04
N SER A 56 -15.23 3.21 8.27
CA SER A 56 -16.66 3.40 8.53
C SER A 56 -17.26 2.18 9.21
N GLY A 57 -16.93 1.00 8.69
CA GLY A 57 -17.45 -0.22 9.25
C GLY A 57 -17.19 -0.34 10.74
N LEU A 58 -17.44 -1.52 11.30
CA LEU A 58 -17.22 -1.77 12.72
C LEU A 58 -15.75 -1.99 13.02
N GLN A 59 -15.09 -2.78 12.17
CA GLN A 59 -13.67 -3.07 12.35
C GLN A 59 -12.83 -1.80 12.22
N ALA A 60 -13.48 -0.71 11.84
CA ALA A 60 -12.79 0.57 11.69
C ALA A 60 -11.88 0.85 12.88
N THR A 61 -10.75 1.50 12.60
CA THR A 61 -9.79 1.83 13.65
C THR A 61 -9.74 0.73 14.72
N SER A 62 -9.89 -0.52 14.29
CA SER A 62 -9.87 -1.64 15.21
C SER A 62 -8.51 -2.35 15.18
N SER A 63 -8.00 -2.59 13.98
CA SER A 63 -6.72 -3.26 13.81
C SER A 63 -6.19 -3.07 12.39
N TRP A 64 -5.08 -2.36 12.27
CA TRP A 64 -4.46 -2.11 10.96
C TRP A 64 -3.90 -3.39 10.38
N GLN A 65 -3.96 -3.50 9.06
CA GLN A 65 -3.45 -4.68 8.37
C GLN A 65 -2.20 -4.35 7.56
N ASN A 66 -1.47 -5.38 7.15
CA ASN A 66 -0.25 -5.19 6.37
C ASN A 66 -0.09 -6.31 5.35
N LEU A 67 0.17 -5.92 4.10
CA LEU A 67 0.34 -6.89 3.02
C LEU A 67 1.74 -6.78 2.42
N ASP A 68 2.65 -7.63 2.89
CA ASP A 68 4.03 -7.62 2.40
C ASP A 68 4.09 -8.13 0.96
N ALA A 69 4.30 -7.21 0.02
CA ALA A 69 4.38 -7.57 -1.39
C ALA A 69 5.52 -8.55 -1.64
N LYS A 70 6.63 -8.36 -0.94
CA LYS A 70 7.79 -9.23 -1.09
C LYS A 70 8.34 -9.17 -2.52
N VAL A 71 8.19 -8.01 -3.15
CA VAL A 71 8.67 -7.82 -4.51
C VAL A 71 8.93 -6.35 -4.81
N PRO A 72 10.22 -5.98 -4.91
CA PRO A 72 10.64 -4.61 -5.17
C PRO A 72 10.30 -4.17 -6.60
N THR A 73 9.67 -5.06 -7.36
CA THR A 73 9.30 -4.78 -8.73
C THR A 73 7.79 -4.67 -8.88
N GLU A 74 7.07 -4.95 -7.80
CA GLU A 74 5.61 -4.88 -7.81
C GLU A 74 5.13 -3.56 -7.22
N ARG A 75 4.85 -2.59 -8.09
CA ARG A 75 4.38 -1.29 -7.65
C ARG A 75 2.86 -1.26 -7.53
N SER A 76 2.28 -2.45 -7.40
CA SER A 76 0.82 -2.57 -7.29
C SER A 76 0.44 -3.82 -6.48
N ALA A 77 -0.38 -3.62 -5.45
CA ALA A 77 -0.81 -4.72 -4.61
C ALA A 77 -2.33 -4.86 -4.65
N VAL A 78 -2.81 -6.08 -4.39
CA VAL A 78 -4.24 -6.35 -4.39
C VAL A 78 -4.71 -6.85 -3.02
N LEU A 79 -5.59 -6.07 -2.39
CA LEU A 79 -6.12 -6.42 -1.08
C LEU A 79 -7.42 -7.21 -1.20
N VAL A 80 -7.38 -8.48 -0.81
CA VAL A 80 -8.56 -9.33 -0.88
C VAL A 80 -9.24 -9.42 0.48
N ASN A 81 -10.34 -10.18 0.52
CA ASN A 81 -11.10 -10.35 1.76
C ASN A 81 -11.51 -8.99 2.33
N LEU A 82 -12.12 -8.16 1.49
CA LEU A 82 -12.57 -6.84 1.92
C LEU A 82 -14.08 -6.79 2.06
N LYS A 83 -14.56 -5.98 2.99
CA LYS A 83 -16.00 -5.84 3.22
C LYS A 83 -16.65 -5.04 2.10
N LYS A 84 -17.91 -5.34 1.82
CA LYS A 84 -18.65 -4.66 0.77
C LYS A 84 -19.51 -3.53 1.35
N GLY A 85 -19.46 -2.37 0.71
CA GLY A 85 -20.23 -1.23 1.18
C GLY A 85 -19.61 -0.57 2.39
N VAL A 86 -18.34 -0.18 2.25
CA VAL A 86 -17.63 0.46 3.34
C VAL A 86 -16.30 1.06 2.86
N THR A 87 -15.96 2.23 3.37
CA THR A 87 -14.72 2.90 2.99
C THR A 87 -13.51 2.23 3.63
N TYR A 88 -12.40 2.22 2.91
CA TYR A 88 -11.17 1.60 3.42
C TYR A 88 -9.96 2.49 3.13
N GLU A 89 -9.25 2.87 4.18
CA GLU A 89 -8.07 3.71 4.04
C GLU A 89 -6.82 2.87 3.80
N ILE A 90 -6.11 3.18 2.72
CA ILE A 90 -4.90 2.46 2.36
C ILE A 90 -3.78 3.42 1.97
N LYS A 91 -2.54 3.04 2.29
CA LYS A 91 -1.39 3.86 1.96
C LYS A 91 -0.18 2.99 1.63
N VAL A 92 0.52 3.35 0.56
CA VAL A 92 1.70 2.60 0.13
C VAL A 92 2.97 3.22 0.68
N ARG A 93 3.85 2.37 1.23
CA ARG A 93 5.11 2.84 1.80
C ARG A 93 6.19 1.77 1.67
N PRO A 94 7.38 2.19 1.22
CA PRO A 94 8.53 1.28 1.05
C PRO A 94 9.08 0.78 2.38
N TYR A 95 9.92 -0.25 2.31
CA TYR A 95 10.53 -0.82 3.51
C TYR A 95 11.61 -1.82 3.15
N PHE A 96 12.70 -1.80 3.90
CA PHE A 96 13.82 -2.71 3.66
C PHE A 96 13.72 -3.93 4.57
N ASN A 97 14.06 -3.74 5.84
CA ASN A 97 14.03 -4.83 6.82
C ASN A 97 12.87 -4.64 7.79
N GLU A 98 13.00 -3.68 8.70
CA GLU A 98 11.96 -3.39 9.68
C GLU A 98 11.35 -2.02 9.44
N PHE A 99 12.20 -1.02 9.26
CA PHE A 99 11.73 0.34 9.03
C PHE A 99 10.96 0.44 7.71
N GLN A 100 10.26 1.55 7.54
CA GLN A 100 9.47 1.77 6.33
C GLN A 100 9.46 3.24 5.94
N GLY A 101 9.97 3.54 4.75
CA GLY A 101 10.01 4.91 4.28
C GLY A 101 8.69 5.64 4.52
N MET A 102 8.70 6.95 4.26
CA MET A 102 7.50 7.77 4.44
C MET A 102 6.31 7.15 3.72
N ASP A 103 5.14 7.22 4.36
CA ASP A 103 3.92 6.67 3.77
C ASP A 103 3.28 7.67 2.82
N SER A 104 2.66 7.15 1.75
CA SER A 104 2.02 8.00 0.76
C SER A 104 0.69 8.54 1.29
N GLU A 105 0.13 9.51 0.57
CA GLU A 105 -1.14 10.12 0.97
C GLU A 105 -2.24 9.06 1.06
N SER A 106 -2.56 8.65 2.28
CA SER A 106 -3.59 7.64 2.51
C SER A 106 -4.84 7.96 1.70
N LYS A 107 -5.25 7.02 0.86
CA LYS A 107 -6.44 7.20 0.02
C LYS A 107 -7.56 6.29 0.50
N THR A 108 -8.76 6.87 0.61
CA THR A 108 -9.92 6.12 1.06
C THR A 108 -10.69 5.53 -0.12
N VAL A 109 -10.91 4.22 -0.09
CA VAL A 109 -11.62 3.54 -1.16
C VAL A 109 -13.01 3.09 -0.70
N ARG A 110 -14.03 3.46 -1.47
CA ARG A 110 -15.40 3.11 -1.15
C ARG A 110 -15.86 1.88 -1.94
N THR A 111 -15.90 0.73 -1.27
CA THR A 111 -16.31 -0.51 -1.91
C THR A 111 -17.83 -0.55 -2.11
N THR A 112 -18.26 -0.35 -3.35
CA THR A 112 -19.68 -0.37 -3.66
C THR A 112 -20.38 -1.55 -2.99
N GLU A 113 -21.71 -1.54 -3.05
CA GLU A 113 -22.50 -2.61 -2.45
C GLU A 113 -22.93 -3.63 -3.50
N GLU A 114 -23.34 -3.13 -4.67
CA GLU A 114 -23.77 -4.00 -5.75
C GLU A 114 -22.60 -4.39 -6.64
N SER A 115 -22.35 -5.68 -6.76
CA SER A 115 -21.25 -6.18 -7.58
C SER A 115 -21.52 -5.93 -9.06
N GLY A 116 -20.52 -5.39 -9.74
CA GLY A 116 -20.66 -5.09 -11.16
C GLY A 116 -20.20 -6.25 -12.04
N PRO A 117 -20.30 -6.05 -13.36
CA PRO A 117 -19.89 -7.07 -14.34
C PRO A 117 -18.38 -7.28 -14.37
N SER A 118 -17.90 -8.24 -13.58
CA SER A 118 -16.47 -8.53 -13.52
C SER A 118 -16.14 -9.81 -14.26
N SER A 119 -14.94 -9.89 -14.82
CA SER A 119 -14.52 -11.06 -15.56
C SER A 119 -13.04 -11.37 -15.29
N GLY A 120 -12.76 -12.61 -14.89
CA GLY A 120 -11.39 -13.00 -14.61
C GLY A 120 -11.30 -13.97 -13.45
N GLY A 1 24.63 -8.99 -8.86
CA GLY A 1 24.83 -8.02 -7.81
C GLY A 1 24.19 -8.42 -6.51
N SER A 2 24.35 -9.69 -6.14
CA SER A 2 23.77 -10.21 -4.91
C SER A 2 23.98 -9.23 -3.75
N SER A 3 22.88 -8.66 -3.27
CA SER A 3 22.94 -7.70 -2.17
C SER A 3 23.32 -8.39 -0.87
N GLY A 4 24.44 -7.99 -0.30
CA GLY A 4 24.90 -8.58 0.95
C GLY A 4 25.15 -7.54 2.03
N SER A 5 26.41 -7.36 2.39
CA SER A 5 26.78 -6.39 3.42
C SER A 5 26.70 -4.97 2.88
N SER A 6 25.50 -4.39 2.90
CA SER A 6 25.29 -3.04 2.42
C SER A 6 24.06 -2.41 3.06
N GLY A 7 23.88 -1.11 2.84
CA GLY A 7 22.74 -0.41 3.41
C GLY A 7 23.15 0.78 4.24
N ARG A 8 24.00 1.63 3.69
CA ARG A 8 24.47 2.82 4.39
C ARG A 8 23.61 4.03 4.06
N GLN A 9 23.33 4.22 2.77
CA GLN A 9 22.51 5.34 2.32
C GLN A 9 21.03 5.01 2.42
N VAL A 10 20.71 3.97 3.17
CA VAL A 10 19.32 3.54 3.35
C VAL A 10 18.53 4.58 4.13
N GLN A 11 19.13 5.11 5.19
CA GLN A 11 18.48 6.11 6.03
C GLN A 11 18.36 7.44 5.29
N LYS A 12 19.06 7.55 4.15
CA LYS A 12 19.04 8.76 3.36
C LYS A 12 18.02 8.66 2.23
N GLU A 13 18.00 7.51 1.57
CA GLU A 13 17.06 7.28 0.47
C GLU A 13 15.66 7.01 1.00
N LEU A 14 15.56 6.11 1.97
CA LEU A 14 14.28 5.76 2.56
C LEU A 14 13.33 6.96 2.55
N GLY A 15 13.64 7.97 3.36
CA GLY A 15 12.82 9.15 3.43
C GLY A 15 12.73 9.88 2.11
N ASP A 16 13.89 10.18 1.52
CA ASP A 16 13.94 10.88 0.25
C ASP A 16 12.83 10.39 -0.69
N VAL A 17 12.90 9.11 -1.06
CA VAL A 17 11.90 8.52 -1.94
C VAL A 17 10.52 9.12 -1.70
N LEU A 18 9.95 9.69 -2.75
CA LEU A 18 8.62 10.31 -2.66
C LEU A 18 7.57 9.43 -3.34
N VAL A 19 7.13 8.39 -2.64
CA VAL A 19 6.13 7.48 -3.17
C VAL A 19 4.82 8.22 -3.47
N ARG A 20 4.26 7.94 -4.64
CA ARG A 20 3.01 8.58 -5.04
C ARG A 20 1.89 7.55 -5.18
N LEU A 21 0.92 7.62 -4.28
CA LEU A 21 -0.21 6.69 -4.29
C LEU A 21 -1.35 7.25 -5.13
N HIS A 22 -1.82 6.46 -6.09
CA HIS A 22 -2.92 6.87 -6.96
C HIS A 22 -4.25 6.36 -6.42
N ASN A 23 -5.34 6.93 -6.92
CA ASN A 23 -6.68 6.54 -6.49
C ASN A 23 -6.87 5.04 -6.64
N PRO A 24 -7.19 4.37 -5.51
CA PRO A 24 -7.41 2.92 -5.49
C PRO A 24 -8.69 2.52 -6.20
N VAL A 25 -8.56 2.08 -7.44
CA VAL A 25 -9.71 1.66 -8.25
C VAL A 25 -10.44 0.50 -7.58
N VAL A 26 -11.67 0.74 -7.15
CA VAL A 26 -12.47 -0.29 -6.50
C VAL A 26 -13.05 -1.26 -7.53
N LEU A 27 -12.37 -2.38 -7.72
CA LEU A 27 -12.82 -3.39 -8.68
C LEU A 27 -14.06 -4.11 -8.16
N THR A 28 -14.02 -4.53 -6.90
CA THR A 28 -15.15 -5.22 -6.29
C THR A 28 -15.28 -4.86 -4.81
N PRO A 29 -16.48 -5.08 -4.27
CA PRO A 29 -16.77 -4.77 -2.86
C PRO A 29 -16.05 -5.73 -1.90
N THR A 30 -15.25 -6.62 -2.47
CA THR A 30 -14.50 -7.59 -1.66
C THR A 30 -13.01 -7.50 -1.96
N THR A 31 -12.66 -6.81 -3.03
CA THR A 31 -11.27 -6.66 -3.43
C THR A 31 -11.04 -5.32 -4.13
N VAL A 32 -9.90 -4.69 -3.84
CA VAL A 32 -9.56 -3.41 -4.45
C VAL A 32 -8.13 -3.42 -5.00
N GLN A 33 -7.93 -2.76 -6.13
CA GLN A 33 -6.62 -2.69 -6.77
C GLN A 33 -5.85 -1.47 -6.27
N VAL A 34 -4.58 -1.69 -5.93
CA VAL A 34 -3.73 -0.61 -5.45
C VAL A 34 -2.55 -0.39 -6.37
N THR A 35 -2.27 0.87 -6.69
CA THR A 35 -1.16 1.23 -7.57
C THR A 35 -0.41 2.43 -7.05
N TRP A 36 0.90 2.44 -7.23
CA TRP A 36 1.74 3.54 -6.78
C TRP A 36 3.01 3.66 -7.64
N THR A 37 3.61 4.84 -7.64
CA THR A 37 4.82 5.07 -8.41
C THR A 37 5.82 5.91 -7.62
N VAL A 38 7.10 5.56 -7.74
CA VAL A 38 8.15 6.28 -7.03
C VAL A 38 9.08 6.98 -8.01
N ASP A 39 9.57 8.15 -7.63
CA ASP A 39 10.48 8.92 -8.48
C ASP A 39 11.83 8.24 -8.59
N ARG A 40 12.44 7.96 -7.45
CA ARG A 40 13.74 7.30 -7.41
C ARG A 40 13.66 5.95 -6.70
N GLN A 41 13.20 4.94 -7.42
CA GLN A 41 13.07 3.60 -6.84
C GLN A 41 14.36 3.18 -6.15
N PRO A 42 14.26 2.86 -4.85
CA PRO A 42 15.41 2.44 -4.05
C PRO A 42 15.91 1.05 -4.45
N GLN A 43 17.21 0.82 -4.25
CA GLN A 43 17.80 -0.47 -4.59
C GLN A 43 17.86 -1.39 -3.37
N PHE A 44 18.30 -0.83 -2.24
CA PHE A 44 18.40 -1.60 -1.01
C PHE A 44 17.04 -2.16 -0.60
N ILE A 45 15.99 -1.36 -0.79
CA ILE A 45 14.64 -1.77 -0.45
C ILE A 45 14.45 -3.27 -0.67
N GLN A 46 13.68 -3.91 0.21
CA GLN A 46 13.43 -5.34 0.13
C GLN A 46 12.07 -5.60 -0.51
N GLY A 47 11.12 -4.70 -0.26
CA GLY A 47 9.78 -4.85 -0.82
C GLY A 47 8.91 -3.65 -0.54
N TYR A 48 7.60 -3.88 -0.49
CA TYR A 48 6.64 -2.81 -0.24
C TYR A 48 5.48 -3.30 0.63
N ARG A 49 5.25 -2.60 1.73
CA ARG A 49 4.18 -2.96 2.65
C ARG A 49 2.91 -2.16 2.35
N VAL A 50 1.85 -2.86 1.98
CA VAL A 50 0.57 -2.22 1.67
C VAL A 50 -0.39 -2.32 2.85
N MET A 51 -0.50 -1.23 3.61
CA MET A 51 -1.40 -1.19 4.76
C MET A 51 -2.83 -0.94 4.33
N TYR A 52 -3.78 -1.42 5.13
CA TYR A 52 -5.20 -1.26 4.82
C TYR A 52 -6.06 -1.59 6.04
N ARG A 53 -7.21 -0.93 6.14
CA ARG A 53 -8.12 -1.16 7.26
C ARG A 53 -9.47 -0.50 6.98
N GLN A 54 -10.42 -0.71 7.89
CA GLN A 54 -11.75 -0.15 7.76
C GLN A 54 -11.85 1.19 8.47
N THR A 55 -12.52 2.15 7.83
CA THR A 55 -12.69 3.48 8.40
C THR A 55 -13.86 3.52 9.37
N SER A 56 -15.00 2.99 8.94
CA SER A 56 -16.20 2.97 9.76
C SER A 56 -16.72 1.55 9.92
N GLY A 57 -17.38 1.29 11.05
CA GLY A 57 -17.93 -0.02 11.30
C GLY A 57 -17.26 -0.71 12.49
N LEU A 58 -17.50 -2.01 12.63
CA LEU A 58 -16.91 -2.77 13.72
C LEU A 58 -15.39 -2.84 13.59
N GLN A 59 -14.93 -3.47 12.52
CA GLN A 59 -13.50 -3.61 12.26
C GLN A 59 -12.84 -2.24 12.12
N ALA A 60 -13.66 -1.19 12.04
CA ALA A 60 -13.16 0.17 11.90
C ALA A 60 -12.26 0.54 13.07
N THR A 61 -11.16 1.23 12.77
CA THR A 61 -10.22 1.66 13.80
C THR A 61 -10.00 0.56 14.83
N SER A 62 -10.00 -0.69 14.37
CA SER A 62 -9.80 -1.83 15.26
C SER A 62 -8.36 -2.31 15.22
N SER A 63 -7.86 -2.58 14.01
CA SER A 63 -6.50 -3.05 13.84
C SER A 63 -6.06 -2.94 12.38
N TRP A 64 -4.99 -2.20 12.15
CA TRP A 64 -4.47 -2.01 10.80
C TRP A 64 -3.87 -3.29 10.25
N GLN A 65 -3.97 -3.48 8.94
CA GLN A 65 -3.44 -4.68 8.30
C GLN A 65 -2.21 -4.35 7.46
N ASN A 66 -1.63 -5.37 6.85
CA ASN A 66 -0.44 -5.18 6.02
C ASN A 66 -0.29 -6.33 5.02
N LEU A 67 -0.02 -5.98 3.77
CA LEU A 67 0.16 -6.97 2.72
C LEU A 67 1.58 -6.96 2.18
N ASP A 68 2.41 -7.85 2.71
CA ASP A 68 3.81 -7.94 2.28
C ASP A 68 3.90 -8.42 0.84
N ALA A 69 4.25 -7.51 -0.06
CA ALA A 69 4.36 -7.83 -1.47
C ALA A 69 5.49 -8.85 -1.71
N LYS A 70 6.63 -8.60 -1.09
CA LYS A 70 7.78 -9.50 -1.23
C LYS A 70 8.37 -9.42 -2.64
N VAL A 71 8.28 -8.23 -3.25
CA VAL A 71 8.79 -8.03 -4.60
C VAL A 71 9.07 -6.55 -4.86
N PRO A 72 10.35 -6.18 -4.87
CA PRO A 72 10.78 -4.80 -5.10
C PRO A 72 10.55 -4.36 -6.54
N THR A 73 9.96 -5.25 -7.34
CA THR A 73 9.68 -4.95 -8.74
C THR A 73 8.18 -4.78 -8.98
N GLU A 74 7.39 -4.99 -7.93
CA GLU A 74 5.94 -4.86 -8.02
C GLU A 74 5.47 -3.54 -7.39
N ARG A 75 4.74 -2.75 -8.16
CA ARG A 75 4.23 -1.47 -7.67
C ARG A 75 2.71 -1.52 -7.51
N SER A 76 2.19 -2.72 -7.30
CA SER A 76 0.75 -2.90 -7.13
C SER A 76 0.45 -4.04 -6.16
N ALA A 77 -0.76 -4.06 -5.62
CA ALA A 77 -1.17 -5.10 -4.69
C ALA A 77 -2.68 -5.29 -4.71
N VAL A 78 -3.13 -6.49 -4.34
CA VAL A 78 -4.55 -6.80 -4.32
C VAL A 78 -5.01 -7.18 -2.91
N LEU A 79 -5.86 -6.34 -2.32
CA LEU A 79 -6.36 -6.58 -0.98
C LEU A 79 -7.70 -7.31 -1.02
N VAL A 80 -7.72 -8.55 -0.52
CA VAL A 80 -8.94 -9.34 -0.52
C VAL A 80 -9.55 -9.39 0.89
N ASN A 81 -10.72 -10.01 1.00
CA ASN A 81 -11.40 -10.13 2.28
C ASN A 81 -11.72 -8.75 2.85
N LEU A 82 -12.40 -7.93 2.06
CA LEU A 82 -12.78 -6.58 2.48
C LEU A 82 -14.27 -6.48 2.73
N LYS A 83 -14.66 -5.62 3.66
CA LYS A 83 -16.06 -5.42 4.00
C LYS A 83 -16.80 -4.71 2.86
N LYS A 84 -18.09 -4.98 2.74
CA LYS A 84 -18.91 -4.35 1.71
C LYS A 84 -19.68 -3.16 2.27
N GLY A 85 -19.64 -2.04 1.55
CA GLY A 85 -20.35 -0.86 1.98
C GLY A 85 -19.59 -0.09 3.06
N VAL A 86 -18.35 0.26 2.77
CA VAL A 86 -17.53 1.00 3.72
C VAL A 86 -16.23 1.49 3.07
N THR A 87 -15.71 2.60 3.57
CA THR A 87 -14.48 3.18 3.04
C THR A 87 -13.25 2.48 3.61
N TYR A 88 -12.20 2.37 2.80
CA TYR A 88 -10.97 1.72 3.23
C TYR A 88 -9.76 2.60 2.92
N GLU A 89 -8.96 2.88 3.95
CA GLU A 89 -7.77 3.70 3.79
C GLU A 89 -6.54 2.84 3.58
N ILE A 90 -5.82 3.10 2.48
CA ILE A 90 -4.62 2.36 2.16
C ILE A 90 -3.46 3.29 1.81
N LYS A 91 -2.26 2.89 2.21
CA LYS A 91 -1.07 3.70 1.94
C LYS A 91 0.17 2.81 1.78
N VAL A 92 1.03 3.16 0.83
CA VAL A 92 2.23 2.39 0.57
C VAL A 92 3.39 2.89 1.45
N ARG A 93 4.27 1.97 1.84
CA ARG A 93 5.41 2.32 2.67
C ARG A 93 6.61 1.44 2.33
N PRO A 94 7.61 2.05 1.68
CA PRO A 94 8.83 1.34 1.27
C PRO A 94 9.71 0.97 2.46
N TYR A 95 9.63 -0.29 2.88
CA TYR A 95 10.41 -0.77 4.01
C TYR A 95 11.56 -1.64 3.54
N PHE A 96 12.69 -1.56 4.25
CA PHE A 96 13.87 -2.34 3.89
C PHE A 96 13.97 -3.58 4.76
N ASN A 97 14.36 -3.40 6.02
CA ASN A 97 14.50 -4.52 6.95
C ASN A 97 13.40 -4.47 8.01
N GLU A 98 13.36 -3.39 8.77
CA GLU A 98 12.35 -3.23 9.81
C GLU A 98 11.72 -1.84 9.76
N PHE A 99 12.51 -0.86 9.35
CA PHE A 99 12.03 0.51 9.26
C PHE A 99 11.15 0.70 8.01
N GLN A 100 10.35 1.76 8.02
CA GLN A 100 9.47 2.05 6.89
C GLN A 100 9.67 3.48 6.39
N GLY A 101 9.58 3.65 5.08
CA GLY A 101 9.77 4.97 4.50
C GLY A 101 8.50 5.81 4.57
N MET A 102 8.66 7.12 4.44
CA MET A 102 7.53 8.04 4.50
C MET A 102 6.30 7.42 3.84
N ASP A 103 5.20 7.37 4.59
CA ASP A 103 3.95 6.81 4.09
C ASP A 103 3.36 7.68 2.97
N SER A 104 3.15 7.07 1.81
CA SER A 104 2.60 7.78 0.67
C SER A 104 1.24 8.40 1.01
N GLU A 105 0.76 9.28 0.14
CA GLU A 105 -0.54 9.93 0.34
C GLU A 105 -1.66 8.90 0.45
N SER A 106 -2.06 8.59 1.68
CA SER A 106 -3.12 7.62 1.92
C SER A 106 -4.35 7.94 1.07
N LYS A 107 -4.96 6.90 0.51
CA LYS A 107 -6.15 7.07 -0.32
C LYS A 107 -7.31 6.25 0.22
N THR A 108 -8.51 6.80 0.12
CA THR A 108 -9.71 6.12 0.60
C THR A 108 -10.48 5.48 -0.54
N VAL A 109 -10.86 4.22 -0.37
CA VAL A 109 -11.61 3.50 -1.39
C VAL A 109 -12.99 3.09 -0.89
N ARG A 110 -14.02 3.74 -1.41
CA ARG A 110 -15.39 3.44 -1.01
C ARG A 110 -15.90 2.18 -1.69
N THR A 111 -16.14 1.13 -0.90
CA THR A 111 -16.62 -0.13 -1.44
C THR A 111 -18.14 -0.14 -1.52
N THR A 112 -18.66 0.00 -2.74
CA THR A 112 -20.11 0.00 -2.96
C THR A 112 -20.78 -1.07 -2.12
N GLU A 113 -22.11 -0.94 -1.97
CA GLU A 113 -22.88 -1.90 -1.19
C GLU A 113 -23.59 -2.89 -2.10
N GLU A 114 -24.44 -2.39 -2.98
CA GLU A 114 -25.20 -3.24 -3.90
C GLU A 114 -24.41 -3.44 -5.20
N SER A 115 -24.21 -4.71 -5.57
CA SER A 115 -23.48 -5.04 -6.78
C SER A 115 -24.18 -4.49 -8.02
N GLY A 116 -23.71 -3.36 -8.51
CA GLY A 116 -24.31 -2.75 -9.69
C GLY A 116 -24.17 -1.25 -9.70
N PRO A 117 -22.93 -0.76 -9.88
CA PRO A 117 -22.63 0.68 -9.90
C PRO A 117 -23.17 1.34 -11.15
N SER A 118 -24.32 2.01 -11.02
CA SER A 118 -24.94 2.69 -12.15
C SER A 118 -25.00 1.79 -13.37
N SER A 119 -25.39 0.54 -13.15
CA SER A 119 -25.49 -0.44 -14.23
C SER A 119 -26.45 -1.57 -13.86
N GLY A 120 -27.09 -2.15 -14.87
CA GLY A 120 -28.02 -3.23 -14.63
C GLY A 120 -29.19 -3.21 -15.59
N GLY A 1 41.19 -5.38 -3.73
CA GLY A 1 39.82 -5.86 -3.81
C GLY A 1 38.80 -4.77 -3.52
N SER A 2 37.59 -5.17 -3.16
CA SER A 2 36.53 -4.23 -2.85
C SER A 2 36.22 -4.20 -1.36
N SER A 3 35.86 -3.03 -0.86
CA SER A 3 35.55 -2.87 0.56
C SER A 3 34.66 -1.66 0.79
N GLY A 4 34.00 -1.62 1.94
CA GLY A 4 33.11 -0.51 2.26
C GLY A 4 32.01 -0.91 3.23
N SER A 5 30.77 -0.71 2.81
CA SER A 5 29.62 -1.04 3.64
C SER A 5 28.31 -0.83 2.89
N SER A 6 27.56 -1.91 2.70
CA SER A 6 26.29 -1.84 1.98
C SER A 6 25.15 -1.49 2.93
N GLY A 7 24.07 -0.95 2.37
CA GLY A 7 22.93 -0.57 3.19
C GLY A 7 23.20 0.65 4.05
N ARG A 8 23.96 1.60 3.50
CA ARG A 8 24.29 2.82 4.23
C ARG A 8 23.30 3.93 3.90
N GLN A 9 23.00 4.09 2.62
CA GLN A 9 22.06 5.13 2.18
C GLN A 9 20.62 4.65 2.31
N VAL A 10 20.42 3.61 3.11
CA VAL A 10 19.09 3.04 3.32
C VAL A 10 18.19 4.01 4.08
N GLN A 11 18.74 4.61 5.14
CA GLN A 11 17.99 5.57 5.94
C GLN A 11 17.93 6.93 5.26
N LYS A 12 18.53 7.02 4.09
CA LYS A 12 18.55 8.27 3.34
C LYS A 12 17.65 8.18 2.10
N GLU A 13 18.03 7.29 1.17
CA GLU A 13 17.26 7.10 -0.04
C GLU A 13 15.84 6.61 0.27
N LEU A 14 15.70 5.94 1.40
CA LEU A 14 14.41 5.41 1.82
C LEU A 14 13.37 6.52 1.88
N GLY A 15 13.62 7.50 2.75
CA GLY A 15 12.69 8.61 2.90
C GLY A 15 12.82 9.63 1.78
N ASP A 16 14.06 10.00 1.47
CA ASP A 16 14.33 10.97 0.41
C ASP A 16 13.32 10.83 -0.72
N VAL A 17 13.26 9.65 -1.32
CA VAL A 17 12.34 9.38 -2.41
C VAL A 17 10.89 9.61 -1.98
N LEU A 18 10.04 9.98 -2.94
CA LEU A 18 8.64 10.23 -2.66
C LEU A 18 7.76 9.22 -3.37
N VAL A 19 6.87 8.57 -2.61
CA VAL A 19 5.97 7.59 -3.17
C VAL A 19 4.56 8.14 -3.32
N ARG A 20 4.02 8.05 -4.53
CA ARG A 20 2.67 8.55 -4.81
C ARG A 20 1.71 7.40 -5.12
N LEU A 21 0.83 7.09 -4.17
CA LEU A 21 -0.13 6.02 -4.34
C LEU A 21 -1.35 6.50 -5.11
N HIS A 22 -1.58 5.91 -6.28
CA HIS A 22 -2.73 6.27 -7.12
C HIS A 22 -4.03 5.79 -6.49
N ASN A 23 -5.08 6.61 -6.63
CA ASN A 23 -6.38 6.27 -6.08
C ASN A 23 -6.67 4.78 -6.22
N PRO A 24 -7.16 4.16 -5.14
CA PRO A 24 -7.48 2.73 -5.12
C PRO A 24 -8.70 2.41 -5.97
N VAL A 25 -8.46 2.05 -7.24
CA VAL A 25 -9.54 1.72 -8.16
C VAL A 25 -10.36 0.54 -7.64
N VAL A 26 -11.55 0.82 -7.14
CA VAL A 26 -12.43 -0.22 -6.62
C VAL A 26 -12.95 -1.11 -7.73
N LEU A 27 -12.21 -2.17 -8.04
CA LEU A 27 -12.60 -3.10 -9.09
C LEU A 27 -13.86 -3.87 -8.70
N THR A 28 -13.86 -4.39 -7.47
CA THR A 28 -15.01 -5.15 -6.97
C THR A 28 -15.27 -4.83 -5.51
N PRO A 29 -16.50 -5.13 -5.05
CA PRO A 29 -16.91 -4.88 -3.67
C PRO A 29 -16.20 -5.81 -2.68
N THR A 30 -15.46 -6.78 -3.21
CA THR A 30 -14.73 -7.73 -2.38
C THR A 30 -13.23 -7.64 -2.63
N THR A 31 -12.84 -6.81 -3.58
CA THR A 31 -11.43 -6.63 -3.92
C THR A 31 -11.17 -5.26 -4.51
N VAL A 32 -9.98 -4.72 -4.25
CA VAL A 32 -9.62 -3.40 -4.76
C VAL A 32 -8.16 -3.38 -5.22
N GLN A 33 -7.91 -2.73 -6.36
CA GLN A 33 -6.55 -2.64 -6.90
C GLN A 33 -5.78 -1.51 -6.23
N VAL A 34 -4.46 -1.64 -6.20
CA VAL A 34 -3.60 -0.63 -5.60
C VAL A 34 -2.35 -0.40 -6.42
N THR A 35 -2.06 0.87 -6.72
CA THR A 35 -0.89 1.21 -7.51
C THR A 35 -0.21 2.46 -6.96
N TRP A 36 1.11 2.52 -7.08
CA TRP A 36 1.88 3.66 -6.59
C TRP A 36 3.13 3.87 -7.43
N THR A 37 3.65 5.09 -7.42
CA THR A 37 4.85 5.42 -8.17
C THR A 37 5.93 6.01 -7.27
N VAL A 38 7.16 6.03 -7.77
CA VAL A 38 8.28 6.57 -7.01
C VAL A 38 9.27 7.30 -7.93
N ASP A 39 9.63 8.51 -7.54
CA ASP A 39 10.57 9.31 -8.33
C ASP A 39 11.91 8.60 -8.45
N ARG A 40 12.42 8.12 -7.31
CA ARG A 40 13.70 7.43 -7.29
C ARG A 40 13.58 6.08 -6.59
N GLN A 41 12.99 5.11 -7.29
CA GLN A 41 12.81 3.77 -6.74
C GLN A 41 14.08 3.29 -6.06
N PRO A 42 13.95 2.86 -4.79
CA PRO A 42 15.08 2.36 -4.01
C PRO A 42 15.59 1.01 -4.51
N GLN A 43 16.90 0.82 -4.41
CA GLN A 43 17.52 -0.43 -4.87
C GLN A 43 17.64 -1.42 -3.71
N PHE A 44 17.96 -0.91 -2.52
CA PHE A 44 18.11 -1.75 -1.34
C PHE A 44 16.75 -2.30 -0.89
N ILE A 45 15.73 -1.44 -0.94
CA ILE A 45 14.39 -1.83 -0.54
C ILE A 45 14.14 -3.31 -0.81
N GLN A 46 13.51 -3.99 0.15
CA GLN A 46 13.22 -5.40 0.01
C GLN A 46 11.83 -5.61 -0.60
N GLY A 47 10.98 -4.61 -0.48
CA GLY A 47 9.64 -4.70 -1.03
C GLY A 47 8.79 -3.48 -0.72
N TYR A 48 7.50 -3.70 -0.47
CA TYR A 48 6.59 -2.60 -0.16
C TYR A 48 5.48 -3.07 0.77
N ARG A 49 5.34 -2.39 1.90
CA ARG A 49 4.32 -2.73 2.88
C ARG A 49 3.05 -1.91 2.66
N VAL A 50 1.94 -2.60 2.39
CA VAL A 50 0.67 -1.92 2.16
C VAL A 50 -0.26 -2.08 3.36
N MET A 51 -0.42 -1.01 4.14
CA MET A 51 -1.29 -1.04 5.30
C MET A 51 -2.71 -0.63 4.93
N TYR A 52 -3.68 -1.39 5.42
CA TYR A 52 -5.09 -1.10 5.15
C TYR A 52 -5.96 -1.45 6.35
N ARG A 53 -7.11 -0.78 6.46
CA ARG A 53 -8.04 -1.03 7.55
C ARG A 53 -9.35 -0.29 7.33
N GLN A 54 -10.39 -0.70 8.05
CA GLN A 54 -11.69 -0.07 7.92
C GLN A 54 -11.71 1.31 8.58
N THR A 55 -12.50 2.22 8.01
CA THR A 55 -12.61 3.57 8.54
C THR A 55 -13.97 3.80 9.19
N SER A 56 -14.97 3.06 8.74
CA SER A 56 -16.32 3.19 9.28
C SER A 56 -16.91 1.82 9.58
N GLY A 57 -17.92 1.79 10.45
CA GLY A 57 -18.56 0.55 10.82
C GLY A 57 -18.19 0.10 12.23
N LEU A 58 -17.97 -1.20 12.39
CA LEU A 58 -17.61 -1.76 13.68
C LEU A 58 -16.12 -2.01 13.77
N GLN A 59 -15.55 -2.56 12.70
CA GLN A 59 -14.11 -2.85 12.66
C GLN A 59 -13.32 -1.61 12.23
N ALA A 60 -13.93 -0.44 12.40
CA ALA A 60 -13.28 0.81 12.05
C ALA A 60 -12.17 1.16 13.03
N THR A 61 -11.01 1.52 12.50
CA THR A 61 -9.86 1.88 13.34
C THR A 61 -9.74 0.94 14.54
N SER A 62 -10.15 -0.31 14.35
CA SER A 62 -10.09 -1.30 15.41
C SER A 62 -8.75 -2.05 15.40
N SER A 63 -8.18 -2.19 14.20
CA SER A 63 -6.91 -2.89 14.06
C SER A 63 -6.39 -2.75 12.62
N TRP A 64 -5.21 -2.17 12.49
CA TRP A 64 -4.59 -1.98 11.18
C TRP A 64 -4.04 -3.29 10.64
N GLN A 65 -3.89 -3.38 9.33
CA GLN A 65 -3.37 -4.59 8.69
C GLN A 65 -2.13 -4.26 7.86
N ASN A 66 -1.39 -5.30 7.49
CA ASN A 66 -0.18 -5.14 6.70
C ASN A 66 -0.08 -6.20 5.60
N LEU A 67 0.18 -5.75 4.38
CA LEU A 67 0.29 -6.66 3.25
C LEU A 67 1.65 -6.53 2.57
N ASP A 68 2.60 -7.37 2.98
CA ASP A 68 3.94 -7.35 2.42
C ASP A 68 3.94 -7.93 1.01
N ALA A 69 4.17 -7.08 0.01
CA ALA A 69 4.20 -7.52 -1.38
C ALA A 69 5.32 -8.53 -1.61
N LYS A 70 6.34 -8.49 -0.75
CA LYS A 70 7.47 -9.41 -0.86
C LYS A 70 8.07 -9.37 -2.27
N VAL A 71 8.06 -8.18 -2.87
CA VAL A 71 8.60 -8.01 -4.21
C VAL A 71 8.95 -6.55 -4.48
N PRO A 72 10.26 -6.25 -4.58
CA PRO A 72 10.76 -4.90 -4.83
C PRO A 72 10.44 -4.42 -6.24
N THR A 73 10.28 -5.38 -7.15
CA THR A 73 9.98 -5.05 -8.55
C THR A 73 8.49 -4.77 -8.74
N GLU A 74 7.69 -5.15 -7.75
CA GLU A 74 6.25 -4.94 -7.81
C GLU A 74 5.88 -3.56 -7.27
N ARG A 75 5.15 -2.80 -8.07
CA ARG A 75 4.72 -1.46 -7.69
C ARG A 75 3.20 -1.38 -7.56
N SER A 76 2.57 -2.52 -7.37
CA SER A 76 1.12 -2.59 -7.24
C SER A 76 0.70 -3.77 -6.36
N ALA A 77 -0.54 -3.75 -5.90
CA ALA A 77 -1.06 -4.82 -5.06
C ALA A 77 -2.59 -4.85 -5.10
N VAL A 78 -3.15 -6.01 -4.79
CA VAL A 78 -4.61 -6.17 -4.79
C VAL A 78 -5.10 -6.71 -3.45
N LEU A 79 -5.84 -5.88 -2.72
CA LEU A 79 -6.37 -6.27 -1.43
C LEU A 79 -7.68 -7.05 -1.58
N VAL A 80 -7.65 -8.32 -1.21
CA VAL A 80 -8.84 -9.17 -1.30
C VAL A 80 -9.49 -9.35 0.06
N ASN A 81 -10.59 -10.11 0.09
CA ASN A 81 -11.30 -10.36 1.32
C ASN A 81 -11.74 -9.06 1.98
N LEU A 82 -12.43 -8.22 1.22
CA LEU A 82 -12.91 -6.93 1.72
C LEU A 82 -14.42 -6.93 1.83
N LYS A 83 -14.93 -6.12 2.76
CA LYS A 83 -16.37 -6.02 2.97
C LYS A 83 -17.04 -5.23 1.85
N LYS A 84 -18.36 -5.21 1.84
CA LYS A 84 -19.12 -4.50 0.83
C LYS A 84 -19.92 -3.36 1.44
N GLY A 85 -19.79 -2.16 0.86
CA GLY A 85 -20.50 -1.00 1.37
C GLY A 85 -19.78 -0.33 2.52
N VAL A 86 -18.52 0.01 2.31
CA VAL A 86 -17.70 0.65 3.33
C VAL A 86 -16.42 1.21 2.75
N THR A 87 -15.89 2.25 3.39
CA THR A 87 -14.65 2.88 2.93
C THR A 87 -13.44 2.24 3.58
N TYR A 88 -12.32 2.23 2.85
CA TYR A 88 -11.09 1.63 3.36
C TYR A 88 -9.90 2.54 3.08
N GLU A 89 -9.08 2.77 4.11
CA GLU A 89 -7.91 3.63 3.98
C GLU A 89 -6.65 2.79 3.80
N ILE A 90 -5.86 3.12 2.77
CA ILE A 90 -4.62 2.39 2.49
C ILE A 90 -3.51 3.36 2.08
N LYS A 91 -2.28 3.02 2.45
CA LYS A 91 -1.13 3.84 2.12
C LYS A 91 0.10 2.97 1.85
N VAL A 92 0.79 3.26 0.75
CA VAL A 92 1.98 2.51 0.38
C VAL A 92 3.22 3.05 1.09
N ARG A 93 3.93 2.17 1.78
CA ARG A 93 5.12 2.55 2.51
C ARG A 93 6.25 1.55 2.29
N PRO A 94 7.39 2.03 1.77
CA PRO A 94 8.55 1.20 1.49
C PRO A 94 9.24 0.71 2.76
N TYR A 95 9.92 -0.42 2.67
CA TYR A 95 10.62 -0.99 3.81
C TYR A 95 11.73 -1.94 3.36
N PHE A 96 12.82 -1.96 4.12
CA PHE A 96 13.95 -2.82 3.80
C PHE A 96 14.00 -4.02 4.72
N ASN A 97 14.43 -3.80 5.96
CA ASN A 97 14.53 -4.87 6.95
C ASN A 97 13.35 -4.81 7.92
N GLU A 98 13.25 -3.71 8.66
CA GLU A 98 12.19 -3.54 9.63
C GLU A 98 11.56 -2.15 9.51
N PHE A 99 12.40 -1.13 9.47
CA PHE A 99 11.93 0.24 9.34
C PHE A 99 10.97 0.39 8.16
N GLN A 100 10.46 1.60 7.97
CA GLN A 100 9.53 1.87 6.88
C GLN A 100 9.63 3.33 6.43
N GLY A 101 9.98 3.53 5.17
CA GLY A 101 10.12 4.87 4.64
C GLY A 101 8.86 5.69 4.83
N MET A 102 8.80 6.85 4.19
CA MET A 102 7.65 7.74 4.30
C MET A 102 6.42 7.10 3.66
N ASP A 103 5.25 7.41 4.22
CA ASP A 103 3.99 6.86 3.72
C ASP A 103 3.33 7.84 2.75
N SER A 104 2.90 7.34 1.59
CA SER A 104 2.25 8.17 0.58
C SER A 104 0.91 8.69 1.10
N GLU A 105 0.25 9.50 0.27
CA GLU A 105 -1.04 10.07 0.65
C GLU A 105 -2.08 8.99 0.84
N SER A 106 -2.59 8.86 2.07
CA SER A 106 -3.59 7.86 2.39
C SER A 106 -4.83 8.04 1.52
N LYS A 107 -5.08 7.07 0.65
CA LYS A 107 -6.23 7.12 -0.24
C LYS A 107 -7.36 6.23 0.29
N THR A 108 -8.59 6.69 0.13
CA THR A 108 -9.76 5.93 0.59
C THR A 108 -10.44 5.23 -0.58
N VAL A 109 -10.85 3.98 -0.36
CA VAL A 109 -11.52 3.20 -1.39
C VAL A 109 -12.92 2.79 -0.95
N ARG A 110 -13.93 3.37 -1.58
CA ARG A 110 -15.32 3.06 -1.24
C ARG A 110 -15.80 1.83 -2.00
N THR A 111 -16.12 0.77 -1.26
CA THR A 111 -16.59 -0.47 -1.85
C THR A 111 -18.10 -0.44 -2.08
N THR A 112 -18.50 -0.25 -3.32
CA THR A 112 -19.91 -0.19 -3.68
C THR A 112 -20.65 -1.41 -3.15
N GLU A 113 -21.97 -1.43 -3.34
CA GLU A 113 -22.80 -2.54 -2.87
C GLU A 113 -23.60 -3.14 -4.02
N GLU A 114 -24.31 -2.28 -4.75
CA GLU A 114 -25.13 -2.71 -5.87
C GLU A 114 -24.76 -1.96 -7.14
N SER A 115 -23.46 -1.73 -7.33
CA SER A 115 -22.97 -1.02 -8.51
C SER A 115 -21.59 -1.51 -8.90
N GLY A 116 -21.07 -0.99 -10.00
CA GLY A 116 -19.75 -1.38 -10.47
C GLY A 116 -19.75 -1.79 -11.93
N PRO A 117 -18.94 -1.10 -12.75
CA PRO A 117 -18.84 -1.38 -14.19
C PRO A 117 -18.15 -2.72 -14.46
N SER A 118 -18.64 -3.43 -15.47
CA SER A 118 -18.07 -4.72 -15.83
C SER A 118 -17.25 -4.60 -17.12
N SER A 119 -15.94 -4.41 -16.96
CA SER A 119 -15.04 -4.29 -18.10
C SER A 119 -14.84 -5.63 -18.79
N GLY A 120 -14.46 -5.59 -20.07
CA GLY A 120 -14.24 -6.82 -20.82
C GLY A 120 -13.43 -7.83 -20.04
N GLY A 1 23.19 -8.48 11.88
CA GLY A 1 23.87 -8.01 10.68
C GLY A 1 25.32 -8.41 10.63
N SER A 2 25.68 -9.18 9.61
CA SER A 2 27.06 -9.64 9.45
C SER A 2 27.56 -9.40 8.03
N SER A 3 28.77 -9.86 7.75
CA SER A 3 29.36 -9.69 6.43
C SER A 3 29.24 -8.24 5.96
N GLY A 4 29.58 -7.31 6.85
CA GLY A 4 29.51 -5.90 6.51
C GLY A 4 28.13 -5.32 6.77
N SER A 5 28.09 -4.01 7.04
CA SER A 5 26.83 -3.33 7.32
C SER A 5 25.92 -3.33 6.10
N SER A 6 26.48 -2.96 4.96
CA SER A 6 25.73 -2.92 3.71
C SER A 6 24.41 -2.15 3.89
N GLY A 7 24.49 -1.03 4.59
CA GLY A 7 23.31 -0.23 4.83
C GLY A 7 23.63 1.21 5.17
N ARG A 8 24.15 1.95 4.20
CA ARG A 8 24.52 3.34 4.40
C ARG A 8 23.49 4.27 3.74
N GLN A 9 23.02 3.89 2.56
CA GLN A 9 22.04 4.68 1.83
C GLN A 9 20.64 4.47 2.41
N VAL A 10 20.53 3.60 3.40
CA VAL A 10 19.25 3.32 4.03
C VAL A 10 18.59 4.60 4.53
N GLN A 11 19.20 5.22 5.54
CA GLN A 11 18.67 6.45 6.12
C GLN A 11 19.09 7.65 5.29
N LYS A 12 19.51 7.40 4.05
CA LYS A 12 19.94 8.46 3.15
C LYS A 12 19.10 8.49 1.88
N GLU A 13 18.38 7.39 1.64
CA GLU A 13 17.53 7.28 0.45
C GLU A 13 16.08 7.06 0.85
N LEU A 14 15.86 6.20 1.83
CA LEU A 14 14.52 5.89 2.31
C LEU A 14 13.61 7.12 2.20
N GLY A 15 13.82 8.08 3.10
CA GLY A 15 13.02 9.29 3.08
C GLY A 15 13.06 10.01 1.75
N ASP A 16 14.27 10.22 1.24
CA ASP A 16 14.45 10.91 -0.03
C ASP A 16 13.40 10.45 -1.05
N VAL A 17 13.40 9.16 -1.35
CA VAL A 17 12.45 8.59 -2.30
C VAL A 17 11.09 9.27 -2.18
N LEU A 18 10.46 9.51 -3.32
CA LEU A 18 9.15 10.16 -3.36
C LEU A 18 8.08 9.20 -3.88
N VAL A 19 7.40 8.53 -2.97
CA VAL A 19 6.35 7.59 -3.34
C VAL A 19 4.98 8.26 -3.36
N ARG A 20 4.19 7.97 -4.39
CA ARG A 20 2.86 8.55 -4.52
C ARG A 20 1.80 7.46 -4.65
N LEU A 21 0.64 7.69 -4.04
CA LEU A 21 -0.45 6.73 -4.08
C LEU A 21 -1.64 7.29 -4.85
N HIS A 22 -2.01 6.63 -5.94
CA HIS A 22 -3.13 7.05 -6.76
C HIS A 22 -4.43 6.43 -6.27
N ASN A 23 -5.55 7.03 -6.66
CA ASN A 23 -6.86 6.54 -6.26
C ASN A 23 -6.96 5.03 -6.43
N PRO A 24 -7.32 4.33 -5.35
CA PRO A 24 -7.46 2.87 -5.35
C PRO A 24 -8.65 2.40 -6.19
N VAL A 25 -8.42 2.21 -7.48
CA VAL A 25 -9.47 1.76 -8.40
C VAL A 25 -10.17 0.53 -7.84
N VAL A 26 -11.40 0.73 -7.34
CA VAL A 26 -12.18 -0.36 -6.77
C VAL A 26 -12.71 -1.27 -7.88
N LEU A 27 -12.26 -2.52 -7.87
CA LEU A 27 -12.69 -3.49 -8.88
C LEU A 27 -13.92 -4.26 -8.38
N THR A 28 -13.87 -4.70 -7.13
CA THR A 28 -14.98 -5.45 -6.55
C THR A 28 -15.20 -5.06 -5.09
N PRO A 29 -16.40 -5.37 -4.57
CA PRO A 29 -16.75 -5.06 -3.18
C PRO A 29 -15.99 -5.92 -2.18
N THR A 30 -15.22 -6.87 -2.69
CA THR A 30 -14.43 -7.76 -1.83
C THR A 30 -12.94 -7.65 -2.17
N THR A 31 -12.63 -7.02 -3.29
CA THR A 31 -11.24 -6.86 -3.71
C THR A 31 -11.03 -5.50 -4.38
N VAL A 32 -9.88 -4.89 -4.10
CA VAL A 32 -9.55 -3.59 -4.66
C VAL A 32 -8.10 -3.55 -5.15
N GLN A 33 -7.87 -2.82 -6.24
CA GLN A 33 -6.54 -2.70 -6.81
C GLN A 33 -5.85 -1.43 -6.32
N VAL A 34 -4.64 -1.58 -5.80
CA VAL A 34 -3.88 -0.44 -5.30
C VAL A 34 -2.58 -0.25 -6.10
N THR A 35 -2.42 0.94 -6.67
CA THR A 35 -1.22 1.24 -7.45
C THR A 35 -0.49 2.45 -6.88
N TRP A 36 0.83 2.47 -7.09
CA TRP A 36 1.65 3.58 -6.59
C TRP A 36 2.91 3.73 -7.44
N THR A 37 3.22 4.97 -7.78
CA THR A 37 4.41 5.26 -8.60
C THR A 37 5.57 5.71 -7.73
N VAL A 38 6.77 5.28 -8.09
CA VAL A 38 7.97 5.63 -7.34
C VAL A 38 8.98 6.35 -8.24
N ASP A 39 9.31 7.58 -7.88
CA ASP A 39 10.27 8.37 -8.65
C ASP A 39 11.69 7.85 -8.46
N ARG A 40 12.01 7.48 -7.23
CA ARG A 40 13.33 6.95 -6.91
C ARG A 40 13.24 5.55 -6.32
N GLN A 41 13.16 4.55 -7.20
CA GLN A 41 13.07 3.17 -6.77
C GLN A 41 14.26 2.78 -5.89
N PRO A 42 13.99 2.56 -4.59
CA PRO A 42 15.03 2.19 -3.63
C PRO A 42 15.56 0.77 -3.87
N GLN A 43 16.87 0.61 -3.73
CA GLN A 43 17.50 -0.69 -3.93
C GLN A 43 17.55 -1.48 -2.62
N PHE A 44 18.00 -0.83 -1.56
CA PHE A 44 18.09 -1.47 -0.25
C PHE A 44 16.74 -2.02 0.18
N ILE A 45 15.67 -1.38 -0.26
CA ILE A 45 14.32 -1.80 0.09
C ILE A 45 14.17 -3.31 -0.07
N GLN A 46 13.27 -3.89 0.72
CA GLN A 46 13.03 -5.33 0.68
C GLN A 46 11.67 -5.63 0.05
N GLY A 47 10.76 -4.66 0.12
CA GLY A 47 9.43 -4.85 -0.44
C GLY A 47 8.53 -3.65 -0.20
N TYR A 48 7.23 -3.88 -0.20
CA TYR A 48 6.25 -2.82 0.01
C TYR A 48 5.11 -3.29 0.90
N ARG A 49 4.98 -2.65 2.06
CA ARG A 49 3.93 -3.01 3.01
C ARG A 49 2.69 -2.16 2.79
N VAL A 50 1.68 -2.74 2.14
CA VAL A 50 0.43 -2.04 1.86
C VAL A 50 -0.53 -2.14 3.04
N MET A 51 -0.42 -1.20 3.97
CA MET A 51 -1.28 -1.18 5.14
C MET A 51 -2.69 -0.74 4.77
N TYR A 52 -3.69 -1.34 5.42
CA TYR A 52 -5.08 -1.01 5.15
C TYR A 52 -5.97 -1.42 6.33
N ARG A 53 -7.10 -0.73 6.47
CA ARG A 53 -8.03 -1.02 7.55
C ARG A 53 -9.39 -0.35 7.29
N GLN A 54 -10.42 -0.83 7.98
CA GLN A 54 -11.76 -0.29 7.81
C GLN A 54 -11.89 1.05 8.54
N THR A 55 -12.67 1.95 7.95
CA THR A 55 -12.88 3.27 8.54
C THR A 55 -14.22 3.34 9.25
N SER A 56 -15.25 2.75 8.66
CA SER A 56 -16.59 2.75 9.25
C SER A 56 -17.11 1.34 9.41
N GLY A 57 -18.00 1.15 10.38
CA GLY A 57 -18.57 -0.17 10.62
C GLY A 57 -18.17 -0.74 11.96
N LEU A 58 -17.91 -2.03 12.00
CA LEU A 58 -17.52 -2.71 13.25
C LEU A 58 -16.01 -2.85 13.32
N GLN A 59 -15.40 -3.33 12.24
CA GLN A 59 -13.96 -3.51 12.19
C GLN A 59 -13.26 -2.22 11.81
N ALA A 60 -13.82 -1.10 12.23
CA ALA A 60 -13.25 0.21 11.94
C ALA A 60 -12.23 0.61 12.99
N THR A 61 -11.11 1.18 12.55
CA THR A 61 -10.06 1.61 13.46
C THR A 61 -9.85 0.60 14.58
N SER A 62 -10.16 -0.66 14.30
CA SER A 62 -10.01 -1.72 15.28
C SER A 62 -8.59 -2.30 15.24
N SER A 63 -8.17 -2.73 14.05
CA SER A 63 -6.85 -3.31 13.88
C SER A 63 -6.33 -3.09 12.46
N TRP A 64 -5.15 -2.49 12.35
CA TRP A 64 -4.55 -2.23 11.05
C TRP A 64 -3.99 -3.50 10.44
N GLN A 65 -4.09 -3.61 9.11
CA GLN A 65 -3.59 -4.79 8.42
C GLN A 65 -2.44 -4.42 7.48
N ASN A 66 -1.86 -5.42 6.83
CA ASN A 66 -0.75 -5.19 5.91
C ASN A 66 -0.60 -6.37 4.95
N LEU A 67 -0.31 -6.06 3.69
CA LEU A 67 -0.12 -7.08 2.66
C LEU A 67 1.30 -7.09 2.14
N ASP A 68 2.13 -7.97 2.68
CA ASP A 68 3.52 -8.07 2.26
C ASP A 68 3.62 -8.51 0.80
N ALA A 69 3.84 -7.55 -0.09
CA ALA A 69 3.96 -7.83 -1.51
C ALA A 69 5.07 -8.82 -1.79
N LYS A 70 6.12 -8.78 -0.97
CA LYS A 70 7.26 -9.67 -1.12
C LYS A 70 7.97 -9.43 -2.45
N VAL A 71 7.82 -8.21 -2.99
CA VAL A 71 8.45 -7.86 -4.25
C VAL A 71 8.75 -6.36 -4.31
N PRO A 72 10.04 -6.02 -4.17
CA PRO A 72 10.49 -4.63 -4.20
C PRO A 72 10.39 -4.02 -5.60
N THR A 73 10.25 -4.87 -6.60
CA THR A 73 10.14 -4.43 -7.99
C THR A 73 8.69 -4.17 -8.37
N GLU A 74 7.77 -4.65 -7.53
CA GLU A 74 6.34 -4.47 -7.78
C GLU A 74 5.82 -3.23 -7.08
N ARG A 75 4.82 -2.58 -7.68
CA ARG A 75 4.23 -1.38 -7.10
C ARG A 75 2.71 -1.50 -7.03
N SER A 76 2.19 -2.65 -7.46
CA SER A 76 0.76 -2.90 -7.45
C SER A 76 0.41 -4.10 -6.58
N ALA A 77 -0.74 -4.03 -5.92
CA ALA A 77 -1.19 -5.11 -5.06
C ALA A 77 -2.70 -5.31 -5.15
N VAL A 78 -3.20 -6.39 -4.55
CA VAL A 78 -4.62 -6.69 -4.57
C VAL A 78 -5.12 -7.09 -3.18
N LEU A 79 -5.85 -6.20 -2.54
CA LEU A 79 -6.38 -6.46 -1.21
C LEU A 79 -7.70 -7.24 -1.29
N VAL A 80 -7.66 -8.50 -0.84
CA VAL A 80 -8.84 -9.34 -0.86
C VAL A 80 -9.47 -9.44 0.52
N ASN A 81 -10.61 -10.14 0.60
CA ASN A 81 -11.30 -10.31 1.86
C ASN A 81 -11.67 -8.96 2.46
N LEU A 82 -12.27 -8.09 1.65
CA LEU A 82 -12.68 -6.76 2.09
C LEU A 82 -14.18 -6.69 2.30
N LYS A 83 -14.62 -5.73 3.10
CA LYS A 83 -16.04 -5.55 3.38
C LYS A 83 -16.74 -4.84 2.23
N LYS A 84 -18.03 -5.14 2.04
CA LYS A 84 -18.81 -4.54 0.97
C LYS A 84 -19.62 -3.36 1.50
N GLY A 85 -19.64 -2.26 0.74
CA GLY A 85 -20.38 -1.09 1.14
C GLY A 85 -19.73 -0.35 2.29
N VAL A 86 -18.44 -0.09 2.16
CA VAL A 86 -17.69 0.62 3.21
C VAL A 86 -16.38 1.16 2.66
N THR A 87 -15.89 2.24 3.27
CA THR A 87 -14.64 2.86 2.85
C THR A 87 -13.44 2.15 3.46
N TYR A 88 -12.26 2.39 2.91
CA TYR A 88 -11.04 1.77 3.40
C TYR A 88 -9.83 2.67 3.14
N GLU A 89 -9.02 2.88 4.17
CA GLU A 89 -7.83 3.71 4.06
C GLU A 89 -6.58 2.86 3.84
N ILE A 90 -5.77 3.24 2.87
CA ILE A 90 -4.55 2.52 2.56
C ILE A 90 -3.43 3.47 2.14
N LYS A 91 -2.21 3.14 2.53
CA LYS A 91 -1.05 3.97 2.19
C LYS A 91 0.18 3.10 1.92
N VAL A 92 0.98 3.49 0.94
CA VAL A 92 2.19 2.76 0.59
C VAL A 92 3.41 3.36 1.27
N ARG A 93 4.19 2.51 1.92
CA ARG A 93 5.40 2.96 2.61
C ARG A 93 6.57 2.02 2.32
N PRO A 94 7.64 2.56 1.74
CA PRO A 94 8.84 1.79 1.40
C PRO A 94 9.62 1.36 2.63
N TYR A 95 9.57 0.08 2.95
CA TYR A 95 10.27 -0.46 4.11
C TYR A 95 11.41 -1.38 3.67
N PHE A 96 12.46 -1.43 4.49
CA PHE A 96 13.61 -2.26 4.20
C PHE A 96 13.69 -3.44 5.16
N ASN A 97 13.84 -3.15 6.44
CA ASN A 97 13.92 -4.19 7.47
C ASN A 97 12.81 -4.02 8.50
N GLU A 98 12.88 -2.95 9.27
CA GLU A 98 11.87 -2.68 10.29
C GLU A 98 11.30 -1.27 10.15
N PHE A 99 12.16 -0.33 9.76
CA PHE A 99 11.74 1.05 9.57
C PHE A 99 10.87 1.20 8.32
N GLN A 100 10.12 2.29 8.26
CA GLN A 100 9.24 2.55 7.12
C GLN A 100 9.45 3.96 6.59
N GLY A 101 9.73 4.06 5.29
CA GLY A 101 9.96 5.35 4.67
C GLY A 101 8.72 6.24 4.72
N MET A 102 8.88 7.49 4.30
CA MET A 102 7.77 8.44 4.30
C MET A 102 6.51 7.80 3.68
N ASP A 103 5.50 7.58 4.51
CA ASP A 103 4.25 6.99 4.04
C ASP A 103 3.57 7.90 3.01
N SER A 104 3.27 7.35 1.85
CA SER A 104 2.62 8.11 0.78
C SER A 104 1.24 8.55 1.21
N GLU A 105 0.62 9.41 0.39
CA GLU A 105 -0.71 9.92 0.69
C GLU A 105 -1.71 8.77 0.87
N SER A 106 -2.44 8.81 1.97
CA SER A 106 -3.43 7.77 2.25
C SER A 106 -4.72 8.02 1.47
N LYS A 107 -5.06 7.07 0.60
CA LYS A 107 -6.26 7.18 -0.22
C LYS A 107 -7.38 6.30 0.35
N THR A 108 -8.62 6.75 0.19
CA THR A 108 -9.77 6.01 0.67
C THR A 108 -10.53 5.34 -0.47
N VAL A 109 -10.84 4.06 -0.31
CA VAL A 109 -11.56 3.31 -1.33
C VAL A 109 -12.96 2.94 -0.85
N ARG A 110 -13.97 3.39 -1.59
CA ARG A 110 -15.35 3.11 -1.24
C ARG A 110 -15.86 1.87 -1.98
N THR A 111 -15.96 0.76 -1.27
CA THR A 111 -16.43 -0.49 -1.85
C THR A 111 -17.94 -0.46 -2.08
N THR A 112 -18.34 -0.33 -3.34
CA THR A 112 -19.76 -0.28 -3.70
C THR A 112 -20.53 -1.35 -2.95
N GLU A 113 -21.86 -1.24 -3.00
CA GLU A 113 -22.73 -2.20 -2.32
C GLU A 113 -23.17 -3.30 -3.28
N GLU A 114 -23.47 -2.91 -4.51
CA GLU A 114 -23.92 -3.85 -5.54
C GLU A 114 -25.09 -4.70 -5.04
N SER A 115 -26.10 -4.03 -4.50
CA SER A 115 -27.28 -4.70 -3.97
C SER A 115 -28.55 -3.92 -4.29
N GLY A 116 -29.60 -4.63 -4.67
CA GLY A 116 -30.86 -3.98 -4.99
C GLY A 116 -31.03 -3.76 -6.48
N PRO A 117 -32.30 -3.76 -6.95
CA PRO A 117 -32.62 -3.57 -8.36
C PRO A 117 -32.35 -2.14 -8.82
N SER A 118 -32.30 -1.22 -7.88
CA SER A 118 -32.05 0.19 -8.18
C SER A 118 -30.60 0.41 -8.58
N SER A 119 -30.39 1.01 -9.74
CA SER A 119 -29.05 1.28 -10.23
C SER A 119 -29.05 2.44 -11.22
N GLY A 120 -28.15 3.40 -11.00
CA GLY A 120 -28.05 4.56 -11.87
C GLY A 120 -27.29 4.26 -13.14
N GLY A 1 33.57 -4.71 -13.91
CA GLY A 1 33.86 -4.83 -12.49
C GLY A 1 32.90 -4.03 -11.63
N SER A 2 32.54 -4.59 -10.48
CA SER A 2 31.61 -3.92 -9.56
C SER A 2 31.73 -4.51 -8.16
N SER A 3 31.86 -3.63 -7.17
CA SER A 3 31.97 -4.06 -5.78
C SER A 3 30.60 -4.31 -5.17
N GLY A 4 29.69 -3.36 -5.37
CA GLY A 4 28.35 -3.49 -4.84
C GLY A 4 28.23 -2.97 -3.42
N SER A 5 28.55 -1.69 -3.23
CA SER A 5 28.49 -1.07 -1.91
C SER A 5 27.14 -0.39 -1.69
N SER A 6 26.17 -1.17 -1.22
CA SER A 6 24.83 -0.65 -0.97
C SER A 6 24.33 -1.08 0.41
N GLY A 7 23.25 -0.44 0.87
CA GLY A 7 22.69 -0.77 2.17
C GLY A 7 22.91 0.32 3.19
N ARG A 8 24.06 0.98 3.12
CA ARG A 8 24.39 2.05 4.05
C ARG A 8 23.59 3.31 3.73
N GLN A 9 23.30 3.51 2.46
CA GLN A 9 22.54 4.68 2.02
C GLN A 9 21.04 4.44 2.17
N VAL A 10 20.68 3.45 2.99
CA VAL A 10 19.28 3.12 3.22
C VAL A 10 18.57 4.26 3.95
N GLN A 11 19.15 4.69 5.07
CA GLN A 11 18.56 5.77 5.86
C GLN A 11 18.55 7.07 5.07
N LYS A 12 19.20 7.06 3.91
CA LYS A 12 19.27 8.25 3.06
C LYS A 12 18.23 8.18 1.95
N GLU A 13 18.21 7.07 1.23
CA GLU A 13 17.26 6.89 0.14
C GLU A 13 15.85 6.66 0.68
N LEU A 14 15.72 5.75 1.63
CA LEU A 14 14.43 5.45 2.23
C LEU A 14 13.54 6.69 2.27
N GLY A 15 13.84 7.59 3.19
CA GLY A 15 13.06 8.81 3.31
C GLY A 15 12.93 9.55 1.99
N ASP A 16 14.03 9.61 1.24
CA ASP A 16 14.04 10.30 -0.04
C ASP A 16 12.91 9.80 -0.93
N VAL A 17 12.91 8.50 -1.22
CA VAL A 17 11.88 7.91 -2.06
C VAL A 17 10.53 8.59 -1.85
N LEU A 18 9.97 9.11 -2.94
CA LEU A 18 8.68 9.80 -2.88
C LEU A 18 7.60 8.98 -3.58
N VAL A 19 6.74 8.35 -2.81
CA VAL A 19 5.66 7.54 -3.35
C VAL A 19 4.46 8.40 -3.72
N ARG A 20 3.88 8.13 -4.88
CA ARG A 20 2.72 8.88 -5.35
C ARG A 20 1.50 7.98 -5.50
N LEU A 21 0.66 7.96 -4.47
CA LEU A 21 -0.54 7.13 -4.49
C LEU A 21 -1.63 7.77 -5.35
N HIS A 22 -1.77 7.27 -6.58
CA HIS A 22 -2.77 7.78 -7.50
C HIS A 22 -4.17 7.62 -6.92
N ASN A 23 -4.68 6.39 -6.94
CA ASN A 23 -6.00 6.10 -6.42
C ASN A 23 -6.29 4.61 -6.44
N PRO A 24 -6.85 4.09 -5.34
CA PRO A 24 -7.18 2.66 -5.21
C PRO A 24 -8.34 2.26 -6.11
N VAL A 25 -8.04 1.97 -7.37
CA VAL A 25 -9.06 1.57 -8.33
C VAL A 25 -9.82 0.34 -7.84
N VAL A 26 -11.06 0.55 -7.42
CA VAL A 26 -11.90 -0.54 -6.93
C VAL A 26 -12.35 -1.44 -8.06
N LEU A 27 -11.86 -2.68 -8.06
CA LEU A 27 -12.21 -3.65 -9.09
C LEU A 27 -13.47 -4.42 -8.70
N THR A 28 -13.56 -4.83 -7.44
CA THR A 28 -14.70 -5.57 -6.95
C THR A 28 -15.00 -5.23 -5.50
N PRO A 29 -16.23 -5.52 -5.05
CA PRO A 29 -16.67 -5.25 -3.68
C PRO A 29 -15.99 -6.17 -2.67
N THR A 30 -15.09 -7.01 -3.16
CA THR A 30 -14.36 -7.93 -2.30
C THR A 30 -12.85 -7.82 -2.50
N THR A 31 -12.46 -6.96 -3.42
CA THR A 31 -11.05 -6.76 -3.72
C THR A 31 -10.81 -5.41 -4.41
N VAL A 32 -9.70 -4.77 -4.09
CA VAL A 32 -9.35 -3.48 -4.69
C VAL A 32 -7.90 -3.45 -5.13
N GLN A 33 -7.64 -2.80 -6.26
CA GLN A 33 -6.29 -2.70 -6.79
C GLN A 33 -5.66 -1.35 -6.44
N VAL A 34 -4.48 -1.41 -5.84
CA VAL A 34 -3.77 -0.19 -5.45
C VAL A 34 -2.47 -0.02 -6.23
N THR A 35 -2.32 1.13 -6.87
CA THR A 35 -1.12 1.41 -7.66
C THR A 35 -0.41 2.66 -7.15
N TRP A 36 0.91 2.67 -7.29
CA TRP A 36 1.70 3.81 -6.85
C TRP A 36 2.97 3.95 -7.68
N THR A 37 3.54 5.16 -7.71
CA THR A 37 4.75 5.42 -8.47
C THR A 37 5.81 6.10 -7.61
N VAL A 38 7.00 5.53 -7.59
CA VAL A 38 8.11 6.08 -6.80
C VAL A 38 9.20 6.64 -7.71
N ASP A 39 9.41 7.95 -7.62
CA ASP A 39 10.44 8.61 -8.42
C ASP A 39 11.80 7.97 -8.20
N ARG A 40 12.03 7.48 -6.99
CA ARG A 40 13.30 6.85 -6.65
C ARG A 40 13.12 5.35 -6.42
N GLN A 41 13.94 4.56 -7.10
CA GLN A 41 13.86 3.11 -6.98
C GLN A 41 14.98 2.57 -6.08
N PRO A 42 14.65 2.36 -4.79
CA PRO A 42 15.61 1.86 -3.81
C PRO A 42 15.99 0.40 -4.06
N GLN A 43 17.29 0.11 -4.01
CA GLN A 43 17.77 -1.24 -4.24
C GLN A 43 17.69 -2.07 -2.96
N PHE A 44 18.07 -1.47 -1.84
CA PHE A 44 18.03 -2.16 -0.55
C PHE A 44 16.62 -2.63 -0.23
N ILE A 45 15.63 -1.89 -0.70
CA ILE A 45 14.23 -2.24 -0.47
C ILE A 45 14.00 -3.74 -0.69
N GLN A 46 13.06 -4.29 0.07
CA GLN A 46 12.73 -5.71 -0.03
C GLN A 46 11.35 -5.90 -0.63
N GLY A 47 10.52 -4.86 -0.57
CA GLY A 47 9.18 -4.95 -1.11
C GLY A 47 8.38 -3.67 -0.84
N TYR A 48 7.11 -3.84 -0.49
CA TYR A 48 6.24 -2.71 -0.23
C TYR A 48 5.13 -3.09 0.75
N ARG A 49 5.16 -2.48 1.93
CA ARG A 49 4.16 -2.75 2.95
C ARG A 49 2.91 -1.90 2.74
N VAL A 50 1.81 -2.54 2.35
CA VAL A 50 0.56 -1.84 2.12
C VAL A 50 -0.41 -2.04 3.28
N MET A 51 -0.48 -1.04 4.16
CA MET A 51 -1.36 -1.10 5.32
C MET A 51 -2.78 -0.65 4.94
N TYR A 52 -3.77 -1.41 5.38
CA TYR A 52 -5.16 -1.08 5.09
C TYR A 52 -6.07 -1.49 6.24
N ARG A 53 -7.21 -0.83 6.36
CA ARG A 53 -8.17 -1.12 7.41
C ARG A 53 -9.51 -0.43 7.15
N GLN A 54 -10.54 -0.86 7.87
CA GLN A 54 -11.87 -0.29 7.72
C GLN A 54 -11.98 1.04 8.45
N THR A 55 -12.81 1.94 7.91
CA THR A 55 -13.00 3.25 8.52
C THR A 55 -14.42 3.40 9.06
N SER A 56 -15.36 2.70 8.43
CA SER A 56 -16.76 2.77 8.84
C SER A 56 -17.21 1.43 9.44
N GLY A 57 -18.23 1.49 10.29
CA GLY A 57 -18.74 0.29 10.92
C GLY A 57 -17.85 -0.19 12.05
N LEU A 58 -18.22 -1.31 12.66
CA LEU A 58 -17.45 -1.88 13.77
C LEU A 58 -16.02 -2.18 13.33
N GLN A 59 -15.89 -2.90 12.22
CA GLN A 59 -14.58 -3.26 11.70
C GLN A 59 -13.68 -2.02 11.58
N ALA A 60 -14.29 -0.85 11.62
CA ALA A 60 -13.56 0.40 11.52
C ALA A 60 -12.55 0.53 12.66
N THR A 61 -11.63 1.48 12.51
CA THR A 61 -10.60 1.71 13.52
C THR A 61 -10.19 0.40 14.20
N SER A 62 -10.14 -0.68 13.42
CA SER A 62 -9.77 -1.98 13.94
C SER A 62 -8.29 -2.27 13.67
N SER A 63 -7.75 -3.25 14.39
CA SER A 63 -6.35 -3.63 14.23
C SER A 63 -5.90 -3.47 12.79
N TRP A 64 -5.02 -2.50 12.56
CA TRP A 64 -4.50 -2.24 11.22
C TRP A 64 -3.89 -3.50 10.61
N GLN A 65 -4.06 -3.66 9.30
CA GLN A 65 -3.52 -4.82 8.60
C GLN A 65 -2.33 -4.42 7.73
N ASN A 66 -1.49 -5.41 7.41
CA ASN A 66 -0.32 -5.16 6.58
C ASN A 66 -0.16 -6.25 5.53
N LEU A 67 0.08 -5.83 4.29
CA LEU A 67 0.25 -6.76 3.18
C LEU A 67 1.66 -6.68 2.60
N ASP A 68 2.52 -7.60 3.02
CA ASP A 68 3.90 -7.63 2.54
C ASP A 68 3.96 -8.11 1.09
N ALA A 69 3.99 -7.16 0.16
CA ALA A 69 4.05 -7.49 -1.26
C ALA A 69 5.09 -8.56 -1.53
N LYS A 70 6.20 -8.50 -0.81
CA LYS A 70 7.28 -9.47 -0.97
C LYS A 70 7.87 -9.40 -2.37
N VAL A 71 7.86 -8.20 -2.95
CA VAL A 71 8.39 -8.00 -4.29
C VAL A 71 8.76 -6.54 -4.53
N PRO A 72 10.08 -6.26 -4.58
CA PRO A 72 10.58 -4.90 -4.80
C PRO A 72 10.32 -4.41 -6.21
N THR A 73 9.97 -5.32 -7.10
CA THR A 73 9.68 -4.98 -8.49
C THR A 73 8.20 -4.67 -8.69
N GLU A 74 7.40 -4.96 -7.68
CA GLU A 74 5.96 -4.72 -7.74
C GLU A 74 5.61 -3.36 -7.16
N ARG A 75 4.88 -2.55 -7.93
CA ARG A 75 4.48 -1.24 -7.49
C ARG A 75 2.97 -1.16 -7.28
N SER A 76 2.38 -2.30 -6.95
CA SER A 76 0.94 -2.38 -6.72
C SER A 76 0.60 -3.51 -5.75
N ALA A 77 -0.63 -3.52 -5.27
CA ALA A 77 -1.09 -4.53 -4.33
C ALA A 77 -2.57 -4.83 -4.51
N VAL A 78 -2.96 -6.08 -4.28
CA VAL A 78 -4.35 -6.49 -4.42
C VAL A 78 -4.94 -6.90 -3.07
N LEU A 79 -5.66 -5.98 -2.45
CA LEU A 79 -6.28 -6.24 -1.15
C LEU A 79 -7.54 -7.08 -1.32
N VAL A 80 -7.43 -8.37 -0.99
CA VAL A 80 -8.56 -9.27 -1.10
C VAL A 80 -9.27 -9.43 0.25
N ASN A 81 -10.25 -10.33 0.30
CA ASN A 81 -11.00 -10.58 1.52
C ASN A 81 -11.46 -9.26 2.14
N LEU A 82 -11.86 -8.31 1.30
CA LEU A 82 -12.33 -7.02 1.77
C LEU A 82 -13.84 -7.03 2.00
N LYS A 83 -14.35 -5.97 2.63
CA LYS A 83 -15.77 -5.86 2.90
C LYS A 83 -16.50 -5.15 1.76
N LYS A 84 -17.80 -5.35 1.69
CA LYS A 84 -18.61 -4.74 0.64
C LYS A 84 -19.40 -3.56 1.19
N GLY A 85 -19.46 -2.47 0.42
CA GLY A 85 -20.19 -1.30 0.85
C GLY A 85 -19.57 -0.64 2.06
N VAL A 86 -18.31 -0.22 1.93
CA VAL A 86 -17.60 0.43 3.02
C VAL A 86 -16.28 1.03 2.54
N THR A 87 -15.92 2.17 3.12
CA THR A 87 -14.68 2.85 2.75
C THR A 87 -13.47 2.17 3.40
N TYR A 88 -12.35 2.19 2.70
CA TYR A 88 -11.12 1.58 3.20
C TYR A 88 -9.92 2.50 2.97
N GLU A 89 -9.13 2.71 4.02
CA GLU A 89 -7.95 3.56 3.93
C GLU A 89 -6.69 2.72 3.73
N ILE A 90 -5.85 3.13 2.78
CA ILE A 90 -4.62 2.43 2.50
C ILE A 90 -3.50 3.40 2.11
N LYS A 91 -2.27 3.08 2.53
CA LYS A 91 -1.13 3.92 2.23
C LYS A 91 0.10 3.07 1.94
N VAL A 92 0.75 3.34 0.82
CA VAL A 92 1.96 2.60 0.43
C VAL A 92 3.19 3.14 1.14
N ARG A 93 4.05 2.23 1.59
CA ARG A 93 5.27 2.61 2.30
C ARG A 93 6.41 1.65 1.97
N PRO A 94 7.47 2.18 1.36
CA PRO A 94 8.65 1.39 0.97
C PRO A 94 9.45 0.94 2.18
N TYR A 95 9.36 -0.34 2.50
CA TYR A 95 10.07 -0.90 3.64
C TYR A 95 11.16 -1.87 3.17
N PHE A 96 12.26 -1.92 3.92
CA PHE A 96 13.37 -2.80 3.60
C PHE A 96 13.42 -4.00 4.54
N ASN A 97 13.87 -3.77 5.76
CA ASN A 97 13.97 -4.84 6.75
C ASN A 97 12.85 -4.71 7.79
N GLU A 98 12.88 -3.64 8.57
CA GLU A 98 11.88 -3.40 9.60
C GLU A 98 11.31 -1.99 9.48
N PHE A 99 12.16 -1.04 9.13
CA PHE A 99 11.74 0.34 8.98
C PHE A 99 10.88 0.53 7.73
N GLN A 100 10.19 1.66 7.65
CA GLN A 100 9.34 1.95 6.51
C GLN A 100 9.50 3.41 6.07
N GLY A 101 9.72 3.60 4.78
CA GLY A 101 9.90 4.95 4.25
C GLY A 101 8.69 5.84 4.52
N MET A 102 8.63 6.96 3.82
CA MET A 102 7.52 7.89 3.98
C MET A 102 6.23 7.31 3.43
N ASP A 103 5.15 7.45 4.20
CA ASP A 103 3.85 6.92 3.78
C ASP A 103 3.10 7.95 2.95
N SER A 104 2.67 7.53 1.75
CA SER A 104 1.94 8.41 0.85
C SER A 104 0.64 8.88 1.48
N GLU A 105 0.01 9.86 0.85
CA GLU A 105 -1.25 10.40 1.35
C GLU A 105 -2.33 9.32 1.39
N SER A 106 -2.54 8.75 2.58
CA SER A 106 -3.53 7.69 2.75
C SER A 106 -4.78 7.98 1.91
N LYS A 107 -5.10 7.05 1.01
CA LYS A 107 -6.26 7.20 0.15
C LYS A 107 -7.41 6.32 0.62
N THR A 108 -8.64 6.78 0.41
CA THR A 108 -9.82 6.02 0.82
C THR A 108 -10.52 5.40 -0.39
N VAL A 109 -10.96 4.16 -0.24
CA VAL A 109 -11.63 3.45 -1.31
C VAL A 109 -13.00 2.92 -0.85
N ARG A 110 -14.03 3.28 -1.59
CA ARG A 110 -15.39 2.85 -1.26
C ARG A 110 -15.80 1.65 -2.11
N THR A 111 -15.88 0.49 -1.48
CA THR A 111 -16.26 -0.74 -2.18
C THR A 111 -17.77 -0.80 -2.39
N THR A 112 -18.21 -0.58 -3.63
CA THR A 112 -19.63 -0.61 -3.96
C THR A 112 -20.29 -1.85 -3.37
N GLU A 113 -21.62 -1.88 -3.43
CA GLU A 113 -22.38 -3.01 -2.91
C GLU A 113 -22.99 -3.83 -4.03
N GLU A 114 -23.71 -3.16 -4.93
CA GLU A 114 -24.34 -3.84 -6.06
C GLU A 114 -23.29 -4.32 -7.06
N SER A 115 -23.34 -5.61 -7.37
CA SER A 115 -22.39 -6.21 -8.31
C SER A 115 -22.71 -5.78 -9.74
N GLY A 116 -21.81 -5.02 -10.34
CA GLY A 116 -22.02 -4.57 -11.71
C GLY A 116 -20.84 -3.77 -12.24
N PRO A 117 -19.77 -4.49 -12.63
CA PRO A 117 -18.55 -3.87 -13.16
C PRO A 117 -18.77 -3.26 -14.54
N SER A 118 -17.85 -2.40 -14.96
CA SER A 118 -17.95 -1.75 -16.26
C SER A 118 -16.68 -1.98 -17.08
N SER A 119 -16.86 -2.50 -18.29
CA SER A 119 -15.73 -2.79 -19.17
C SER A 119 -16.12 -2.56 -20.62
N GLY A 120 -15.12 -2.22 -21.45
CA GLY A 120 -15.38 -1.98 -22.86
C GLY A 120 -14.27 -1.20 -23.52
N GLY A 1 30.08 -1.35 -1.52
CA GLY A 1 30.35 -1.93 -0.22
C GLY A 1 31.40 -1.16 0.55
N SER A 2 30.96 -0.52 1.64
CA SER A 2 31.88 0.26 2.48
C SER A 2 32.33 -0.54 3.69
N SER A 3 33.61 -0.41 4.02
CA SER A 3 34.18 -1.13 5.16
C SER A 3 33.85 -0.42 6.47
N GLY A 4 32.64 -0.64 6.97
CA GLY A 4 32.22 -0.01 8.21
C GLY A 4 30.78 -0.31 8.55
N SER A 5 30.01 0.73 8.85
CA SER A 5 28.61 0.57 9.20
C SER A 5 27.76 0.28 7.96
N SER A 6 27.26 -0.95 7.87
CA SER A 6 26.44 -1.36 6.74
C SER A 6 25.22 -0.46 6.59
N GLY A 7 24.60 -0.49 5.42
CA GLY A 7 23.42 0.32 5.17
C GLY A 7 23.68 1.79 5.45
N ARG A 8 24.12 2.52 4.42
CA ARG A 8 24.40 3.94 4.56
C ARG A 8 23.31 4.78 3.89
N GLN A 9 22.87 4.34 2.72
CA GLN A 9 21.83 5.06 1.98
C GLN A 9 20.46 4.80 2.61
N VAL A 10 20.37 3.75 3.42
CA VAL A 10 19.11 3.40 4.08
C VAL A 10 18.38 4.64 4.56
N GLN A 11 18.95 5.31 5.56
CA GLN A 11 18.35 6.51 6.12
C GLN A 11 18.72 7.74 5.30
N LYS A 12 18.96 7.54 4.01
CA LYS A 12 19.33 8.63 3.11
C LYS A 12 18.38 8.71 1.93
N GLU A 13 17.91 7.55 1.47
CA GLU A 13 16.98 7.49 0.34
C GLU A 13 15.57 7.18 0.81
N LEU A 14 15.45 6.27 1.78
CA LEU A 14 14.16 5.89 2.32
C LEU A 14 13.20 7.07 2.34
N GLY A 15 13.48 8.04 3.21
CA GLY A 15 12.63 9.21 3.30
C GLY A 15 12.66 10.06 2.04
N ASP A 16 13.86 10.32 1.55
CA ASP A 16 14.03 11.13 0.34
C ASP A 16 12.98 10.76 -0.70
N VAL A 17 13.17 9.61 -1.35
CA VAL A 17 12.24 9.14 -2.37
C VAL A 17 10.80 9.36 -1.94
N LEU A 18 9.94 9.66 -2.92
CA LEU A 18 8.53 9.89 -2.63
C LEU A 18 7.66 8.89 -3.39
N VAL A 19 6.64 8.36 -2.71
CA VAL A 19 5.73 7.40 -3.33
C VAL A 19 4.39 8.05 -3.65
N ARG A 20 3.91 7.84 -4.87
CA ARG A 20 2.63 8.39 -5.30
C ARG A 20 1.57 7.32 -5.39
N LEU A 21 0.55 7.42 -4.53
CA LEU A 21 -0.53 6.45 -4.51
C LEU A 21 -1.71 6.92 -5.36
N HIS A 22 -1.90 6.27 -6.49
CA HIS A 22 -2.99 6.63 -7.39
C HIS A 22 -4.32 6.07 -6.89
N ASN A 23 -5.41 6.76 -7.21
CA ASN A 23 -6.74 6.33 -6.78
C ASN A 23 -6.89 4.83 -6.92
N PRO A 24 -7.18 4.16 -5.79
CA PRO A 24 -7.36 2.70 -5.75
C PRO A 24 -8.64 2.26 -6.45
N VAL A 25 -8.54 2.05 -7.77
CA VAL A 25 -9.69 1.63 -8.55
C VAL A 25 -10.44 0.49 -7.87
N VAL A 26 -11.69 0.75 -7.49
CA VAL A 26 -12.51 -0.24 -6.83
C VAL A 26 -13.06 -1.26 -7.82
N LEU A 27 -12.22 -2.22 -8.21
CA LEU A 27 -12.62 -3.24 -9.16
C LEU A 27 -13.94 -3.91 -8.73
N THR A 28 -14.01 -4.27 -7.45
CA THR A 28 -15.20 -4.91 -6.92
C THR A 28 -15.42 -4.53 -5.46
N PRO A 29 -16.67 -4.69 -4.98
CA PRO A 29 -17.03 -4.38 -3.60
C PRO A 29 -16.41 -5.33 -2.59
N THR A 30 -15.63 -6.29 -3.09
CA THR A 30 -14.97 -7.27 -2.24
C THR A 30 -13.47 -7.26 -2.44
N THR A 31 -13.02 -6.58 -3.50
CA THR A 31 -11.60 -6.48 -3.81
C THR A 31 -11.27 -5.18 -4.51
N VAL A 32 -10.17 -4.55 -4.10
CA VAL A 32 -9.74 -3.28 -4.70
C VAL A 32 -8.29 -3.36 -5.16
N GLN A 33 -8.03 -2.79 -6.34
CA GLN A 33 -6.68 -2.79 -6.89
C GLN A 33 -5.87 -1.61 -6.36
N VAL A 34 -4.64 -1.88 -5.95
CA VAL A 34 -3.76 -0.84 -5.43
C VAL A 34 -2.56 -0.63 -6.33
N THR A 35 -2.26 0.64 -6.65
CA THR A 35 -1.13 0.96 -7.50
C THR A 35 -0.37 2.17 -6.97
N TRP A 36 0.93 2.20 -7.18
CA TRP A 36 1.77 3.29 -6.72
C TRP A 36 3.03 3.42 -7.58
N THR A 37 3.75 4.52 -7.41
CA THR A 37 4.97 4.76 -8.17
C THR A 37 5.98 5.55 -7.34
N VAL A 38 7.27 5.32 -7.60
CA VAL A 38 8.33 6.00 -6.89
C VAL A 38 9.21 6.80 -7.84
N ASP A 39 9.65 7.97 -7.40
CA ASP A 39 10.50 8.84 -8.21
C ASP A 39 11.87 8.20 -8.42
N ARG A 40 12.54 7.85 -7.32
CA ARG A 40 13.85 7.24 -7.39
C ARG A 40 13.83 5.84 -6.80
N GLN A 41 13.57 4.85 -7.65
CA GLN A 41 13.52 3.45 -7.22
C GLN A 41 14.73 3.12 -6.33
N PRO A 42 14.47 2.95 -5.03
CA PRO A 42 15.51 2.62 -4.06
C PRO A 42 16.05 1.21 -4.23
N GLN A 43 17.36 1.05 -4.11
CA GLN A 43 17.99 -0.25 -4.26
C GLN A 43 17.94 -1.03 -2.95
N PHE A 44 18.36 -0.40 -1.86
CA PHE A 44 18.36 -1.03 -0.55
C PHE A 44 17.00 -1.64 -0.24
N ILE A 45 15.94 -0.98 -0.72
CA ILE A 45 14.58 -1.46 -0.49
C ILE A 45 14.49 -2.97 -0.69
N GLN A 46 13.63 -3.61 0.09
CA GLN A 46 13.45 -5.06 -0.01
C GLN A 46 12.10 -5.39 -0.65
N GLY A 47 11.13 -4.51 -0.46
CA GLY A 47 9.81 -4.73 -1.03
C GLY A 47 8.86 -3.59 -0.74
N TYR A 48 7.67 -3.93 -0.27
CA TYR A 48 6.66 -2.93 0.06
C TYR A 48 5.57 -3.51 0.96
N ARG A 49 5.21 -2.75 1.99
CA ARG A 49 4.19 -3.18 2.94
C ARG A 49 2.91 -2.37 2.78
N VAL A 50 1.88 -2.98 2.20
CA VAL A 50 0.61 -2.30 1.99
C VAL A 50 -0.29 -2.43 3.22
N MET A 51 -0.55 -1.30 3.87
CA MET A 51 -1.39 -1.30 5.06
C MET A 51 -2.80 -0.84 4.71
N TYR A 52 -3.80 -1.59 5.18
CA TYR A 52 -5.20 -1.26 4.92
C TYR A 52 -6.08 -1.67 6.09
N ARG A 53 -7.19 -0.96 6.26
CA ARG A 53 -8.12 -1.24 7.34
C ARG A 53 -9.44 -0.52 7.13
N GLN A 54 -10.47 -0.92 7.88
CA GLN A 54 -11.79 -0.33 7.76
C GLN A 54 -11.83 1.03 8.45
N THR A 55 -12.66 1.93 7.93
CA THR A 55 -12.79 3.27 8.50
C THR A 55 -14.03 3.37 9.38
N SER A 56 -15.13 2.77 8.92
CA SER A 56 -16.38 2.81 9.66
C SER A 56 -16.98 1.40 9.77
N GLY A 57 -17.53 1.09 10.94
CA GLY A 57 -18.12 -0.21 11.16
C GLY A 57 -17.61 -0.88 12.43
N LEU A 58 -17.51 -2.21 12.40
CA LEU A 58 -17.03 -2.96 13.55
C LEU A 58 -15.51 -2.97 13.61
N GLN A 59 -14.89 -3.33 12.49
CA GLN A 59 -13.43 -3.38 12.42
C GLN A 59 -12.85 -1.99 12.16
N ALA A 60 -13.67 -0.97 12.37
CA ALA A 60 -13.24 0.41 12.16
C ALA A 60 -12.07 0.76 13.09
N THR A 61 -11.16 1.59 12.59
CA THR A 61 -9.99 2.00 13.37
C THR A 61 -9.48 0.86 14.23
N SER A 62 -9.66 -0.38 13.75
CA SER A 62 -9.20 -1.55 14.47
C SER A 62 -7.82 -1.99 14.00
N SER A 63 -7.30 -3.04 14.61
CA SER A 63 -5.99 -3.57 14.25
C SER A 63 -5.74 -3.43 12.75
N TRP A 64 -4.76 -2.61 12.39
CA TRP A 64 -4.43 -2.40 10.98
C TRP A 64 -3.98 -3.71 10.32
N GLN A 65 -3.81 -3.67 9.00
CA GLN A 65 -3.39 -4.85 8.26
C GLN A 65 -2.14 -4.55 7.43
N ASN A 66 -1.57 -5.60 6.85
CA ASN A 66 -0.37 -5.45 6.02
C ASN A 66 -0.27 -6.57 4.99
N LEU A 67 0.00 -6.20 3.75
CA LEU A 67 0.12 -7.17 2.67
C LEU A 67 1.53 -7.18 2.10
N ASP A 68 2.36 -8.08 2.62
CA ASP A 68 3.75 -8.20 2.16
C ASP A 68 3.79 -8.64 0.70
N ALA A 69 4.37 -7.79 -0.15
CA ALA A 69 4.48 -8.10 -1.57
C ALA A 69 5.66 -9.02 -1.84
N LYS A 70 6.74 -8.84 -1.08
CA LYS A 70 7.93 -9.66 -1.24
C LYS A 70 8.55 -9.47 -2.62
N VAL A 71 8.35 -8.29 -3.19
CA VAL A 71 8.89 -7.97 -4.52
C VAL A 71 9.10 -6.47 -4.67
N PRO A 72 10.37 -6.05 -4.68
CA PRO A 72 10.75 -4.64 -4.82
C PRO A 72 10.47 -4.11 -6.22
N THR A 73 10.07 -5.01 -7.13
CA THR A 73 9.77 -4.63 -8.50
C THR A 73 8.27 -4.52 -8.73
N GLU A 74 7.49 -4.94 -7.74
CA GLU A 74 6.04 -4.89 -7.83
C GLU A 74 5.50 -3.62 -7.18
N ARG A 75 5.07 -2.67 -8.00
CA ARG A 75 4.53 -1.41 -7.50
C ARG A 75 3.01 -1.43 -7.52
N SER A 76 2.44 -2.58 -7.20
CA SER A 76 0.98 -2.74 -7.18
C SER A 76 0.57 -3.96 -6.34
N ALA A 77 -0.58 -3.86 -5.69
CA ALA A 77 -1.08 -4.95 -4.87
C ALA A 77 -2.60 -4.98 -4.87
N VAL A 78 -3.17 -6.15 -4.58
CA VAL A 78 -4.62 -6.31 -4.54
C VAL A 78 -5.08 -6.79 -3.16
N LEU A 79 -6.05 -6.08 -2.59
CA LEU A 79 -6.58 -6.43 -1.29
C LEU A 79 -7.91 -7.16 -1.42
N VAL A 80 -7.93 -8.44 -1.02
CA VAL A 80 -9.14 -9.24 -1.09
C VAL A 80 -9.79 -9.39 0.28
N ASN A 81 -10.96 -10.01 0.31
CA ASN A 81 -11.67 -10.23 1.56
C ASN A 81 -12.01 -8.90 2.23
N LEU A 82 -12.56 -7.97 1.46
CA LEU A 82 -12.93 -6.66 1.99
C LEU A 82 -14.44 -6.55 2.18
N LYS A 83 -14.86 -5.53 2.92
CA LYS A 83 -16.28 -5.31 3.19
C LYS A 83 -16.90 -4.44 2.10
N LYS A 84 -18.16 -4.71 1.79
CA LYS A 84 -18.87 -3.95 0.77
C LYS A 84 -19.71 -2.84 1.41
N GLY A 85 -19.47 -1.61 0.99
CA GLY A 85 -20.20 -0.48 1.52
C GLY A 85 -19.49 0.18 2.69
N VAL A 86 -18.24 0.57 2.47
CA VAL A 86 -17.45 1.20 3.52
C VAL A 86 -16.09 1.66 2.98
N THR A 87 -15.62 2.80 3.47
CA THR A 87 -14.34 3.34 3.04
C THR A 87 -13.18 2.57 3.67
N TYR A 88 -12.09 2.44 2.92
CA TYR A 88 -10.91 1.74 3.41
C TYR A 88 -9.64 2.54 3.15
N GLU A 89 -9.03 3.03 4.21
CA GLU A 89 -7.81 3.82 4.11
C GLU A 89 -6.61 2.92 3.84
N ILE A 90 -5.84 3.26 2.81
CA ILE A 90 -4.65 2.48 2.45
C ILE A 90 -3.48 3.40 2.11
N LYS A 91 -2.28 2.96 2.47
CA LYS A 91 -1.07 3.73 2.20
C LYS A 91 0.13 2.81 1.98
N VAL A 92 0.89 3.10 0.93
CA VAL A 92 2.07 2.30 0.60
C VAL A 92 3.36 3.07 0.89
N ARG A 93 4.32 2.38 1.49
CA ARG A 93 5.60 3.00 1.83
C ARG A 93 6.75 2.02 1.61
N PRO A 94 7.90 2.54 1.16
CA PRO A 94 9.09 1.73 0.90
C PRO A 94 9.72 1.19 2.18
N TYR A 95 9.81 -0.12 2.29
CA TYR A 95 10.38 -0.77 3.46
C TYR A 95 11.64 -1.56 3.10
N PHE A 96 12.62 -1.55 3.99
CA PHE A 96 13.87 -2.27 3.76
C PHE A 96 13.95 -3.51 4.64
N ASN A 97 14.23 -3.30 5.92
CA ASN A 97 14.33 -4.41 6.87
C ASN A 97 13.15 -4.42 7.83
N GLU A 98 13.16 -3.50 8.79
CA GLU A 98 12.09 -3.40 9.76
C GLU A 98 11.44 -2.02 9.74
N PHE A 99 12.25 -1.01 9.42
CA PHE A 99 11.76 0.37 9.36
C PHE A 99 10.88 0.58 8.13
N GLN A 100 10.01 1.58 8.19
CA GLN A 100 9.12 1.89 7.08
C GLN A 100 9.31 3.33 6.61
N GLY A 101 9.53 3.49 5.31
CA GLY A 101 9.72 4.83 4.75
C GLY A 101 8.48 5.68 4.84
N MET A 102 8.59 6.94 4.42
CA MET A 102 7.46 7.85 4.46
C MET A 102 6.23 7.23 3.79
N ASP A 103 5.09 7.32 4.48
CA ASP A 103 3.85 6.76 3.97
C ASP A 103 3.23 7.69 2.92
N SER A 104 2.66 7.09 1.88
CA SER A 104 2.04 7.86 0.80
C SER A 104 0.72 8.47 1.27
N GLU A 105 0.18 9.38 0.47
CA GLU A 105 -1.08 10.05 0.80
C GLU A 105 -2.19 9.02 1.01
N SER A 106 -2.44 8.67 2.26
CA SER A 106 -3.48 7.69 2.59
C SER A 106 -4.70 7.89 1.70
N LYS A 107 -4.85 7.00 0.71
CA LYS A 107 -5.98 7.06 -0.20
C LYS A 107 -7.16 6.25 0.33
N THR A 108 -8.32 6.90 0.41
CA THR A 108 -9.53 6.25 0.90
C THR A 108 -10.33 5.64 -0.25
N VAL A 109 -10.60 4.34 -0.14
CA VAL A 109 -11.36 3.64 -1.18
C VAL A 109 -12.74 3.24 -0.66
N ARG A 110 -13.78 3.70 -1.34
CA ARG A 110 -15.15 3.38 -0.96
C ARG A 110 -15.70 2.24 -1.80
N THR A 111 -15.85 1.07 -1.19
CA THR A 111 -16.37 -0.10 -1.88
C THR A 111 -17.88 -0.04 -2.01
N THR A 112 -18.36 0.24 -3.21
CA THR A 112 -19.79 0.32 -3.46
C THR A 112 -20.54 -0.84 -2.82
N GLU A 113 -21.85 -0.71 -2.70
CA GLU A 113 -22.68 -1.75 -2.11
C GLU A 113 -23.33 -2.61 -3.19
N GLU A 114 -23.99 -1.96 -4.13
CA GLU A 114 -24.67 -2.67 -5.22
C GLU A 114 -24.42 -1.97 -6.56
N SER A 115 -24.26 -2.76 -7.61
CA SER A 115 -24.01 -2.21 -8.94
C SER A 115 -25.32 -1.77 -9.59
N GLY A 116 -25.63 -0.49 -9.46
CA GLY A 116 -26.85 0.04 -10.03
C GLY A 116 -26.60 0.82 -11.31
N PRO A 117 -26.54 2.16 -11.19
CA PRO A 117 -26.30 3.05 -12.33
C PRO A 117 -24.88 2.93 -12.87
N SER A 118 -24.75 2.33 -14.06
CA SER A 118 -23.44 2.15 -14.69
C SER A 118 -23.58 2.04 -16.20
N SER A 119 -22.44 2.04 -16.89
CA SER A 119 -22.43 1.94 -18.35
C SER A 119 -22.29 0.49 -18.79
N GLY A 120 -21.33 -0.21 -18.20
CA GLY A 120 -21.11 -1.60 -18.54
C GLY A 120 -19.75 -1.83 -19.18
N GLY A 1 36.39 -2.93 3.10
CA GLY A 1 36.29 -4.04 2.15
C GLY A 1 35.74 -3.61 0.81
N SER A 2 35.13 -4.55 0.10
CA SER A 2 34.55 -4.26 -1.22
C SER A 2 33.06 -4.56 -1.23
N SER A 3 32.70 -5.81 -0.96
CA SER A 3 31.30 -6.23 -0.95
C SER A 3 30.73 -6.14 0.46
N GLY A 4 29.43 -5.87 0.54
CA GLY A 4 28.78 -5.76 1.84
C GLY A 4 27.55 -4.87 1.80
N SER A 5 26.48 -5.30 2.46
CA SER A 5 25.24 -4.53 2.49
C SER A 5 25.05 -3.86 3.85
N SER A 6 26.14 -3.34 4.40
CA SER A 6 26.09 -2.68 5.70
C SER A 6 24.78 -1.93 5.88
N GLY A 7 24.46 -1.07 4.92
CA GLY A 7 23.23 -0.29 4.99
C GLY A 7 23.47 1.15 5.35
N ARG A 8 24.02 1.91 4.41
CA ARG A 8 24.30 3.33 4.64
C ARG A 8 23.29 4.21 3.93
N GLN A 9 22.86 3.79 2.74
CA GLN A 9 21.89 4.54 1.96
C GLN A 9 20.48 4.30 2.49
N VAL A 10 20.35 3.45 3.50
CA VAL A 10 19.06 3.14 4.09
C VAL A 10 18.35 4.41 4.57
N GLN A 11 18.92 5.04 5.59
CA GLN A 11 18.35 6.26 6.15
C GLN A 11 18.78 7.48 5.33
N LYS A 12 19.12 7.26 4.06
CA LYS A 12 19.54 8.34 3.18
C LYS A 12 18.58 8.49 2.01
N GLU A 13 18.14 7.35 1.46
CA GLU A 13 17.23 7.36 0.33
C GLU A 13 15.79 7.12 0.80
N LEU A 14 15.63 6.22 1.75
CA LEU A 14 14.30 5.91 2.29
C LEU A 14 13.42 7.15 2.33
N GLY A 15 13.81 8.13 3.13
CA GLY A 15 13.05 9.36 3.25
C GLY A 15 12.92 10.08 1.92
N ASP A 16 14.03 10.20 1.21
CA ASP A 16 14.04 10.88 -0.08
C ASP A 16 12.92 10.37 -0.98
N VAL A 17 12.79 9.05 -1.05
CA VAL A 17 11.75 8.43 -1.88
C VAL A 17 10.38 8.98 -1.53
N LEU A 18 9.65 9.41 -2.55
CA LEU A 18 8.31 9.96 -2.36
C LEU A 18 7.27 9.15 -3.13
N VAL A 19 6.78 8.09 -2.50
CA VAL A 19 5.77 7.24 -3.12
C VAL A 19 4.55 8.04 -3.56
N ARG A 20 4.11 7.82 -4.79
CA ARG A 20 2.95 8.54 -5.32
C ARG A 20 1.77 7.59 -5.49
N LEU A 21 0.79 7.71 -4.58
CA LEU A 21 -0.39 6.87 -4.63
C LEU A 21 -1.49 7.50 -5.50
N HIS A 22 -1.64 6.98 -6.70
CA HIS A 22 -2.66 7.49 -7.62
C HIS A 22 -4.06 7.36 -7.04
N ASN A 23 -4.56 6.13 -7.03
CA ASN A 23 -5.90 5.85 -6.50
C ASN A 23 -6.20 4.36 -6.52
N PRO A 24 -6.63 3.84 -5.36
CA PRO A 24 -6.96 2.42 -5.21
C PRO A 24 -8.22 2.03 -5.97
N VAL A 25 -8.08 1.83 -7.28
CA VAL A 25 -9.21 1.46 -8.12
C VAL A 25 -10.02 0.34 -7.49
N VAL A 26 -11.33 0.55 -7.37
CA VAL A 26 -12.22 -0.45 -6.79
C VAL A 26 -12.81 -1.37 -7.86
N LEU A 27 -12.23 -2.57 -7.98
CA LEU A 27 -12.71 -3.54 -8.96
C LEU A 27 -13.98 -4.24 -8.48
N THR A 28 -13.98 -4.62 -7.21
CA THR A 28 -15.14 -5.31 -6.63
C THR A 28 -15.32 -4.90 -5.17
N PRO A 29 -16.55 -5.09 -4.66
CA PRO A 29 -16.89 -4.76 -3.27
C PRO A 29 -16.22 -5.70 -2.27
N THR A 30 -15.42 -6.63 -2.78
CA THR A 30 -14.71 -7.59 -1.93
C THR A 30 -13.20 -7.49 -2.12
N THR A 31 -12.79 -6.88 -3.24
CA THR A 31 -11.37 -6.73 -3.54
C THR A 31 -11.08 -5.35 -4.13
N VAL A 32 -9.97 -4.76 -3.72
CA VAL A 32 -9.58 -3.44 -4.22
C VAL A 32 -8.13 -3.43 -4.68
N GLN A 33 -7.90 -2.86 -5.86
CA GLN A 33 -6.56 -2.80 -6.43
C GLN A 33 -5.83 -1.55 -5.93
N VAL A 34 -4.50 -1.63 -5.91
CA VAL A 34 -3.68 -0.50 -5.46
C VAL A 34 -2.50 -0.28 -6.40
N THR A 35 -2.28 0.98 -6.76
CA THR A 35 -1.18 1.33 -7.66
C THR A 35 -0.43 2.56 -7.15
N TRP A 36 0.90 2.51 -7.21
CA TRP A 36 1.73 3.62 -6.76
C TRP A 36 2.99 3.74 -7.62
N THR A 37 3.52 4.94 -7.71
CA THR A 37 4.72 5.19 -8.50
C THR A 37 5.82 5.85 -7.65
N VAL A 38 7.06 5.45 -7.88
CA VAL A 38 8.18 5.99 -7.13
C VAL A 38 9.12 6.77 -8.06
N ASP A 39 9.65 7.88 -7.56
CA ASP A 39 10.56 8.71 -8.34
C ASP A 39 11.95 8.09 -8.39
N ARG A 40 12.44 7.65 -7.23
CA ARG A 40 13.77 7.04 -7.14
C ARG A 40 13.68 5.65 -6.53
N GLN A 41 13.39 4.65 -7.36
CA GLN A 41 13.27 3.28 -6.89
C GLN A 41 14.48 2.88 -6.05
N PRO A 42 14.27 2.73 -4.73
CA PRO A 42 15.33 2.36 -3.80
C PRO A 42 15.79 0.91 -3.99
N GLN A 43 17.10 0.70 -3.94
CA GLN A 43 17.67 -0.64 -4.11
C GLN A 43 17.69 -1.38 -2.78
N PHE A 44 18.16 -0.71 -1.73
CA PHE A 44 18.24 -1.31 -0.40
C PHE A 44 16.89 -1.89 0.01
N ILE A 45 15.82 -1.22 -0.42
CA ILE A 45 14.46 -1.67 -0.09
C ILE A 45 14.31 -3.17 -0.30
N GLN A 46 13.26 -3.74 0.26
CA GLN A 46 12.99 -5.17 0.14
C GLN A 46 11.68 -5.43 -0.59
N GLY A 47 10.69 -4.58 -0.32
CA GLY A 47 9.40 -4.73 -0.96
C GLY A 47 8.47 -3.57 -0.67
N TYR A 48 7.27 -3.87 -0.20
CA TYR A 48 6.28 -2.84 0.12
C TYR A 48 5.19 -3.39 1.03
N ARG A 49 5.05 -2.77 2.21
CA ARG A 49 4.04 -3.20 3.17
C ARG A 49 2.74 -2.42 2.98
N VAL A 50 1.90 -2.90 2.08
CA VAL A 50 0.62 -2.25 1.81
C VAL A 50 -0.35 -2.42 2.98
N MET A 51 -0.36 -1.42 3.87
CA MET A 51 -1.24 -1.45 5.04
C MET A 51 -2.64 -0.96 4.67
N TYR A 52 -3.65 -1.61 5.24
CA TYR A 52 -5.03 -1.24 4.98
C TYR A 52 -5.93 -1.62 6.16
N ARG A 53 -7.09 -0.97 6.24
CA ARG A 53 -8.04 -1.23 7.32
C ARG A 53 -9.35 -0.51 7.08
N GLN A 54 -10.37 -0.85 7.85
CA GLN A 54 -11.68 -0.24 7.73
C GLN A 54 -11.72 1.11 8.45
N THR A 55 -12.57 2.01 7.96
CA THR A 55 -12.70 3.33 8.57
C THR A 55 -13.97 3.43 9.40
N SER A 56 -15.05 2.83 8.91
CA SER A 56 -16.33 2.86 9.61
C SER A 56 -16.97 1.47 9.62
N GLY A 57 -17.75 1.20 10.66
CA GLY A 57 -18.41 -0.09 10.78
C GLY A 57 -18.01 -0.82 12.04
N LEU A 58 -17.83 -2.14 11.93
CA LEU A 58 -17.45 -2.97 13.07
C LEU A 58 -15.93 -3.08 13.17
N GLN A 59 -15.30 -3.43 12.04
CA GLN A 59 -13.84 -3.58 12.00
C GLN A 59 -13.16 -2.23 11.79
N ALA A 60 -13.86 -1.16 12.15
CA ALA A 60 -13.32 0.19 12.01
C ALA A 60 -12.21 0.45 13.01
N THR A 61 -11.14 1.09 12.55
CA THR A 61 -10.01 1.40 13.42
C THR A 61 -9.85 0.35 14.52
N SER A 62 -10.08 -0.91 14.16
CA SER A 62 -9.97 -2.01 15.11
C SER A 62 -8.57 -2.63 15.05
N SER A 63 -8.14 -3.00 13.85
CA SER A 63 -6.83 -3.61 13.66
C SER A 63 -6.33 -3.38 12.25
N TRP A 64 -5.12 -2.82 12.14
CA TRP A 64 -4.52 -2.54 10.83
C TRP A 64 -3.96 -3.82 10.21
N GLN A 65 -4.08 -3.92 8.89
CA GLN A 65 -3.58 -5.10 8.17
C GLN A 65 -2.25 -4.79 7.49
N ASN A 66 -1.53 -5.85 7.11
CA ASN A 66 -0.24 -5.69 6.44
C ASN A 66 -0.10 -6.71 5.32
N LEU A 67 0.10 -6.20 4.10
CA LEU A 67 0.26 -7.06 2.93
C LEU A 67 1.66 -6.93 2.36
N ASP A 68 2.54 -7.86 2.73
CA ASP A 68 3.91 -7.86 2.24
C ASP A 68 3.97 -8.28 0.77
N ALA A 69 4.49 -7.40 -0.07
CA ALA A 69 4.60 -7.68 -1.50
C ALA A 69 5.75 -8.65 -1.78
N LYS A 70 6.83 -8.52 -1.00
CA LYS A 70 8.00 -9.37 -1.16
C LYS A 70 8.62 -9.20 -2.55
N VAL A 71 8.40 -8.03 -3.14
CA VAL A 71 8.94 -7.74 -4.47
C VAL A 71 9.11 -6.24 -4.67
N PRO A 72 10.39 -5.79 -4.70
CA PRO A 72 10.72 -4.38 -4.89
C PRO A 72 10.41 -3.89 -6.29
N THR A 73 9.96 -4.80 -7.15
CA THR A 73 9.62 -4.46 -8.53
C THR A 73 8.12 -4.40 -8.73
N GLU A 74 7.37 -4.76 -7.69
CA GLU A 74 5.91 -4.74 -7.76
C GLU A 74 5.36 -3.46 -7.14
N ARG A 75 4.90 -2.55 -8.00
CA ARG A 75 4.36 -1.28 -7.55
C ARG A 75 2.83 -1.31 -7.59
N SER A 76 2.25 -2.48 -7.34
CA SER A 76 0.80 -2.64 -7.36
C SER A 76 0.39 -3.93 -6.65
N ALA A 77 -0.41 -3.78 -5.59
CA ALA A 77 -0.87 -4.93 -4.83
C ALA A 77 -2.39 -5.01 -4.84
N VAL A 78 -2.92 -6.16 -4.41
CA VAL A 78 -4.37 -6.37 -4.37
C VAL A 78 -4.83 -6.76 -2.97
N LEU A 79 -5.92 -6.16 -2.52
CA LEU A 79 -6.45 -6.45 -1.20
C LEU A 79 -7.74 -7.27 -1.31
N VAL A 80 -7.68 -8.52 -0.86
CA VAL A 80 -8.84 -9.40 -0.89
C VAL A 80 -9.44 -9.59 0.49
N ASN A 81 -10.66 -10.11 0.54
CA ASN A 81 -11.35 -10.33 1.80
C ASN A 81 -11.73 -9.00 2.46
N LEU A 82 -12.32 -8.11 1.68
CA LEU A 82 -12.72 -6.80 2.18
C LEU A 82 -14.23 -6.72 2.37
N LYS A 83 -14.68 -5.69 3.07
CA LYS A 83 -16.11 -5.51 3.32
C LYS A 83 -16.76 -4.71 2.19
N LYS A 84 -18.05 -4.96 1.96
CA LYS A 84 -18.78 -4.26 0.91
C LYS A 84 -19.66 -3.16 1.51
N GLY A 85 -19.49 -1.94 1.02
CA GLY A 85 -20.27 -0.82 1.52
C GLY A 85 -19.59 -0.10 2.67
N VAL A 86 -18.34 0.28 2.47
CA VAL A 86 -17.58 0.99 3.50
C VAL A 86 -16.28 1.54 2.95
N THR A 87 -15.85 2.68 3.48
CA THR A 87 -14.62 3.32 3.04
C THR A 87 -13.40 2.65 3.66
N TYR A 88 -12.38 2.39 2.84
CA TYR A 88 -11.17 1.75 3.31
C TYR A 88 -9.95 2.62 3.03
N GLU A 89 -9.15 2.86 4.07
CA GLU A 89 -7.95 3.68 3.93
C GLU A 89 -6.71 2.82 3.72
N ILE A 90 -6.00 3.07 2.63
CA ILE A 90 -4.80 2.31 2.31
C ILE A 90 -3.68 3.23 1.83
N LYS A 91 -2.44 2.88 2.18
CA LYS A 91 -1.28 3.67 1.78
C LYS A 91 -0.13 2.76 1.35
N VAL A 92 1.00 3.38 1.03
CA VAL A 92 2.18 2.63 0.61
C VAL A 92 3.45 3.24 1.20
N ARG A 93 4.16 2.46 2.01
CA ARG A 93 5.39 2.93 2.64
C ARG A 93 6.56 1.99 2.30
N PRO A 94 7.64 2.57 1.76
CA PRO A 94 8.83 1.81 1.39
C PRO A 94 9.59 1.29 2.60
N TYR A 95 9.44 -0.01 2.88
CA TYR A 95 10.11 -0.63 4.01
C TYR A 95 11.27 -1.52 3.55
N PHE A 96 12.33 -1.54 4.33
CA PHE A 96 13.50 -2.35 4.00
C PHE A 96 13.59 -3.58 4.90
N ASN A 97 13.56 -3.36 6.21
CA ASN A 97 13.64 -4.45 7.18
C ASN A 97 12.48 -4.38 8.16
N GLU A 98 12.47 -3.35 9.00
CA GLU A 98 11.42 -3.17 9.99
C GLU A 98 10.83 -1.76 9.91
N PHE A 99 11.68 -0.81 9.56
CA PHE A 99 11.25 0.59 9.45
C PHE A 99 10.41 0.80 8.19
N GLN A 100 9.69 1.91 8.16
CA GLN A 100 8.85 2.24 7.01
C GLN A 100 9.07 3.68 6.56
N GLY A 101 9.63 3.84 5.37
CA GLY A 101 9.89 5.18 4.84
C GLY A 101 8.64 6.02 4.78
N MET A 102 8.79 7.25 4.30
CA MET A 102 7.66 8.17 4.19
C MET A 102 6.42 7.45 3.67
N ASP A 103 5.27 7.77 4.26
CA ASP A 103 4.01 7.14 3.85
C ASP A 103 3.33 7.97 2.77
N SER A 104 2.89 7.29 1.71
CA SER A 104 2.22 7.97 0.60
C SER A 104 0.91 8.59 1.07
N GLU A 105 0.29 9.38 0.19
CA GLU A 105 -0.98 10.03 0.50
C GLU A 105 -2.10 9.01 0.64
N SER A 106 -2.42 8.67 1.89
CA SER A 106 -3.48 7.69 2.16
C SER A 106 -4.72 7.99 1.33
N LYS A 107 -5.13 7.04 0.51
CA LYS A 107 -6.30 7.19 -0.34
C LYS A 107 -7.45 6.33 0.16
N THR A 108 -8.64 6.93 0.24
CA THR A 108 -9.81 6.21 0.70
C THR A 108 -10.56 5.57 -0.47
N VAL A 109 -10.92 4.30 -0.31
CA VAL A 109 -11.64 3.57 -1.35
C VAL A 109 -13.00 3.10 -0.84
N ARG A 110 -14.06 3.68 -1.39
CA ARG A 110 -15.42 3.33 -0.99
C ARG A 110 -15.92 2.13 -1.81
N THR A 111 -15.93 0.97 -1.18
CA THR A 111 -16.39 -0.25 -1.84
C THR A 111 -17.91 -0.28 -1.94
N THR A 112 -18.42 -0.07 -3.15
CA THR A 112 -19.87 -0.08 -3.38
C THR A 112 -20.51 -1.32 -2.77
N GLU A 113 -21.84 -1.32 -2.71
CA GLU A 113 -22.58 -2.45 -2.15
C GLU A 113 -23.17 -3.31 -3.26
N GLU A 114 -23.71 -2.65 -4.28
CA GLU A 114 -24.31 -3.36 -5.41
C GLU A 114 -23.29 -4.23 -6.12
N SER A 115 -23.62 -5.51 -6.29
CA SER A 115 -22.71 -6.45 -6.95
C SER A 115 -23.01 -6.52 -8.45
N GLY A 116 -22.06 -6.07 -9.25
CA GLY A 116 -22.23 -6.09 -10.69
C GLY A 116 -20.91 -6.03 -11.44
N PRO A 117 -20.27 -7.20 -11.62
CA PRO A 117 -18.99 -7.29 -12.33
C PRO A 117 -19.13 -7.03 -13.82
N SER A 118 -18.31 -6.11 -14.33
CA SER A 118 -18.34 -5.76 -15.74
C SER A 118 -16.99 -6.03 -16.40
N SER A 119 -17.03 -6.43 -17.67
CA SER A 119 -15.82 -6.74 -18.41
C SER A 119 -15.80 -6.00 -19.75
N GLY A 120 -14.61 -5.92 -20.35
CA GLY A 120 -14.48 -5.23 -21.62
C GLY A 120 -15.39 -5.80 -22.70
N GLY A 1 38.74 1.28 1.47
CA GLY A 1 38.80 -0.16 1.59
C GLY A 1 37.48 -0.77 2.04
N SER A 2 36.62 -1.06 1.07
CA SER A 2 35.31 -1.64 1.38
C SER A 2 35.46 -3.08 1.85
N SER A 3 35.25 -3.30 3.14
CA SER A 3 35.36 -4.64 3.72
C SER A 3 34.01 -5.35 3.70
N GLY A 4 33.00 -4.70 4.26
CA GLY A 4 31.67 -5.29 4.29
C GLY A 4 30.60 -4.29 4.70
N SER A 5 29.85 -3.80 3.72
CA SER A 5 28.79 -2.84 3.98
C SER A 5 27.65 -3.47 4.77
N SER A 6 26.84 -2.64 5.40
CA SER A 6 25.71 -3.11 6.19
C SER A 6 24.45 -2.33 5.86
N GLY A 7 24.56 -1.00 5.87
CA GLY A 7 23.41 -0.17 5.56
C GLY A 7 23.72 1.31 5.73
N ARG A 8 24.03 1.98 4.63
CA ARG A 8 24.35 3.40 4.66
C ARG A 8 23.25 4.22 3.98
N GLN A 9 23.01 3.93 2.71
CA GLN A 9 21.99 4.64 1.95
C GLN A 9 20.60 4.41 2.55
N VAL A 10 20.51 3.44 3.47
CA VAL A 10 19.26 3.12 4.11
C VAL A 10 18.51 4.38 4.54
N GLN A 11 19.06 5.07 5.55
CA GLN A 11 18.45 6.30 6.05
C GLN A 11 18.87 7.49 5.20
N LYS A 12 19.23 7.23 3.95
CA LYS A 12 19.65 8.29 3.04
C LYS A 12 18.74 8.35 1.81
N GLU A 13 18.09 7.23 1.52
CA GLU A 13 17.18 7.15 0.38
C GLU A 13 15.76 6.87 0.83
N LEU A 14 15.62 5.99 1.81
CA LEU A 14 14.31 5.63 2.33
C LEU A 14 13.35 6.81 2.31
N GLY A 15 13.63 7.80 3.15
CA GLY A 15 12.78 8.99 3.20
C GLY A 15 12.93 9.86 1.97
N ASP A 16 14.17 10.00 1.50
CA ASP A 16 14.43 10.82 0.32
C ASP A 16 13.42 10.54 -0.79
N VAL A 17 13.50 9.34 -1.36
CA VAL A 17 12.58 8.94 -2.42
C VAL A 17 11.13 9.23 -2.04
N LEU A 18 10.38 9.78 -2.98
CA LEU A 18 8.98 10.10 -2.74
C LEU A 18 8.06 9.05 -3.38
N VAL A 19 7.00 8.68 -2.65
CA VAL A 19 6.05 7.70 -3.13
C VAL A 19 4.72 8.35 -3.50
N ARG A 20 4.29 8.13 -4.73
CA ARG A 20 3.02 8.70 -5.20
C ARG A 20 1.96 7.61 -5.36
N LEU A 21 0.93 7.68 -4.52
CA LEU A 21 -0.16 6.71 -4.55
C LEU A 21 -1.31 7.20 -5.41
N HIS A 22 -1.80 6.34 -6.30
CA HIS A 22 -2.90 6.70 -7.19
C HIS A 22 -4.21 6.13 -6.66
N ASN A 23 -5.30 6.88 -6.87
CA ASN A 23 -6.61 6.45 -6.41
C ASN A 23 -6.80 4.95 -6.60
N PRO A 24 -7.09 4.25 -5.49
CA PRO A 24 -7.30 2.80 -5.51
C PRO A 24 -8.59 2.40 -6.22
N VAL A 25 -8.51 2.23 -7.53
CA VAL A 25 -9.67 1.84 -8.33
C VAL A 25 -10.39 0.65 -7.71
N VAL A 26 -11.66 0.85 -7.35
CA VAL A 26 -12.45 -0.22 -6.75
C VAL A 26 -13.01 -1.15 -7.82
N LEU A 27 -12.41 -2.33 -7.95
CA LEU A 27 -12.84 -3.31 -8.93
C LEU A 27 -14.08 -4.06 -8.44
N THR A 28 -14.01 -4.57 -7.21
CA THR A 28 -15.12 -5.30 -6.62
C THR A 28 -15.28 -4.96 -5.15
N PRO A 29 -16.48 -5.22 -4.61
CA PRO A 29 -16.81 -4.95 -3.20
C PRO A 29 -16.07 -5.89 -2.25
N THR A 30 -15.25 -6.77 -2.83
CA THR A 30 -14.49 -7.73 -2.03
C THR A 30 -12.99 -7.59 -2.29
N THR A 31 -12.65 -6.98 -3.41
CA THR A 31 -11.25 -6.79 -3.79
C THR A 31 -11.04 -5.44 -4.46
N VAL A 32 -9.90 -4.80 -4.18
CA VAL A 32 -9.58 -3.51 -4.76
C VAL A 32 -8.14 -3.48 -5.27
N GLN A 33 -7.95 -2.83 -6.42
CA GLN A 33 -6.63 -2.73 -7.02
C GLN A 33 -5.88 -1.51 -6.48
N VAL A 34 -4.65 -1.73 -6.04
CA VAL A 34 -3.82 -0.66 -5.50
C VAL A 34 -2.60 -0.41 -6.38
N THR A 35 -2.34 0.86 -6.68
CA THR A 35 -1.21 1.24 -7.52
C THR A 35 -0.43 2.39 -6.89
N TRP A 36 0.86 2.45 -7.19
CA TRP A 36 1.72 3.50 -6.66
C TRP A 36 3.00 3.62 -7.47
N THR A 37 3.59 4.81 -7.48
CA THR A 37 4.83 5.05 -8.22
C THR A 37 5.92 5.60 -7.31
N VAL A 38 7.16 5.54 -7.78
CA VAL A 38 8.29 6.03 -7.00
C VAL A 38 9.33 6.70 -7.91
N ASP A 39 9.53 8.00 -7.70
CA ASP A 39 10.50 8.75 -8.50
C ASP A 39 11.82 8.00 -8.60
N ARG A 40 12.26 7.43 -7.48
CA ARG A 40 13.51 6.68 -7.45
C ARG A 40 13.28 5.23 -7.01
N GLN A 41 14.21 4.35 -7.35
CA GLN A 41 14.10 2.95 -7.00
C GLN A 41 15.22 2.54 -6.05
N PRO A 42 14.88 2.43 -4.75
CA PRO A 42 15.85 2.04 -3.71
C PRO A 42 16.27 0.59 -3.82
N GLN A 43 17.57 0.34 -3.73
CA GLN A 43 18.10 -1.02 -3.83
C GLN A 43 18.03 -1.72 -2.48
N PHE A 44 18.43 -1.02 -1.43
CA PHE A 44 18.42 -1.57 -0.08
C PHE A 44 17.04 -2.10 0.28
N ILE A 45 16.00 -1.45 -0.26
CA ILE A 45 14.63 -1.86 0.00
C ILE A 45 14.47 -3.37 -0.12
N GLN A 46 13.33 -3.88 0.34
CA GLN A 46 13.05 -5.31 0.29
C GLN A 46 11.73 -5.58 -0.41
N GLY A 47 10.73 -4.72 -0.16
CA GLY A 47 9.43 -4.89 -0.77
C GLY A 47 8.57 -3.66 -0.61
N TYR A 48 7.25 -3.87 -0.53
CA TYR A 48 6.30 -2.77 -0.37
C TYR A 48 5.11 -3.19 0.48
N ARG A 49 5.06 -2.68 1.70
CA ARG A 49 3.97 -3.01 2.62
C ARG A 49 2.77 -2.10 2.38
N VAL A 50 1.62 -2.71 2.14
CA VAL A 50 0.39 -1.94 1.89
C VAL A 50 -0.55 -2.02 3.09
N MET A 51 -0.44 -1.05 3.98
CA MET A 51 -1.29 -1.00 5.16
C MET A 51 -2.72 -0.61 4.81
N TYR A 52 -3.68 -1.39 5.27
CA TYR A 52 -5.09 -1.13 4.99
C TYR A 52 -5.96 -1.51 6.19
N ARG A 53 -7.10 -0.83 6.32
CA ARG A 53 -8.03 -1.09 7.42
C ARG A 53 -9.44 -0.62 7.06
N GLN A 54 -10.38 -0.86 7.98
CA GLN A 54 -11.76 -0.45 7.76
C GLN A 54 -12.08 0.82 8.54
N THR A 55 -12.88 1.69 7.93
CA THR A 55 -13.27 2.94 8.57
C THR A 55 -14.59 2.79 9.31
N SER A 56 -15.53 2.07 8.71
CA SER A 56 -16.84 1.86 9.32
C SER A 56 -17.18 0.38 9.35
N GLY A 57 -18.35 0.06 9.91
CA GLY A 57 -18.78 -1.31 9.99
C GLY A 57 -18.47 -1.95 11.33
N LEU A 58 -17.95 -3.17 11.30
CA LEU A 58 -17.60 -3.89 12.53
C LEU A 58 -16.10 -3.86 12.75
N GLN A 59 -15.33 -4.23 11.73
CA GLN A 59 -13.88 -4.24 11.81
C GLN A 59 -13.30 -2.85 11.57
N ALA A 60 -14.02 -1.83 12.01
CA ALA A 60 -13.58 -0.46 11.84
C ALA A 60 -12.71 0.00 13.02
N THR A 61 -11.69 0.79 12.73
CA THR A 61 -10.79 1.29 13.75
C THR A 61 -10.50 0.23 14.80
N SER A 62 -10.59 -1.04 14.39
CA SER A 62 -10.34 -2.15 15.30
C SER A 62 -8.85 -2.49 15.35
N SER A 63 -8.23 -2.60 14.17
CA SER A 63 -6.82 -2.92 14.09
C SER A 63 -6.32 -2.82 12.65
N TRP A 64 -5.23 -2.07 12.45
CA TRP A 64 -4.67 -1.88 11.13
C TRP A 64 -4.07 -3.18 10.60
N GLN A 65 -3.82 -3.24 9.31
CA GLN A 65 -3.24 -4.43 8.68
C GLN A 65 -2.10 -4.06 7.75
N ASN A 66 -1.50 -5.08 7.12
CA ASN A 66 -0.40 -4.85 6.19
C ASN A 66 -0.26 -6.03 5.23
N LEU A 67 -0.02 -5.73 3.95
CA LEU A 67 0.15 -6.76 2.94
C LEU A 67 1.56 -6.74 2.37
N ASP A 68 2.40 -7.64 2.86
CA ASP A 68 3.78 -7.73 2.40
C ASP A 68 3.84 -8.24 0.96
N ALA A 69 4.11 -7.33 0.02
CA ALA A 69 4.19 -7.70 -1.39
C ALA A 69 5.24 -8.79 -1.61
N LYS A 70 6.29 -8.76 -0.81
CA LYS A 70 7.36 -9.74 -0.92
C LYS A 70 8.04 -9.66 -2.29
N VAL A 71 8.03 -8.48 -2.89
CA VAL A 71 8.63 -8.27 -4.19
C VAL A 71 8.75 -6.78 -4.52
N PRO A 72 10.00 -6.29 -4.58
CA PRO A 72 10.28 -4.88 -4.88
C PRO A 72 9.96 -4.52 -6.33
N THR A 73 9.84 -5.53 -7.17
CA THR A 73 9.52 -5.33 -8.58
C THR A 73 8.03 -5.29 -8.81
N GLU A 74 7.28 -4.95 -7.77
CA GLU A 74 5.82 -4.88 -7.87
C GLU A 74 5.31 -3.56 -7.28
N ARG A 75 4.72 -2.73 -8.14
CA ARG A 75 4.19 -1.45 -7.72
C ARG A 75 2.66 -1.46 -7.70
N SER A 76 2.10 -2.64 -7.45
CA SER A 76 0.65 -2.80 -7.41
C SER A 76 0.26 -4.02 -6.57
N ALA A 77 -0.68 -3.81 -5.65
CA ALA A 77 -1.15 -4.88 -4.78
C ALA A 77 -2.67 -5.03 -4.87
N VAL A 78 -3.15 -6.25 -4.65
CA VAL A 78 -4.58 -6.53 -4.69
C VAL A 78 -5.10 -7.00 -3.34
N LEU A 79 -5.72 -6.09 -2.60
CA LEU A 79 -6.26 -6.40 -1.29
C LEU A 79 -7.59 -7.15 -1.41
N VAL A 80 -7.56 -8.44 -1.08
CA VAL A 80 -8.76 -9.26 -1.16
C VAL A 80 -9.40 -9.42 0.22
N ASN A 81 -10.47 -10.21 0.28
CA ASN A 81 -11.18 -10.44 1.54
C ASN A 81 -11.50 -9.12 2.24
N LEU A 82 -12.16 -8.23 1.51
CA LEU A 82 -12.53 -6.92 2.05
C LEU A 82 -14.04 -6.85 2.30
N LYS A 83 -14.46 -5.86 3.07
CA LYS A 83 -15.87 -5.67 3.39
C LYS A 83 -16.57 -4.89 2.28
N LYS A 84 -17.87 -5.15 2.12
CA LYS A 84 -18.66 -4.47 1.10
C LYS A 84 -19.57 -3.43 1.72
N GLY A 85 -19.60 -2.24 1.12
CA GLY A 85 -20.44 -1.16 1.63
C GLY A 85 -19.76 -0.35 2.71
N VAL A 86 -18.45 -0.13 2.54
CA VAL A 86 -17.68 0.64 3.50
C VAL A 86 -16.37 1.13 2.88
N THR A 87 -15.81 2.18 3.48
CA THR A 87 -14.55 2.75 3.00
C THR A 87 -13.35 2.00 3.54
N TYR A 88 -12.21 2.15 2.89
CA TYR A 88 -10.99 1.49 3.32
C TYR A 88 -9.76 2.37 3.06
N GLU A 89 -9.11 2.79 4.14
CA GLU A 89 -7.93 3.64 4.03
C GLU A 89 -6.68 2.81 3.76
N ILE A 90 -5.95 3.16 2.70
CA ILE A 90 -4.75 2.45 2.32
C ILE A 90 -3.63 3.42 1.93
N LYS A 91 -2.39 3.04 2.23
CA LYS A 91 -1.24 3.87 1.92
C LYS A 91 0.00 3.02 1.69
N VAL A 92 0.81 3.39 0.70
CA VAL A 92 2.03 2.66 0.38
C VAL A 92 3.21 3.22 1.16
N ARG A 93 4.08 2.32 1.61
CA ARG A 93 5.26 2.72 2.37
C ARG A 93 6.44 1.79 2.08
N PRO A 94 7.49 2.34 1.47
CA PRO A 94 8.70 1.57 1.12
C PRO A 94 9.50 1.17 2.35
N TYR A 95 9.42 -0.12 2.70
CA TYR A 95 10.14 -0.63 3.86
C TYR A 95 11.35 -1.46 3.43
N PHE A 96 12.34 -1.55 4.30
CA PHE A 96 13.56 -2.31 4.02
C PHE A 96 13.65 -3.55 4.92
N ASN A 97 13.70 -3.31 6.23
CA ASN A 97 13.80 -4.40 7.18
C ASN A 97 12.71 -4.28 8.25
N GLU A 98 12.86 -3.29 9.13
CA GLU A 98 11.89 -3.07 10.20
C GLU A 98 11.26 -1.68 10.07
N PHE A 99 12.03 -0.72 9.59
CA PHE A 99 11.55 0.65 9.42
C PHE A 99 10.77 0.79 8.12
N GLN A 100 9.92 1.81 8.07
CA GLN A 100 9.11 2.06 6.87
C GLN A 100 9.32 3.48 6.37
N GLY A 101 9.51 3.62 5.05
CA GLY A 101 9.71 4.92 4.46
C GLY A 101 8.47 5.77 4.49
N MET A 102 8.64 7.07 4.27
CA MET A 102 7.51 8.00 4.28
C MET A 102 6.26 7.35 3.69
N ASP A 103 5.11 7.66 4.28
CA ASP A 103 3.85 7.09 3.81
C ASP A 103 3.19 8.02 2.79
N SER A 104 2.74 7.43 1.68
CA SER A 104 2.10 8.21 0.61
C SER A 104 0.74 8.72 1.07
N GLU A 105 0.16 9.61 0.27
CA GLU A 105 -1.14 10.19 0.58
C GLU A 105 -2.18 9.10 0.81
N SER A 106 -2.59 8.90 2.05
CA SER A 106 -3.58 7.88 2.39
C SER A 106 -4.85 8.08 1.57
N LYS A 107 -5.13 7.13 0.68
CA LYS A 107 -6.30 7.18 -0.16
C LYS A 107 -7.41 6.27 0.38
N THR A 108 -8.64 6.79 0.41
CA THR A 108 -9.77 6.02 0.91
C THR A 108 -10.59 5.45 -0.24
N VAL A 109 -10.84 4.13 -0.19
CA VAL A 109 -11.62 3.46 -1.22
C VAL A 109 -12.99 3.03 -0.69
N ARG A 110 -14.04 3.49 -1.37
CA ARG A 110 -15.40 3.17 -0.97
C ARG A 110 -15.92 1.96 -1.76
N THR A 111 -15.96 0.81 -1.11
CA THR A 111 -16.43 -0.41 -1.75
C THR A 111 -17.96 -0.42 -1.86
N THR A 112 -18.45 -0.21 -3.07
CA THR A 112 -19.90 -0.20 -3.32
C THR A 112 -20.57 -1.42 -2.71
N GLU A 113 -21.88 -1.37 -2.59
CA GLU A 113 -22.65 -2.48 -2.04
C GLU A 113 -23.78 -2.89 -2.97
N GLU A 114 -23.96 -4.20 -3.13
CA GLU A 114 -25.02 -4.71 -4.00
C GLU A 114 -25.06 -3.95 -5.31
N SER A 115 -23.89 -3.60 -5.84
CA SER A 115 -23.80 -2.85 -7.09
C SER A 115 -24.46 -3.63 -8.22
N GLY A 116 -25.41 -2.98 -8.90
CA GLY A 116 -26.10 -3.62 -10.00
C GLY A 116 -25.15 -4.31 -10.97
N PRO A 117 -25.10 -5.65 -10.90
CA PRO A 117 -24.23 -6.46 -11.75
C PRO A 117 -24.69 -6.45 -13.21
N SER A 118 -23.98 -5.69 -14.04
CA SER A 118 -24.31 -5.59 -15.46
C SER A 118 -23.15 -5.02 -16.25
N SER A 119 -22.95 -5.55 -17.46
CA SER A 119 -21.87 -5.09 -18.31
C SER A 119 -22.40 -4.60 -19.66
N GLY A 120 -21.96 -3.42 -20.07
CA GLY A 120 -22.41 -2.86 -21.33
C GLY A 120 -22.52 -3.91 -22.42
N GLY A 1 23.89 4.60 -10.78
CA GLY A 1 24.36 3.77 -9.69
C GLY A 1 25.66 4.28 -9.10
N SER A 2 26.12 3.60 -8.05
CA SER A 2 27.37 3.99 -7.38
C SER A 2 27.90 2.85 -6.52
N SER A 3 29.13 3.01 -6.03
CA SER A 3 29.76 2.00 -5.20
C SER A 3 29.08 1.93 -3.84
N GLY A 4 28.22 0.94 -3.66
CA GLY A 4 27.52 0.77 -2.40
C GLY A 4 26.74 -0.53 -2.33
N SER A 5 27.04 -1.35 -1.33
CA SER A 5 26.36 -2.63 -1.16
C SER A 5 25.66 -2.69 0.20
N SER A 6 26.39 -2.38 1.26
CA SER A 6 25.84 -2.41 2.61
C SER A 6 24.78 -1.33 2.78
N GLY A 7 23.84 -1.57 3.68
CA GLY A 7 22.78 -0.60 3.93
C GLY A 7 23.29 0.65 4.63
N ARG A 8 23.97 1.51 3.88
CA ARG A 8 24.52 2.74 4.43
C ARG A 8 23.65 3.94 4.04
N GLN A 9 23.36 4.06 2.75
CA GLN A 9 22.55 5.16 2.25
C GLN A 9 21.07 4.84 2.37
N VAL A 10 20.75 3.82 3.17
CA VAL A 10 19.36 3.41 3.37
C VAL A 10 18.58 4.48 4.13
N GLN A 11 19.20 5.01 5.20
CA GLN A 11 18.56 6.04 6.01
C GLN A 11 18.58 7.38 5.30
N LYS A 12 19.14 7.40 4.10
CA LYS A 12 19.23 8.63 3.31
C LYS A 12 18.18 8.65 2.21
N GLU A 13 18.25 7.67 1.31
CA GLU A 13 17.31 7.58 0.20
C GLU A 13 15.90 7.26 0.72
N LEU A 14 15.82 6.31 1.65
CA LEU A 14 14.55 5.90 2.22
C LEU A 14 13.60 7.08 2.32
N GLY A 15 13.98 8.10 3.10
CA GLY A 15 13.15 9.27 3.25
C GLY A 15 13.12 10.13 2.01
N ASP A 16 14.29 10.36 1.43
CA ASP A 16 14.40 11.18 0.22
C ASP A 16 13.31 10.81 -0.78
N VAL A 17 13.42 9.61 -1.35
CA VAL A 17 12.44 9.15 -2.32
C VAL A 17 11.01 9.36 -1.83
N LEU A 18 10.12 9.69 -2.75
CA LEU A 18 8.72 9.92 -2.40
C LEU A 18 7.81 8.96 -3.15
N VAL A 19 6.86 8.36 -2.43
CA VAL A 19 5.92 7.42 -3.02
C VAL A 19 4.57 8.09 -3.29
N ARG A 20 4.02 7.82 -4.47
CA ARG A 20 2.73 8.40 -4.86
C ARG A 20 1.69 7.30 -5.02
N LEU A 21 0.63 7.39 -4.22
CA LEU A 21 -0.45 6.41 -4.28
C LEU A 21 -1.60 6.91 -5.15
N HIS A 22 -1.91 6.15 -6.20
CA HIS A 22 -2.98 6.52 -7.11
C HIS A 22 -4.32 5.98 -6.62
N ASN A 23 -5.39 6.71 -6.92
CA ASN A 23 -6.73 6.31 -6.49
C ASN A 23 -6.91 4.81 -6.65
N PRO A 24 -7.24 4.13 -5.54
CA PRO A 24 -7.46 2.68 -5.52
C PRO A 24 -8.73 2.28 -6.25
N VAL A 25 -8.59 1.98 -7.54
CA VAL A 25 -9.74 1.58 -8.35
C VAL A 25 -10.47 0.40 -7.73
N VAL A 26 -11.71 0.63 -7.31
CA VAL A 26 -12.51 -0.42 -6.68
C VAL A 26 -13.05 -1.38 -7.74
N LEU A 27 -12.49 -2.58 -7.79
CA LEU A 27 -12.91 -3.60 -8.75
C LEU A 27 -14.14 -4.35 -8.24
N THR A 28 -14.16 -4.64 -6.94
CA THR A 28 -15.27 -5.35 -6.33
C THR A 28 -15.46 -4.93 -4.88
N PRO A 29 -16.66 -5.18 -4.34
CA PRO A 29 -17.01 -4.83 -2.96
C PRO A 29 -16.27 -5.68 -1.94
N THR A 30 -15.42 -6.58 -2.44
CA THR A 30 -14.65 -7.46 -1.57
C THR A 30 -13.16 -7.40 -1.91
N THR A 31 -12.83 -6.73 -3.01
CA THR A 31 -11.45 -6.59 -3.43
C THR A 31 -11.20 -5.23 -4.08
N VAL A 32 -9.97 -4.73 -3.95
CA VAL A 32 -9.61 -3.44 -4.51
C VAL A 32 -8.15 -3.43 -4.97
N GLN A 33 -7.91 -2.84 -6.14
CA GLN A 33 -6.56 -2.76 -6.68
C GLN A 33 -5.81 -1.56 -6.13
N VAL A 34 -4.54 -1.76 -5.78
CA VAL A 34 -3.73 -0.69 -5.23
C VAL A 34 -2.46 -0.49 -6.06
N THR A 35 -2.28 0.72 -6.59
CA THR A 35 -1.12 1.04 -7.41
C THR A 35 -0.45 2.32 -6.92
N TRP A 36 0.88 2.35 -7.00
CA TRP A 36 1.65 3.52 -6.57
C TRP A 36 2.88 3.71 -7.45
N THR A 37 3.64 4.76 -7.16
CA THR A 37 4.85 5.05 -7.93
C THR A 37 5.92 5.68 -7.03
N VAL A 38 7.14 5.76 -7.55
CA VAL A 38 8.25 6.35 -6.80
C VAL A 38 9.25 7.03 -7.74
N ASP A 39 9.49 8.30 -7.49
CA ASP A 39 10.42 9.08 -8.31
C ASP A 39 11.75 8.33 -8.47
N ARG A 40 12.37 7.99 -7.34
CA ARG A 40 13.64 7.28 -7.35
C ARG A 40 13.51 5.93 -6.65
N GLN A 41 13.17 4.91 -7.43
CA GLN A 41 13.01 3.56 -6.88
C GLN A 41 14.26 3.13 -6.13
N PRO A 42 14.11 2.89 -4.81
CA PRO A 42 15.21 2.47 -3.95
C PRO A 42 15.68 1.06 -4.26
N GLN A 43 16.99 0.87 -4.28
CA GLN A 43 17.57 -0.45 -4.57
C GLN A 43 17.62 -1.31 -3.31
N PHE A 44 18.13 -0.73 -2.22
CA PHE A 44 18.24 -1.43 -0.95
C PHE A 44 16.88 -2.00 -0.53
N ILE A 45 15.83 -1.23 -0.77
CA ILE A 45 14.48 -1.67 -0.42
C ILE A 45 14.33 -3.18 -0.56
N GLN A 46 13.60 -3.77 0.38
CA GLN A 46 13.38 -5.22 0.35
C GLN A 46 11.99 -5.55 -0.20
N GLY A 47 11.03 -4.66 0.04
CA GLY A 47 9.68 -4.88 -0.44
C GLY A 47 8.76 -3.73 -0.10
N TYR A 48 7.46 -4.03 -0.02
CA TYR A 48 6.47 -3.01 0.29
C TYR A 48 5.36 -3.58 1.17
N ARG A 49 5.13 -2.94 2.32
CA ARG A 49 4.11 -3.39 3.25
C ARG A 49 2.80 -2.62 3.04
N VAL A 50 1.98 -3.13 2.12
CA VAL A 50 0.70 -2.49 1.83
C VAL A 50 -0.27 -2.60 3.00
N MET A 51 -0.27 -1.59 3.86
CA MET A 51 -1.15 -1.58 5.02
C MET A 51 -2.53 -1.02 4.66
N TYR A 52 -3.56 -1.59 5.26
CA TYR A 52 -4.93 -1.16 5.01
C TYR A 52 -5.82 -1.42 6.21
N ARG A 53 -6.89 -0.65 6.33
CA ARG A 53 -7.83 -0.79 7.44
C ARG A 53 -9.17 -0.16 7.10
N GLN A 54 -10.20 -0.52 7.86
CA GLN A 54 -11.54 0.02 7.65
C GLN A 54 -11.67 1.40 8.25
N THR A 55 -12.64 2.18 7.75
CA THR A 55 -12.87 3.53 8.24
C THR A 55 -14.11 3.57 9.14
N SER A 56 -15.14 2.84 8.76
CA SER A 56 -16.38 2.81 9.53
C SER A 56 -16.97 1.40 9.56
N GLY A 57 -17.96 1.20 10.41
CA GLY A 57 -18.59 -0.11 10.53
C GLY A 57 -18.22 -0.81 11.82
N LEU A 58 -17.73 -2.04 11.71
CA LEU A 58 -17.35 -2.83 12.88
C LEU A 58 -15.84 -2.85 13.04
N GLN A 59 -15.14 -3.22 11.96
CA GLN A 59 -13.69 -3.30 11.99
C GLN A 59 -13.07 -1.92 11.72
N ALA A 60 -13.82 -0.87 12.04
CA ALA A 60 -13.35 0.49 11.82
C ALA A 60 -12.26 0.87 12.82
N THR A 61 -11.15 1.39 12.33
CA THR A 61 -10.03 1.79 13.18
C THR A 61 -9.81 0.77 14.30
N SER A 62 -10.23 -0.47 14.06
CA SER A 62 -10.07 -1.53 15.05
C SER A 62 -8.65 -2.08 15.05
N SER A 63 -8.20 -2.54 13.88
CA SER A 63 -6.87 -3.10 13.74
C SER A 63 -6.36 -2.96 12.30
N TRP A 64 -5.12 -2.49 12.17
CA TRP A 64 -4.52 -2.30 10.85
C TRP A 64 -4.07 -3.64 10.27
N GLN A 65 -3.86 -3.66 8.96
CA GLN A 65 -3.43 -4.88 8.28
C GLN A 65 -2.07 -4.66 7.61
N ASN A 66 -1.60 -5.69 6.90
CA ASN A 66 -0.32 -5.62 6.21
C ASN A 66 -0.21 -6.70 5.14
N LEU A 67 0.09 -6.28 3.91
CA LEU A 67 0.21 -7.21 2.80
C LEU A 67 1.57 -7.07 2.11
N ASP A 68 2.50 -7.95 2.47
CA ASP A 68 3.84 -7.92 1.89
C ASP A 68 3.81 -8.35 0.44
N ALA A 69 4.36 -7.51 -0.44
CA ALA A 69 4.40 -7.81 -1.87
C ALA A 69 5.55 -8.76 -2.20
N LYS A 70 6.45 -8.93 -1.25
CA LYS A 70 7.60 -9.81 -1.45
C LYS A 70 8.23 -9.59 -2.81
N VAL A 71 8.11 -8.38 -3.32
CA VAL A 71 8.67 -8.03 -4.63
C VAL A 71 9.02 -6.55 -4.71
N PRO A 72 10.33 -6.25 -4.62
CA PRO A 72 10.83 -4.87 -4.68
C PRO A 72 10.68 -4.26 -6.07
N THR A 73 10.07 -5.01 -6.99
CA THR A 73 9.86 -4.53 -8.34
C THR A 73 8.38 -4.42 -8.66
N GLU A 74 7.54 -4.70 -7.66
CA GLU A 74 6.10 -4.62 -7.84
C GLU A 74 5.53 -3.39 -7.13
N ARG A 75 4.98 -2.46 -7.91
CA ARG A 75 4.42 -1.24 -7.37
C ARG A 75 2.88 -1.31 -7.36
N SER A 76 2.36 -2.52 -7.21
CA SER A 76 0.92 -2.73 -7.19
C SER A 76 0.56 -3.96 -6.36
N ALA A 77 -0.70 -4.03 -5.92
CA ALA A 77 -1.17 -5.15 -5.12
C ALA A 77 -2.70 -5.17 -5.05
N VAL A 78 -3.24 -6.25 -4.52
CA VAL A 78 -4.69 -6.40 -4.40
C VAL A 78 -5.08 -6.81 -2.98
N LEU A 79 -6.07 -6.13 -2.42
CA LEU A 79 -6.54 -6.42 -1.07
C LEU A 79 -7.86 -7.19 -1.11
N VAL A 80 -7.81 -8.44 -0.68
CA VAL A 80 -9.00 -9.29 -0.66
C VAL A 80 -9.58 -9.39 0.75
N ASN A 81 -10.78 -9.96 0.84
CA ASN A 81 -11.44 -10.12 2.13
C ASN A 81 -11.75 -8.77 2.76
N LEU A 82 -12.46 -7.92 2.00
CA LEU A 82 -12.83 -6.60 2.48
C LEU A 82 -14.32 -6.52 2.78
N LYS A 83 -14.74 -5.42 3.38
CA LYS A 83 -16.14 -5.21 3.72
C LYS A 83 -16.90 -4.56 2.56
N LYS A 84 -18.20 -4.83 2.48
CA LYS A 84 -19.03 -4.27 1.42
C LYS A 84 -19.81 -3.06 1.93
N GLY A 85 -19.75 -1.97 1.16
CA GLY A 85 -20.45 -0.76 1.55
C GLY A 85 -19.75 -0.01 2.67
N VAL A 86 -18.48 0.32 2.45
CA VAL A 86 -17.71 1.04 3.45
C VAL A 86 -16.40 1.55 2.86
N THR A 87 -15.93 2.69 3.37
CA THR A 87 -14.69 3.29 2.89
C THR A 87 -13.48 2.62 3.53
N TYR A 88 -12.40 2.48 2.76
CA TYR A 88 -11.18 1.86 3.26
C TYR A 88 -9.96 2.72 2.93
N GLU A 89 -9.20 3.05 3.97
CA GLU A 89 -8.00 3.88 3.80
C GLU A 89 -6.76 3.01 3.66
N ILE A 90 -6.08 3.12 2.53
CA ILE A 90 -4.87 2.35 2.27
C ILE A 90 -3.74 3.24 1.80
N LYS A 91 -2.52 2.89 2.18
CA LYS A 91 -1.34 3.66 1.79
C LYS A 91 -0.16 2.74 1.48
N VAL A 92 0.94 3.32 1.03
CA VAL A 92 2.13 2.55 0.69
C VAL A 92 3.39 3.20 1.27
N ARG A 93 4.28 2.37 1.78
CA ARG A 93 5.53 2.87 2.36
C ARG A 93 6.68 1.90 2.10
N PRO A 94 7.73 2.40 1.44
CA PRO A 94 8.92 1.59 1.12
C PRO A 94 9.73 1.24 2.36
N TYR A 95 9.61 -0.01 2.81
CA TYR A 95 10.35 -0.48 3.97
C TYR A 95 11.48 -1.41 3.58
N PHE A 96 12.59 -1.33 4.30
CA PHE A 96 13.74 -2.17 4.02
C PHE A 96 13.79 -3.37 4.97
N ASN A 97 13.90 -3.10 6.26
CA ASN A 97 13.94 -4.14 7.27
C ASN A 97 12.85 -3.95 8.31
N GLU A 98 12.97 -2.90 9.11
CA GLU A 98 11.99 -2.61 10.14
C GLU A 98 11.41 -1.21 9.97
N PHE A 99 12.22 -0.31 9.40
CA PHE A 99 11.78 1.07 9.17
C PHE A 99 10.97 1.17 7.89
N GLN A 100 10.17 2.22 7.78
CA GLN A 100 9.35 2.45 6.61
C GLN A 100 9.51 3.87 6.08
N GLY A 101 9.75 4.00 4.78
CA GLY A 101 9.92 5.31 4.18
C GLY A 101 8.71 6.19 4.36
N MET A 102 8.79 7.42 3.86
CA MET A 102 7.69 8.37 3.97
C MET A 102 6.41 7.80 3.36
N ASP A 103 5.49 7.40 4.22
CA ASP A 103 4.22 6.83 3.77
C ASP A 103 3.61 7.68 2.65
N SER A 104 2.96 7.02 1.70
CA SER A 104 2.34 7.71 0.58
C SER A 104 0.99 8.29 0.97
N GLU A 105 0.41 9.10 0.08
CA GLU A 105 -0.87 9.72 0.34
C GLU A 105 -1.95 8.67 0.61
N SER A 106 -2.58 8.76 1.78
CA SER A 106 -3.61 7.82 2.16
C SER A 106 -4.86 8.00 1.29
N LYS A 107 -5.11 7.04 0.42
CA LYS A 107 -6.27 7.10 -0.47
C LYS A 107 -7.43 6.27 0.09
N THR A 108 -8.63 6.82 0.03
CA THR A 108 -9.81 6.13 0.52
C THR A 108 -10.58 5.46 -0.62
N VAL A 109 -11.03 4.24 -0.38
CA VAL A 109 -11.79 3.49 -1.38
C VAL A 109 -13.18 3.12 -0.88
N ARG A 110 -14.20 3.56 -1.59
CA ARG A 110 -15.58 3.28 -1.20
C ARG A 110 -16.09 2.04 -1.93
N THR A 111 -16.28 0.95 -1.18
CA THR A 111 -16.77 -0.30 -1.73
C THR A 111 -18.28 -0.25 -1.94
N THR A 112 -18.70 -0.13 -3.19
CA THR A 112 -20.12 -0.07 -3.52
C THR A 112 -20.88 -1.20 -2.84
N GLU A 113 -22.21 -1.08 -2.84
CA GLU A 113 -23.06 -2.10 -2.21
C GLU A 113 -23.90 -2.82 -3.25
N GLU A 114 -24.69 -2.06 -4.00
CA GLU A 114 -25.55 -2.63 -5.03
C GLU A 114 -24.83 -2.65 -6.38
N SER A 115 -24.56 -3.85 -6.88
CA SER A 115 -23.87 -4.01 -8.16
C SER A 115 -24.65 -4.93 -9.08
N GLY A 116 -25.39 -4.34 -10.01
CA GLY A 116 -26.18 -5.14 -10.94
C GLY A 116 -26.71 -6.41 -10.31
N PRO A 117 -27.78 -6.27 -9.51
CA PRO A 117 -28.40 -7.40 -8.83
C PRO A 117 -29.14 -8.33 -9.79
N SER A 118 -28.80 -9.61 -9.76
CA SER A 118 -29.43 -10.59 -10.64
C SER A 118 -30.77 -11.03 -10.08
N SER A 119 -30.76 -11.53 -8.84
CA SER A 119 -31.97 -12.00 -8.19
C SER A 119 -33.13 -11.02 -8.42
N GLY A 120 -34.34 -11.55 -8.42
CA GLY A 120 -35.52 -10.72 -8.64
C GLY A 120 -36.29 -11.13 -9.87
N GLY A 1 30.94 6.44 -6.21
CA GLY A 1 30.99 5.03 -6.53
C GLY A 1 30.08 4.21 -5.63
N SER A 2 29.66 3.04 -6.12
CA SER A 2 28.77 2.18 -5.37
C SER A 2 29.37 0.78 -5.25
N SER A 3 30.07 0.53 -4.14
CA SER A 3 30.69 -0.77 -3.90
C SER A 3 29.80 -1.90 -4.41
N GLY A 4 28.57 -1.94 -3.91
CA GLY A 4 27.63 -2.97 -4.33
C GLY A 4 26.39 -3.02 -3.46
N SER A 5 26.35 -3.97 -2.54
CA SER A 5 25.21 -4.12 -1.64
C SER A 5 25.57 -3.70 -0.22
N SER A 6 24.93 -2.62 0.25
CA SER A 6 25.19 -2.12 1.59
C SER A 6 23.93 -1.49 2.18
N GLY A 7 24.01 -1.12 3.46
CA GLY A 7 22.87 -0.52 4.13
C GLY A 7 23.16 0.87 4.65
N ARG A 8 23.98 1.61 3.91
CA ARG A 8 24.36 2.97 4.31
C ARG A 8 23.40 3.99 3.70
N GLN A 9 23.12 3.85 2.42
CA GLN A 9 22.22 4.76 1.72
C GLN A 9 20.76 4.45 2.06
N VAL A 10 20.56 3.55 3.02
CA VAL A 10 19.22 3.16 3.42
C VAL A 10 18.51 4.31 4.13
N GLN A 11 19.21 4.95 5.05
CA GLN A 11 18.64 6.08 5.79
C GLN A 11 18.76 7.37 4.99
N LYS A 12 19.16 7.26 3.73
CA LYS A 12 19.32 8.42 2.86
C LYS A 12 18.32 8.37 1.71
N GLU A 13 18.30 7.25 0.99
CA GLU A 13 17.39 7.08 -0.14
C GLU A 13 15.97 6.80 0.35
N LEU A 14 15.85 5.93 1.35
CA LEU A 14 14.56 5.57 1.89
C LEU A 14 13.61 6.78 1.91
N GLY A 15 13.91 7.73 2.79
CA GLY A 15 13.08 8.92 2.88
C GLY A 15 13.13 9.77 1.62
N ASP A 16 14.32 10.21 1.25
CA ASP A 16 14.50 11.02 0.05
C ASP A 16 13.51 10.61 -1.04
N VAL A 17 13.37 9.31 -1.25
CA VAL A 17 12.46 8.79 -2.26
C VAL A 17 11.02 9.20 -1.97
N LEU A 18 10.32 9.62 -3.01
CA LEU A 18 8.92 10.04 -2.86
C LEU A 18 7.98 9.02 -3.48
N VAL A 19 6.97 8.61 -2.72
CA VAL A 19 6.00 7.63 -3.20
C VAL A 19 4.65 8.31 -3.49
N ARG A 20 4.31 8.39 -4.77
CA ARG A 20 3.06 9.00 -5.19
C ARG A 20 1.99 7.95 -5.40
N LEU A 21 1.16 7.72 -4.38
CA LEU A 21 0.09 6.73 -4.46
C LEU A 21 -1.05 7.24 -5.34
N HIS A 22 -1.49 6.38 -6.27
CA HIS A 22 -2.57 6.75 -7.17
C HIS A 22 -3.90 6.21 -6.66
N ASN A 23 -4.96 7.01 -6.83
CA ASN A 23 -6.29 6.61 -6.38
C ASN A 23 -6.49 5.10 -6.55
N PRO A 24 -6.83 4.42 -5.45
CA PRO A 24 -7.06 2.97 -5.45
C PRO A 24 -8.35 2.59 -6.19
N VAL A 25 -8.21 2.26 -7.47
CA VAL A 25 -9.35 1.88 -8.28
C VAL A 25 -10.10 0.69 -7.67
N VAL A 26 -11.40 0.83 -7.52
CA VAL A 26 -12.22 -0.23 -6.95
C VAL A 26 -12.77 -1.15 -8.03
N LEU A 27 -12.30 -2.39 -8.04
CA LEU A 27 -12.75 -3.37 -9.03
C LEU A 27 -14.03 -4.06 -8.57
N THR A 28 -14.00 -4.60 -7.35
CA THR A 28 -15.15 -5.30 -6.80
C THR A 28 -15.37 -4.91 -5.34
N PRO A 29 -16.58 -5.17 -4.83
CA PRO A 29 -16.95 -4.85 -3.45
C PRO A 29 -16.23 -5.75 -2.45
N THR A 30 -15.34 -6.61 -2.94
CA THR A 30 -14.59 -7.52 -2.09
C THR A 30 -13.10 -7.48 -2.43
N THR A 31 -12.71 -6.54 -3.28
CA THR A 31 -11.32 -6.40 -3.69
C THR A 31 -11.04 -5.01 -4.23
N VAL A 32 -9.77 -4.60 -4.18
CA VAL A 32 -9.37 -3.29 -4.68
C VAL A 32 -7.91 -3.30 -5.11
N GLN A 33 -7.65 -2.73 -6.29
CA GLN A 33 -6.28 -2.67 -6.82
C GLN A 33 -5.57 -1.41 -6.32
N VAL A 34 -4.39 -1.59 -5.75
CA VAL A 34 -3.60 -0.47 -5.25
C VAL A 34 -2.36 -0.24 -6.09
N THR A 35 -2.09 1.02 -6.41
CA THR A 35 -0.94 1.37 -7.22
C THR A 35 -0.18 2.55 -6.61
N TRP A 36 1.10 2.65 -6.94
CA TRP A 36 1.94 3.72 -6.41
C TRP A 36 3.23 3.86 -7.23
N THR A 37 3.65 5.10 -7.47
CA THR A 37 4.86 5.36 -8.23
C THR A 37 5.98 5.88 -7.33
N VAL A 38 7.21 5.74 -7.81
CA VAL A 38 8.37 6.19 -7.05
C VAL A 38 9.40 6.87 -7.95
N ASP A 39 9.75 8.10 -7.60
CA ASP A 39 10.72 8.86 -8.38
C ASP A 39 12.04 8.09 -8.53
N ARG A 40 12.58 7.65 -7.40
CA ARG A 40 13.82 6.89 -7.40
C ARG A 40 13.65 5.53 -6.73
N GLN A 41 13.37 4.52 -7.53
CA GLN A 41 13.18 3.17 -7.02
C GLN A 41 14.39 2.70 -6.22
N PRO A 42 14.19 2.48 -4.91
CA PRO A 42 15.25 2.03 -4.01
C PRO A 42 15.68 0.60 -4.29
N GLN A 43 16.99 0.37 -4.31
CA GLN A 43 17.52 -0.96 -4.57
C GLN A 43 17.61 -1.77 -3.28
N PHE A 44 18.09 -1.13 -2.22
CA PHE A 44 18.23 -1.79 -0.93
C PHE A 44 16.88 -2.28 -0.42
N ILE A 45 15.84 -1.47 -0.62
CA ILE A 45 14.50 -1.82 -0.18
C ILE A 45 14.24 -3.30 -0.36
N GLN A 46 13.59 -3.91 0.63
CA GLN A 46 13.27 -5.33 0.59
C GLN A 46 11.93 -5.57 -0.08
N GLY A 47 11.03 -4.59 0.04
CA GLY A 47 9.71 -4.72 -0.56
C GLY A 47 8.85 -3.50 -0.32
N TYR A 48 7.57 -3.73 -0.02
CA TYR A 48 6.63 -2.65 0.23
C TYR A 48 5.51 -3.11 1.15
N ARG A 49 5.33 -2.40 2.25
CA ARG A 49 4.28 -2.73 3.22
C ARG A 49 3.00 -1.98 2.91
N VAL A 50 1.97 -2.72 2.53
CA VAL A 50 0.68 -2.13 2.20
C VAL A 50 -0.32 -2.29 3.35
N MET A 51 -0.36 -1.31 4.24
CA MET A 51 -1.26 -1.35 5.39
C MET A 51 -2.64 -0.84 5.01
N TYR A 52 -3.67 -1.59 5.39
CA TYR A 52 -5.04 -1.23 5.08
C TYR A 52 -5.99 -1.62 6.22
N ARG A 53 -7.17 -1.01 6.24
CA ARG A 53 -8.15 -1.31 7.28
C ARG A 53 -9.46 -0.57 6.99
N GLN A 54 -10.48 -0.85 7.80
CA GLN A 54 -11.79 -0.22 7.63
C GLN A 54 -11.88 1.06 8.45
N THR A 55 -12.58 2.05 7.91
CA THR A 55 -12.74 3.33 8.58
C THR A 55 -14.10 3.41 9.28
N SER A 56 -15.15 3.00 8.58
CA SER A 56 -16.49 3.03 9.13
C SER A 56 -17.05 1.62 9.29
N GLY A 57 -17.69 1.37 10.43
CA GLY A 57 -18.26 0.06 10.69
C GLY A 57 -17.73 -0.56 11.97
N LEU A 58 -17.91 -1.87 12.11
CA LEU A 58 -17.46 -2.58 13.30
C LEU A 58 -15.97 -2.87 13.22
N GLN A 59 -15.54 -3.47 12.11
CA GLN A 59 -14.14 -3.79 11.90
C GLN A 59 -13.29 -2.53 11.81
N ALA A 60 -13.95 -1.39 11.77
CA ALA A 60 -13.25 -0.11 11.68
C ALA A 60 -12.45 0.17 12.95
N THR A 61 -11.40 0.97 12.81
CA THR A 61 -10.55 1.31 13.95
C THR A 61 -10.43 0.13 14.92
N SER A 62 -10.46 -1.08 14.38
CA SER A 62 -10.37 -2.28 15.19
C SER A 62 -8.92 -2.77 15.26
N SER A 63 -8.34 -3.05 14.10
CA SER A 63 -6.97 -3.53 14.02
C SER A 63 -6.41 -3.35 12.61
N TRP A 64 -5.38 -2.52 12.50
CA TRP A 64 -4.75 -2.27 11.21
C TRP A 64 -4.08 -3.52 10.66
N GLN A 65 -4.16 -3.71 9.34
CA GLN A 65 -3.57 -4.87 8.70
C GLN A 65 -2.41 -4.46 7.79
N ASN A 66 -1.69 -5.46 7.29
CA ASN A 66 -0.54 -5.20 6.41
C ASN A 66 -0.36 -6.34 5.41
N LEU A 67 -0.23 -6.00 4.14
CA LEU A 67 -0.04 -6.99 3.09
C LEU A 67 1.37 -6.92 2.52
N ASP A 68 2.26 -7.75 3.05
CA ASP A 68 3.64 -7.79 2.59
C ASP A 68 3.73 -8.32 1.16
N ALA A 69 4.13 -7.46 0.23
CA ALA A 69 4.26 -7.84 -1.17
C ALA A 69 5.40 -8.83 -1.37
N LYS A 70 6.47 -8.65 -0.58
CA LYS A 70 7.63 -9.52 -0.69
C LYS A 70 8.24 -9.47 -2.08
N VAL A 71 8.31 -8.27 -2.65
CA VAL A 71 8.88 -8.09 -3.98
C VAL A 71 9.09 -6.62 -4.30
N PRO A 72 10.35 -6.19 -4.29
CA PRO A 72 10.72 -4.79 -4.58
C PRO A 72 10.49 -4.42 -6.04
N THR A 73 10.44 -5.43 -6.90
CA THR A 73 10.22 -5.21 -8.33
C THR A 73 8.74 -5.09 -8.65
N GLU A 74 7.93 -4.81 -7.62
CA GLU A 74 6.49 -4.67 -7.80
C GLU A 74 5.99 -3.40 -7.11
N ARG A 75 5.22 -2.60 -7.85
CA ARG A 75 4.67 -1.37 -7.30
C ARG A 75 3.15 -1.38 -7.36
N SER A 76 2.56 -2.58 -7.28
CA SER A 76 1.12 -2.72 -7.31
C SER A 76 0.68 -4.00 -6.60
N ALA A 77 -0.44 -3.92 -5.91
CA ALA A 77 -0.97 -5.08 -5.18
C ALA A 77 -2.50 -5.12 -5.26
N VAL A 78 -3.08 -6.14 -4.64
CA VAL A 78 -4.53 -6.29 -4.63
C VAL A 78 -5.02 -6.82 -3.28
N LEU A 79 -5.84 -6.02 -2.61
CA LEU A 79 -6.38 -6.41 -1.31
C LEU A 79 -7.69 -7.16 -1.47
N VAL A 80 -7.69 -8.45 -1.12
CA VAL A 80 -8.88 -9.28 -1.22
C VAL A 80 -9.54 -9.45 0.14
N ASN A 81 -10.57 -10.29 0.19
CA ASN A 81 -11.29 -10.55 1.43
C ASN A 81 -11.62 -9.25 2.15
N LEU A 82 -12.14 -8.28 1.40
CA LEU A 82 -12.50 -6.98 1.96
C LEU A 82 -13.99 -6.91 2.24
N LYS A 83 -14.41 -5.90 2.99
CA LYS A 83 -15.81 -5.70 3.31
C LYS A 83 -16.55 -5.00 2.18
N LYS A 84 -17.83 -5.33 2.01
CA LYS A 84 -18.64 -4.74 0.97
C LYS A 84 -19.52 -3.61 1.52
N GLY A 85 -19.58 -2.51 0.79
CA GLY A 85 -20.39 -1.38 1.22
C GLY A 85 -19.77 -0.66 2.41
N VAL A 86 -18.53 -0.22 2.25
CA VAL A 86 -17.84 0.50 3.32
C VAL A 86 -16.51 1.07 2.82
N THR A 87 -16.18 2.26 3.30
CA THR A 87 -14.94 2.93 2.90
C THR A 87 -13.73 2.21 3.48
N TYR A 88 -12.60 2.32 2.78
CA TYR A 88 -11.37 1.67 3.22
C TYR A 88 -10.17 2.60 3.05
N GLU A 89 -9.43 2.83 4.13
CA GLU A 89 -8.26 3.69 4.09
C GLU A 89 -6.98 2.88 3.96
N ILE A 90 -6.32 3.01 2.81
CA ILE A 90 -5.07 2.29 2.57
C ILE A 90 -3.94 3.25 2.23
N LYS A 91 -2.73 2.90 2.66
CA LYS A 91 -1.56 3.72 2.40
C LYS A 91 -0.33 2.85 2.11
N VAL A 92 0.51 3.33 1.19
CA VAL A 92 1.71 2.59 0.82
C VAL A 92 2.95 3.24 1.43
N ARG A 93 3.83 2.42 1.99
CA ARG A 93 5.06 2.90 2.60
C ARG A 93 6.19 1.89 2.45
N PRO A 94 7.34 2.35 1.94
CA PRO A 94 8.50 1.50 1.72
C PRO A 94 9.16 1.08 3.03
N TYR A 95 9.93 -0.01 2.99
CA TYR A 95 10.60 -0.51 4.18
C TYR A 95 11.71 -1.50 3.80
N PHE A 96 12.77 -1.50 4.57
CA PHE A 96 13.90 -2.40 4.32
C PHE A 96 13.82 -3.64 5.20
N ASN A 97 14.11 -3.47 6.49
CA ASN A 97 14.07 -4.58 7.44
C ASN A 97 12.95 -4.37 8.46
N GLU A 98 13.00 -3.24 9.15
CA GLU A 98 12.00 -2.91 10.16
C GLU A 98 11.47 -1.49 9.98
N PHE A 99 12.39 -0.56 9.76
CA PHE A 99 12.02 0.84 9.57
C PHE A 99 11.19 1.02 8.31
N GLN A 100 10.51 2.16 8.21
CA GLN A 100 9.67 2.45 7.05
C GLN A 100 9.91 3.88 6.56
N GLY A 101 10.05 4.02 5.24
CA GLY A 101 10.28 5.33 4.66
C GLY A 101 9.15 6.29 4.93
N MET A 102 8.81 7.10 3.93
CA MET A 102 7.73 8.07 4.07
C MET A 102 6.41 7.49 3.55
N ASP A 103 5.41 7.45 4.43
CA ASP A 103 4.10 6.92 4.08
C ASP A 103 3.37 7.88 3.13
N SER A 104 2.89 7.36 2.01
CA SER A 104 2.17 8.16 1.03
C SER A 104 0.83 8.62 1.58
N GLU A 105 0.17 9.52 0.86
CA GLU A 105 -1.12 10.04 1.28
C GLU A 105 -2.16 8.94 1.34
N SER A 106 -2.71 8.71 2.53
CA SER A 106 -3.72 7.66 2.72
C SER A 106 -4.89 7.86 1.76
N LYS A 107 -5.13 6.85 0.92
CA LYS A 107 -6.21 6.91 -0.05
C LYS A 107 -7.42 6.11 0.43
N THR A 108 -8.61 6.65 0.22
CA THR A 108 -9.84 5.99 0.64
C THR A 108 -10.57 5.38 -0.55
N VAL A 109 -10.97 4.12 -0.41
CA VAL A 109 -11.68 3.42 -1.47
C VAL A 109 -13.05 2.96 -1.01
N ARG A 110 -14.09 3.55 -1.58
CA ARG A 110 -15.46 3.21 -1.23
C ARG A 110 -15.94 1.99 -2.03
N THR A 111 -16.07 0.85 -1.35
CA THR A 111 -16.52 -0.37 -1.99
C THR A 111 -18.03 -0.40 -2.12
N THR A 112 -18.53 -0.21 -3.34
CA THR A 112 -19.96 -0.22 -3.61
C THR A 112 -20.64 -1.40 -2.91
N GLU A 113 -21.97 -1.41 -2.94
CA GLU A 113 -22.73 -2.48 -2.31
C GLU A 113 -23.12 -3.55 -3.34
N GLU A 114 -23.52 -3.10 -4.52
CA GLU A 114 -23.92 -4.02 -5.58
C GLU A 114 -23.10 -3.76 -6.85
N SER A 115 -22.95 -4.80 -7.67
CA SER A 115 -22.19 -4.70 -8.91
C SER A 115 -22.49 -3.39 -9.61
N GLY A 116 -23.76 -3.15 -9.90
CA GLY A 116 -24.16 -1.92 -10.58
C GLY A 116 -25.16 -2.18 -11.68
N PRO A 117 -25.65 -1.09 -12.31
CA PRO A 117 -26.63 -1.17 -13.39
C PRO A 117 -26.04 -1.75 -14.67
N SER A 118 -24.82 -1.33 -14.99
CA SER A 118 -24.15 -1.81 -16.20
C SER A 118 -22.80 -2.45 -15.84
N SER A 119 -22.52 -3.59 -16.48
CA SER A 119 -21.28 -4.31 -16.23
C SER A 119 -21.05 -5.37 -17.30
N GLY A 120 -19.88 -6.01 -17.25
CA GLY A 120 -19.56 -7.05 -18.22
C GLY A 120 -18.38 -7.90 -17.78
N GLY A 1 36.20 3.17 -0.82
CA GLY A 1 35.41 3.85 0.19
C GLY A 1 34.44 2.92 0.90
N SER A 2 33.31 2.64 0.27
CA SER A 2 32.30 1.76 0.85
C SER A 2 32.73 0.30 0.73
N SER A 3 32.80 -0.39 1.87
CA SER A 3 33.20 -1.78 1.90
C SER A 3 32.11 -2.67 1.32
N GLY A 4 30.86 -2.41 1.72
CA GLY A 4 29.74 -3.19 1.23
C GLY A 4 28.47 -2.38 1.13
N SER A 5 27.37 -3.04 0.82
CA SER A 5 26.07 -2.37 0.67
C SER A 5 25.10 -2.84 1.75
N SER A 6 25.57 -2.90 2.98
CA SER A 6 24.74 -3.33 4.11
C SER A 6 23.43 -2.55 4.15
N GLY A 7 23.55 -1.22 4.03
CA GLY A 7 22.37 -0.37 4.05
C GLY A 7 22.66 1.01 4.61
N ARG A 8 23.59 1.71 3.99
CA ARG A 8 23.96 3.04 4.42
C ARG A 8 22.88 4.07 4.03
N GLN A 9 22.69 4.25 2.74
CA GLN A 9 21.70 5.19 2.24
C GLN A 9 20.29 4.76 2.66
N VAL A 10 20.19 3.58 3.24
CA VAL A 10 18.90 3.05 3.68
C VAL A 10 18.01 4.17 4.23
N GLN A 11 18.60 5.04 5.04
CA GLN A 11 17.87 6.15 5.63
C GLN A 11 18.08 7.43 4.82
N LYS A 12 19.20 7.50 4.11
CA LYS A 12 19.51 8.67 3.30
C LYS A 12 18.76 8.62 1.97
N GLU A 13 17.94 7.60 1.79
CA GLU A 13 17.16 7.44 0.56
C GLU A 13 15.71 7.09 0.88
N LEU A 14 15.53 6.11 1.75
CA LEU A 14 14.19 5.68 2.14
C LEU A 14 13.22 6.85 2.15
N GLY A 15 13.43 7.78 3.08
CA GLY A 15 12.58 8.95 3.18
C GLY A 15 12.77 9.91 2.03
N ASP A 16 13.98 9.95 1.48
CA ASP A 16 14.29 10.84 0.37
C ASP A 16 13.33 10.60 -0.79
N VAL A 17 13.23 9.35 -1.23
CA VAL A 17 12.35 8.99 -2.34
C VAL A 17 10.89 9.26 -1.98
N LEU A 18 10.14 9.74 -2.96
CA LEU A 18 8.72 10.04 -2.75
C LEU A 18 7.85 8.99 -3.42
N VAL A 19 6.79 8.58 -2.72
CA VAL A 19 5.87 7.58 -3.26
C VAL A 19 4.48 8.18 -3.50
N ARG A 20 3.98 8.02 -4.72
CA ARG A 20 2.67 8.54 -5.08
C ARG A 20 1.65 7.42 -5.22
N LEU A 21 0.67 7.40 -4.32
CA LEU A 21 -0.37 6.38 -4.34
C LEU A 21 -1.58 6.84 -5.14
N HIS A 22 -1.72 6.34 -6.35
CA HIS A 22 -2.84 6.70 -7.22
C HIS A 22 -4.15 6.22 -6.63
N ASN A 23 -5.26 6.79 -7.11
CA ASN A 23 -6.58 6.43 -6.62
C ASN A 23 -6.76 4.91 -6.61
N PRO A 24 -7.19 4.38 -5.45
CA PRO A 24 -7.40 2.94 -5.28
C PRO A 24 -8.61 2.44 -6.07
N VAL A 25 -8.40 2.21 -7.36
CA VAL A 25 -9.47 1.73 -8.22
C VAL A 25 -10.20 0.54 -7.59
N VAL A 26 -11.51 0.68 -7.43
CA VAL A 26 -12.32 -0.38 -6.84
C VAL A 26 -12.90 -1.30 -7.91
N LEU A 27 -12.44 -2.55 -7.91
CA LEU A 27 -12.92 -3.53 -8.89
C LEU A 27 -14.14 -4.29 -8.36
N THR A 28 -14.10 -4.62 -7.08
CA THR A 28 -15.21 -5.34 -6.45
C THR A 28 -15.33 -4.97 -4.98
N PRO A 29 -16.53 -5.22 -4.40
CA PRO A 29 -16.81 -4.92 -3.00
C PRO A 29 -16.05 -5.84 -2.06
N THR A 30 -15.21 -6.70 -2.61
CA THR A 30 -14.42 -7.64 -1.82
C THR A 30 -12.95 -7.57 -2.19
N THR A 31 -12.64 -6.81 -3.24
CA THR A 31 -11.26 -6.66 -3.68
C THR A 31 -11.02 -5.27 -4.26
N VAL A 32 -9.78 -4.80 -4.16
CA VAL A 32 -9.41 -3.48 -4.67
C VAL A 32 -7.96 -3.45 -5.13
N GLN A 33 -7.74 -2.87 -6.31
CA GLN A 33 -6.41 -2.78 -6.88
C GLN A 33 -5.66 -1.58 -6.31
N VAL A 34 -4.36 -1.75 -6.06
CA VAL A 34 -3.54 -0.68 -5.52
C VAL A 34 -2.32 -0.42 -6.40
N THR A 35 -2.08 0.85 -6.71
CA THR A 35 -0.94 1.23 -7.55
C THR A 35 -0.18 2.41 -6.95
N TRP A 36 1.14 2.40 -7.10
CA TRP A 36 1.98 3.47 -6.58
C TRP A 36 3.25 3.62 -7.39
N THR A 37 3.75 4.85 -7.49
CA THR A 37 4.96 5.12 -8.24
C THR A 37 5.98 5.87 -7.39
N VAL A 38 7.26 5.57 -7.61
CA VAL A 38 8.34 6.22 -6.85
C VAL A 38 9.33 6.88 -7.79
N ASP A 39 9.70 8.12 -7.48
CA ASP A 39 10.64 8.87 -8.30
C ASP A 39 11.93 8.08 -8.48
N ARG A 40 12.60 7.77 -7.37
CA ARG A 40 13.86 7.03 -7.41
C ARG A 40 13.72 5.71 -6.66
N GLN A 41 13.15 4.71 -7.34
CA GLN A 41 12.96 3.40 -6.73
C GLN A 41 14.19 2.98 -5.93
N PRO A 42 14.00 2.77 -4.63
CA PRO A 42 15.08 2.37 -3.71
C PRO A 42 15.56 0.95 -3.98
N GLN A 43 16.87 0.78 -4.09
CA GLN A 43 17.46 -0.53 -4.34
C GLN A 43 17.48 -1.37 -3.07
N PHE A 44 18.00 -0.79 -1.99
CA PHE A 44 18.07 -1.49 -0.72
C PHE A 44 16.71 -2.06 -0.32
N ILE A 45 15.67 -1.26 -0.51
CA ILE A 45 14.31 -1.68 -0.18
C ILE A 45 14.14 -3.18 -0.38
N GLN A 46 13.40 -3.80 0.53
CA GLN A 46 13.15 -5.24 0.46
C GLN A 46 11.88 -5.54 -0.33
N GLY A 47 10.91 -4.64 -0.25
CA GLY A 47 9.67 -4.81 -0.96
C GLY A 47 8.70 -3.67 -0.74
N TYR A 48 7.48 -4.01 -0.32
CA TYR A 48 6.46 -3.00 -0.07
C TYR A 48 5.38 -3.54 0.85
N ARG A 49 5.06 -2.77 1.90
CA ARG A 49 4.04 -3.17 2.87
C ARG A 49 2.77 -2.34 2.68
N VAL A 50 1.78 -2.93 2.02
CA VAL A 50 0.51 -2.25 1.79
C VAL A 50 -0.38 -2.33 3.01
N MET A 51 -0.46 -1.23 3.76
CA MET A 51 -1.29 -1.18 4.95
C MET A 51 -2.72 -0.76 4.61
N TYR A 52 -3.69 -1.45 5.20
CA TYR A 52 -5.10 -1.15 4.95
C TYR A 52 -5.95 -1.48 6.17
N ARG A 53 -7.09 -0.81 6.29
CA ARG A 53 -7.99 -1.03 7.42
C ARG A 53 -9.32 -0.31 7.19
N GLN A 54 -10.32 -0.66 8.00
CA GLN A 54 -11.64 -0.05 7.90
C GLN A 54 -11.71 1.25 8.69
N THR A 55 -12.41 2.24 8.15
CA THR A 55 -12.54 3.53 8.81
C THR A 55 -13.83 3.59 9.64
N SER A 56 -14.93 3.15 9.04
CA SER A 56 -16.22 3.15 9.73
C SER A 56 -16.80 1.75 9.82
N GLY A 57 -17.58 1.49 10.85
CA GLY A 57 -18.19 0.19 11.04
C GLY A 57 -17.70 -0.50 12.29
N LEU A 58 -17.58 -1.82 12.23
CA LEU A 58 -17.12 -2.61 13.38
C LEU A 58 -15.61 -2.66 13.44
N GLN A 59 -14.99 -3.00 12.30
CA GLN A 59 -13.54 -3.09 12.22
C GLN A 59 -12.91 -1.73 11.96
N ALA A 60 -13.63 -0.67 12.36
CA ALA A 60 -13.14 0.69 12.18
C ALA A 60 -12.08 1.05 13.21
N THR A 61 -11.07 1.79 12.78
CA THR A 61 -9.99 2.20 13.68
C THR A 61 -9.76 1.17 14.76
N SER A 62 -9.86 -0.11 14.40
CA SER A 62 -9.66 -1.20 15.35
C SER A 62 -8.23 -1.71 15.31
N SER A 63 -7.80 -2.15 14.13
CA SER A 63 -6.45 -2.67 13.96
C SER A 63 -6.01 -2.57 12.49
N TRP A 64 -4.86 -1.95 12.26
CA TRP A 64 -4.33 -1.79 10.92
C TRP A 64 -3.73 -3.09 10.40
N GLN A 65 -3.94 -3.37 9.12
CA GLN A 65 -3.42 -4.58 8.51
C GLN A 65 -2.21 -4.28 7.64
N ASN A 66 -1.43 -5.32 7.32
CA ASN A 66 -0.25 -5.15 6.48
C ASN A 66 -0.12 -6.31 5.50
N LEU A 67 -0.10 -5.98 4.21
CA LEU A 67 0.02 -6.98 3.16
C LEU A 67 1.41 -6.96 2.54
N ASP A 68 2.24 -7.90 2.94
CA ASP A 68 3.61 -7.99 2.41
C ASP A 68 3.60 -8.48 0.97
N ALA A 69 4.23 -7.71 0.09
CA ALA A 69 4.30 -8.06 -1.32
C ALA A 69 5.50 -8.95 -1.61
N LYS A 70 6.52 -8.83 -0.78
CA LYS A 70 7.74 -9.63 -0.94
C LYS A 70 8.32 -9.47 -2.34
N VAL A 71 8.17 -8.27 -2.90
CA VAL A 71 8.68 -7.98 -4.24
C VAL A 71 8.95 -6.49 -4.41
N PRO A 72 10.25 -6.13 -4.40
CA PRO A 72 10.66 -4.73 -4.56
C PRO A 72 10.44 -4.21 -5.97
N THR A 73 10.30 -5.13 -6.92
CA THR A 73 10.08 -4.77 -8.32
C THR A 73 8.61 -4.50 -8.58
N GLU A 74 7.74 -5.15 -7.80
CA GLU A 74 6.30 -4.98 -7.95
C GLU A 74 5.83 -3.68 -7.29
N ARG A 75 5.14 -2.85 -8.06
CA ARG A 75 4.62 -1.58 -7.55
C ARG A 75 3.10 -1.55 -7.60
N SER A 76 2.49 -2.72 -7.44
CA SER A 76 1.03 -2.82 -7.47
C SER A 76 0.57 -4.09 -6.76
N ALA A 77 -0.49 -3.96 -5.96
CA ALA A 77 -1.03 -5.10 -5.23
C ALA A 77 -2.56 -5.12 -5.30
N VAL A 78 -3.15 -6.21 -4.82
CA VAL A 78 -4.60 -6.35 -4.84
C VAL A 78 -5.12 -6.87 -3.50
N LEU A 79 -5.70 -5.97 -2.71
CA LEU A 79 -6.24 -6.34 -1.40
C LEU A 79 -7.54 -7.11 -1.54
N VAL A 80 -7.54 -8.35 -1.08
CA VAL A 80 -8.73 -9.20 -1.15
C VAL A 80 -9.34 -9.41 0.23
N ASN A 81 -10.53 -9.99 0.26
CA ASN A 81 -11.22 -10.25 1.52
C ASN A 81 -11.58 -8.95 2.22
N LEU A 82 -12.26 -8.06 1.50
CA LEU A 82 -12.66 -6.77 2.06
C LEU A 82 -14.17 -6.74 2.33
N LYS A 83 -14.60 -5.77 3.12
CA LYS A 83 -16.00 -5.63 3.46
C LYS A 83 -16.74 -4.83 2.39
N LYS A 84 -18.05 -5.05 2.30
CA LYS A 84 -18.88 -4.35 1.32
C LYS A 84 -19.64 -3.20 1.97
N GLY A 85 -19.67 -2.06 1.29
CA GLY A 85 -20.38 -0.90 1.81
C GLY A 85 -19.61 -0.23 2.94
N VAL A 86 -18.33 0.05 2.71
CA VAL A 86 -17.50 0.68 3.72
C VAL A 86 -16.20 1.20 3.11
N THR A 87 -15.79 2.40 3.54
CA THR A 87 -14.58 3.02 3.03
C THR A 87 -13.34 2.40 3.68
N TYR A 88 -12.25 2.32 2.93
CA TYR A 88 -11.01 1.75 3.44
C TYR A 88 -9.83 2.67 3.15
N GLU A 89 -8.98 2.88 4.15
CA GLU A 89 -7.81 3.73 4.01
C GLU A 89 -6.55 2.91 3.77
N ILE A 90 -5.94 3.09 2.60
CA ILE A 90 -4.73 2.37 2.26
C ILE A 90 -3.58 3.33 1.93
N LYS A 91 -2.37 2.92 2.27
CA LYS A 91 -1.19 3.74 2.01
C LYS A 91 0.05 2.88 1.85
N VAL A 92 0.87 3.21 0.85
CA VAL A 92 2.10 2.46 0.59
C VAL A 92 3.29 3.09 1.28
N ARG A 93 4.28 2.27 1.60
CA ARG A 93 5.48 2.76 2.28
C ARG A 93 6.65 1.79 2.08
N PRO A 94 7.74 2.30 1.49
CA PRO A 94 8.94 1.50 1.22
C PRO A 94 9.68 1.12 2.50
N TYR A 95 9.72 -0.17 2.80
CA TYR A 95 10.39 -0.66 3.99
C TYR A 95 11.54 -1.59 3.63
N PHE A 96 12.55 -1.65 4.50
CA PHE A 96 13.72 -2.49 4.27
C PHE A 96 13.67 -3.73 5.16
N ASN A 97 13.92 -3.52 6.45
CA ASN A 97 13.92 -4.62 7.42
C ASN A 97 12.79 -4.46 8.42
N GLU A 98 12.83 -3.38 9.18
CA GLU A 98 11.79 -3.11 10.18
C GLU A 98 11.19 -1.72 9.98
N PHE A 99 12.05 -0.73 9.77
CA PHE A 99 11.59 0.64 9.57
C PHE A 99 10.76 0.75 8.29
N GLN A 100 10.06 1.87 8.16
CA GLN A 100 9.21 2.10 6.98
C GLN A 100 9.39 3.52 6.46
N GLY A 101 9.46 3.65 5.13
CA GLY A 101 9.63 4.95 4.52
C GLY A 101 8.41 5.83 4.68
N MET A 102 8.54 7.10 4.32
CA MET A 102 7.44 8.04 4.42
C MET A 102 6.17 7.48 3.77
N ASP A 103 5.13 7.32 4.56
CA ASP A 103 3.86 6.79 4.06
C ASP A 103 3.34 7.63 2.91
N SER A 104 2.77 6.97 1.90
CA SER A 104 2.23 7.66 0.73
C SER A 104 0.89 8.31 1.06
N GLU A 105 0.38 9.10 0.12
CA GLU A 105 -0.90 9.78 0.30
C GLU A 105 -2.02 8.79 0.59
N SER A 106 -2.47 8.76 1.84
CA SER A 106 -3.54 7.84 2.25
C SER A 106 -4.80 8.09 1.43
N LYS A 107 -5.11 7.14 0.55
CA LYS A 107 -6.30 7.24 -0.30
C LYS A 107 -7.41 6.34 0.20
N THR A 108 -8.61 6.91 0.37
CA THR A 108 -9.75 6.14 0.85
C THR A 108 -10.56 5.58 -0.32
N VAL A 109 -10.92 4.30 -0.20
CA VAL A 109 -11.70 3.63 -1.25
C VAL A 109 -13.07 3.20 -0.73
N ARG A 110 -14.12 3.67 -1.39
CA ARG A 110 -15.49 3.33 -0.99
C ARG A 110 -15.99 2.11 -1.77
N THR A 111 -16.04 0.97 -1.09
CA THR A 111 -16.49 -0.27 -1.70
C THR A 111 -18.02 -0.29 -1.82
N THR A 112 -18.51 -0.13 -3.04
CA THR A 112 -19.95 -0.13 -3.28
C THR A 112 -20.63 -1.30 -2.58
N GLU A 113 -21.95 -1.26 -2.49
CA GLU A 113 -22.71 -2.32 -1.85
C GLU A 113 -23.81 -2.83 -2.78
N GLU A 114 -24.28 -1.97 -3.67
CA GLU A 114 -25.32 -2.34 -4.61
C GLU A 114 -24.75 -3.08 -5.81
N SER A 115 -25.50 -4.03 -6.34
CA SER A 115 -25.06 -4.82 -7.48
C SER A 115 -24.99 -3.95 -8.74
N GLY A 116 -23.78 -3.55 -9.10
CA GLY A 116 -23.60 -2.72 -10.28
C GLY A 116 -22.36 -3.10 -11.07
N PRO A 117 -22.53 -3.99 -12.05
CA PRO A 117 -21.42 -4.46 -12.90
C PRO A 117 -20.91 -3.37 -13.84
N SER A 118 -19.69 -3.54 -14.33
CA SER A 118 -19.09 -2.57 -15.24
C SER A 118 -18.08 -3.24 -16.16
N SER A 119 -17.72 -2.56 -17.24
CA SER A 119 -16.75 -3.09 -18.20
C SER A 119 -15.36 -3.17 -17.59
N GLY A 120 -14.57 -4.13 -18.07
CA GLY A 120 -13.22 -4.29 -17.56
C GLY A 120 -13.15 -5.30 -16.42
N GLY A 1 26.68 9.16 -8.37
CA GLY A 1 27.59 8.04 -8.23
C GLY A 1 26.88 6.75 -7.87
N SER A 2 27.58 5.63 -8.02
CA SER A 2 27.01 4.32 -7.72
C SER A 2 26.55 4.25 -6.26
N SER A 3 25.95 3.13 -5.90
CA SER A 3 25.46 2.93 -4.53
C SER A 3 25.59 1.46 -4.12
N GLY A 4 26.50 1.18 -3.20
CA GLY A 4 26.69 -0.18 -2.74
C GLY A 4 27.19 -0.24 -1.31
N SER A 5 26.65 0.62 -0.46
CA SER A 5 27.05 0.66 0.95
C SER A 5 26.49 -0.54 1.70
N SER A 6 26.86 -0.66 2.97
CA SER A 6 26.40 -1.75 3.80
C SER A 6 25.22 -1.32 4.67
N GLY A 7 24.17 -0.84 4.03
CA GLY A 7 22.99 -0.39 4.76
C GLY A 7 23.19 0.96 5.41
N ARG A 8 23.96 1.82 4.77
CA ARG A 8 24.23 3.15 5.30
C ARG A 8 23.22 4.17 4.78
N GLN A 9 23.00 4.16 3.47
CA GLN A 9 22.05 5.08 2.84
C GLN A 9 20.63 4.54 2.96
N VAL A 10 20.44 3.55 3.82
CA VAL A 10 19.12 2.95 4.03
C VAL A 10 18.16 3.95 4.64
N GLN A 11 18.58 4.58 5.73
CA GLN A 11 17.75 5.56 6.42
C GLN A 11 17.86 6.93 5.76
N LYS A 12 18.55 6.97 4.62
CA LYS A 12 18.72 8.22 3.88
C LYS A 12 17.85 8.23 2.63
N GLU A 13 18.06 7.26 1.75
CA GLU A 13 17.31 7.16 0.51
C GLU A 13 15.87 6.74 0.78
N LEU A 14 15.69 5.86 1.76
CA LEU A 14 14.36 5.37 2.13
C LEU A 14 13.37 6.52 2.19
N GLY A 15 13.50 7.36 3.20
CA GLY A 15 12.60 8.49 3.36
C GLY A 15 12.62 9.41 2.16
N ASP A 16 13.81 9.90 1.81
CA ASP A 16 13.96 10.80 0.68
C ASP A 16 13.03 10.40 -0.46
N VAL A 17 13.03 9.12 -0.80
CA VAL A 17 12.20 8.60 -1.87
C VAL A 17 10.75 9.08 -1.73
N LEU A 18 10.25 9.72 -2.77
CA LEU A 18 8.88 10.24 -2.76
C LEU A 18 7.94 9.30 -3.51
N VAL A 19 7.06 8.62 -2.76
CA VAL A 19 6.11 7.70 -3.35
C VAL A 19 4.75 8.38 -3.57
N ARG A 20 4.13 8.10 -4.71
CA ARG A 20 2.83 8.67 -5.03
C ARG A 20 1.77 7.58 -5.17
N LEU A 21 0.79 7.59 -4.27
CA LEU A 21 -0.28 6.60 -4.30
C LEU A 21 -1.45 7.10 -5.14
N HIS A 22 -1.83 6.31 -6.14
CA HIS A 22 -2.94 6.66 -7.01
C HIS A 22 -4.27 6.16 -6.44
N ASN A 23 -5.37 6.66 -7.00
CA ASN A 23 -6.70 6.27 -6.53
C ASN A 23 -6.87 4.75 -6.60
N PRO A 24 -7.18 4.13 -5.45
CA PRO A 24 -7.39 2.68 -5.36
C PRO A 24 -8.66 2.23 -6.06
N VAL A 25 -8.58 2.06 -7.37
CA VAL A 25 -9.73 1.62 -8.16
C VAL A 25 -10.43 0.42 -7.51
N VAL A 26 -11.73 0.54 -7.32
CA VAL A 26 -12.51 -0.53 -6.70
C VAL A 26 -13.12 -1.44 -7.77
N LEU A 27 -12.71 -2.70 -7.76
CA LEU A 27 -13.22 -3.67 -8.72
C LEU A 27 -14.43 -4.41 -8.16
N THR A 28 -14.33 -4.82 -6.90
CA THR A 28 -15.42 -5.55 -6.26
C THR A 28 -15.52 -5.16 -4.78
N PRO A 29 -16.71 -5.39 -4.20
CA PRO A 29 -16.97 -5.07 -2.78
C PRO A 29 -16.21 -5.99 -1.84
N THR A 30 -15.38 -6.87 -2.40
CA THR A 30 -14.60 -7.81 -1.61
C THR A 30 -13.12 -7.72 -1.97
N THR A 31 -12.81 -6.99 -3.03
CA THR A 31 -11.43 -6.83 -3.48
C THR A 31 -11.21 -5.46 -4.10
N VAL A 32 -10.01 -4.93 -3.94
CA VAL A 32 -9.66 -3.62 -4.50
C VAL A 32 -8.22 -3.59 -4.98
N GLN A 33 -8.01 -3.04 -6.17
CA GLN A 33 -6.68 -2.95 -6.75
C GLN A 33 -5.92 -1.76 -6.16
N VAL A 34 -4.59 -1.88 -6.12
CA VAL A 34 -3.75 -0.83 -5.59
C VAL A 34 -2.56 -0.55 -6.51
N THR A 35 -2.23 0.74 -6.67
CA THR A 35 -1.13 1.14 -7.53
C THR A 35 -0.38 2.33 -6.94
N TRP A 36 0.92 2.39 -7.19
CA TRP A 36 1.74 3.48 -6.68
C TRP A 36 3.01 3.64 -7.52
N THR A 37 3.45 4.89 -7.68
CA THR A 37 4.66 5.16 -8.45
C THR A 37 5.75 5.77 -7.58
N VAL A 38 7.01 5.54 -7.97
CA VAL A 38 8.14 6.07 -7.22
C VAL A 38 9.11 6.80 -8.13
N ASP A 39 9.49 8.01 -7.74
CA ASP A 39 10.43 8.81 -8.53
C ASP A 39 11.81 8.16 -8.56
N ARG A 40 12.29 7.75 -7.39
CA ARG A 40 13.59 7.12 -7.27
C ARG A 40 13.48 5.74 -6.63
N GLN A 41 13.46 4.71 -7.45
CA GLN A 41 13.36 3.34 -6.96
C GLN A 41 14.59 2.97 -6.13
N PRO A 42 14.36 2.66 -4.84
CA PRO A 42 15.43 2.28 -3.92
C PRO A 42 16.02 0.91 -4.25
N GLN A 43 17.31 0.74 -3.98
CA GLN A 43 17.99 -0.53 -4.25
C GLN A 43 17.98 -1.42 -3.01
N PHE A 44 18.35 -0.83 -1.87
CA PHE A 44 18.39 -1.58 -0.61
C PHE A 44 17.01 -2.13 -0.27
N ILE A 45 15.99 -1.33 -0.52
CA ILE A 45 14.62 -1.73 -0.22
C ILE A 45 14.43 -3.24 -0.42
N GLN A 46 13.57 -3.84 0.38
CA GLN A 46 13.30 -5.27 0.29
C GLN A 46 11.98 -5.53 -0.45
N GLY A 47 11.08 -4.57 -0.39
CA GLY A 47 9.79 -4.71 -1.05
C GLY A 47 8.92 -3.48 -0.92
N TYR A 48 7.68 -3.68 -0.49
CA TYR A 48 6.75 -2.57 -0.31
C TYR A 48 5.59 -2.97 0.59
N ARG A 49 5.50 -2.34 1.75
CA ARG A 49 4.43 -2.63 2.70
C ARG A 49 3.17 -1.84 2.36
N VAL A 50 2.12 -2.55 1.98
CA VAL A 50 0.85 -1.93 1.63
C VAL A 50 -0.14 -2.01 2.78
N MET A 51 -0.08 -1.04 3.69
CA MET A 51 -0.97 -1.01 4.83
C MET A 51 -2.41 -0.77 4.39
N TYR A 52 -3.36 -1.17 5.23
CA TYR A 52 -4.77 -1.00 4.93
C TYR A 52 -5.64 -1.34 6.14
N ARG A 53 -6.82 -0.72 6.21
CA ARG A 53 -7.73 -0.97 7.32
C ARG A 53 -9.09 -0.32 7.04
N GLN A 54 -10.05 -0.57 7.93
CA GLN A 54 -11.39 -0.02 7.79
C GLN A 54 -11.50 1.34 8.49
N THR A 55 -12.38 2.19 7.98
CA THR A 55 -12.59 3.51 8.56
C THR A 55 -13.80 3.53 9.48
N SER A 56 -14.91 2.97 9.00
CA SER A 56 -16.15 2.93 9.78
C SER A 56 -16.72 1.52 9.82
N GLY A 57 -17.55 1.25 10.81
CA GLY A 57 -18.14 -0.06 10.95
C GLY A 57 -17.76 -0.74 12.25
N LEU A 58 -17.18 -1.93 12.15
CA LEU A 58 -16.77 -2.69 13.34
C LEU A 58 -15.26 -2.67 13.50
N GLN A 59 -14.55 -3.04 12.44
CA GLN A 59 -13.09 -3.06 12.45
C GLN A 59 -12.52 -1.66 12.22
N ALA A 60 -13.38 -0.65 12.33
CA ALA A 60 -12.96 0.72 12.13
C ALA A 60 -11.92 1.13 13.17
N THR A 61 -10.89 1.85 12.71
CA THR A 61 -9.82 2.31 13.60
C THR A 61 -9.56 1.29 14.71
N SER A 62 -9.66 0.00 14.36
CA SER A 62 -9.43 -1.06 15.33
C SER A 62 -7.98 -1.53 15.28
N SER A 63 -7.44 -1.66 14.07
CA SER A 63 -6.06 -2.11 13.89
C SER A 63 -5.66 -2.06 12.42
N TRP A 64 -4.49 -1.48 12.15
CA TRP A 64 -3.99 -1.36 10.79
C TRP A 64 -3.28 -2.63 10.36
N GLN A 65 -3.49 -3.04 9.11
CA GLN A 65 -2.87 -4.23 8.58
C GLN A 65 -1.71 -3.89 7.64
N ASN A 66 -0.96 -4.91 7.24
CA ASN A 66 0.17 -4.70 6.35
C ASN A 66 0.31 -5.86 5.37
N LEU A 67 0.32 -5.55 4.08
CA LEU A 67 0.45 -6.55 3.03
C LEU A 67 1.86 -6.58 2.46
N ASP A 68 2.65 -7.56 2.87
CA ASP A 68 4.02 -7.69 2.39
C ASP A 68 4.05 -8.26 0.97
N ALA A 69 4.11 -7.36 -0.01
CA ALA A 69 4.14 -7.77 -1.42
C ALA A 69 5.25 -8.79 -1.66
N LYS A 70 6.37 -8.62 -0.96
CA LYS A 70 7.49 -9.53 -1.11
C LYS A 70 8.07 -9.48 -2.52
N VAL A 71 8.10 -8.27 -3.09
CA VAL A 71 8.61 -8.09 -4.45
C VAL A 71 8.80 -6.61 -4.77
N PRO A 72 10.06 -6.16 -4.76
CA PRO A 72 10.40 -4.77 -5.04
C PRO A 72 10.17 -4.40 -6.51
N THR A 73 10.02 -5.41 -7.35
CA THR A 73 9.79 -5.20 -8.78
C THR A 73 8.31 -5.11 -9.09
N GLU A 74 7.50 -4.82 -8.06
CA GLU A 74 6.07 -4.70 -8.23
C GLU A 74 5.54 -3.42 -7.57
N ARG A 75 4.69 -2.70 -8.30
CA ARG A 75 4.12 -1.46 -7.79
C ARG A 75 2.59 -1.51 -7.82
N SER A 76 2.05 -2.71 -7.73
CA SER A 76 0.60 -2.90 -7.75
C SER A 76 0.21 -4.14 -6.96
N ALA A 77 -0.79 -3.99 -6.10
CA ALA A 77 -1.27 -5.10 -5.28
C ALA A 77 -2.80 -5.15 -5.26
N VAL A 78 -3.34 -6.30 -4.87
CA VAL A 78 -4.79 -6.48 -4.81
C VAL A 78 -5.22 -6.98 -3.43
N LEU A 79 -5.76 -6.08 -2.62
CA LEU A 79 -6.21 -6.43 -1.28
C LEU A 79 -7.53 -7.19 -1.34
N VAL A 80 -7.48 -8.46 -0.96
CA VAL A 80 -8.68 -9.31 -0.96
C VAL A 80 -9.19 -9.54 0.45
N ASN A 81 -10.36 -10.17 0.55
CA ASN A 81 -10.96 -10.46 1.85
C ASN A 81 -11.31 -9.16 2.58
N LEU A 82 -11.95 -8.24 1.87
CA LEU A 82 -12.33 -6.96 2.45
C LEU A 82 -13.83 -6.92 2.75
N LYS A 83 -14.27 -5.88 3.45
CA LYS A 83 -15.67 -5.72 3.80
C LYS A 83 -16.43 -5.02 2.68
N LYS A 84 -17.72 -5.31 2.58
CA LYS A 84 -18.56 -4.69 1.55
C LYS A 84 -19.47 -3.63 2.16
N GLY A 85 -19.42 -2.42 1.60
CA GLY A 85 -20.24 -1.33 2.10
C GLY A 85 -19.53 -0.51 3.16
N VAL A 86 -18.31 -0.06 2.84
CA VAL A 86 -17.54 0.75 3.78
C VAL A 86 -16.24 1.24 3.13
N THR A 87 -15.80 2.42 3.54
CA THR A 87 -14.57 3.01 3.00
C THR A 87 -13.34 2.37 3.63
N TYR A 88 -12.28 2.22 2.84
CA TYR A 88 -11.04 1.63 3.31
C TYR A 88 -9.85 2.53 2.99
N GLU A 89 -9.10 2.89 4.03
CA GLU A 89 -7.93 3.74 3.86
C GLU A 89 -6.67 2.90 3.66
N ILE A 90 -5.94 3.18 2.57
CA ILE A 90 -4.72 2.46 2.27
C ILE A 90 -3.58 3.41 1.93
N LYS A 91 -2.37 3.04 2.31
CA LYS A 91 -1.19 3.87 2.04
C LYS A 91 0.03 3.01 1.76
N VAL A 92 0.85 3.44 0.79
CA VAL A 92 2.05 2.70 0.44
C VAL A 92 3.30 3.42 0.92
N ARG A 93 4.31 2.66 1.30
CA ARG A 93 5.56 3.24 1.79
C ARG A 93 6.70 2.22 1.71
N PRO A 94 7.89 2.69 1.31
CA PRO A 94 9.08 1.83 1.20
C PRO A 94 9.59 1.36 2.54
N TYR A 95 10.19 0.17 2.56
CA TYR A 95 10.73 -0.40 3.78
C TYR A 95 11.82 -1.43 3.48
N PHE A 96 12.83 -1.49 4.35
CA PHE A 96 13.93 -2.41 4.17
C PHE A 96 13.76 -3.65 5.07
N ASN A 97 13.83 -3.43 6.38
CA ASN A 97 13.67 -4.51 7.34
C ASN A 97 12.44 -4.29 8.22
N GLU A 98 12.44 -3.17 8.94
CA GLU A 98 11.32 -2.85 9.82
C GLU A 98 10.85 -1.42 9.59
N PHE A 99 11.78 -0.48 9.63
CA PHE A 99 11.46 0.93 9.43
C PHE A 99 10.68 1.13 8.13
N GLN A 100 10.14 2.33 7.96
CA GLN A 100 9.38 2.65 6.75
C GLN A 100 9.61 4.09 6.32
N GLY A 101 9.94 4.28 5.05
CA GLY A 101 10.19 5.61 4.53
C GLY A 101 9.10 6.60 4.93
N MET A 102 8.20 6.88 3.99
CA MET A 102 7.10 7.81 4.25
C MET A 102 5.78 7.25 3.74
N ASP A 103 4.70 7.51 4.48
CA ASP A 103 3.38 7.04 4.11
C ASP A 103 2.78 7.90 3.00
N SER A 104 2.61 7.32 1.82
CA SER A 104 2.05 8.05 0.69
C SER A 104 0.64 8.55 1.00
N GLU A 105 0.14 9.44 0.16
CA GLU A 105 -1.20 10.00 0.35
C GLU A 105 -2.21 8.91 0.65
N SER A 106 -2.79 8.95 1.84
CA SER A 106 -3.77 7.95 2.25
C SER A 106 -5.04 8.06 1.41
N LYS A 107 -5.21 7.13 0.49
CA LYS A 107 -6.38 7.11 -0.38
C LYS A 107 -7.50 6.27 0.23
N THR A 108 -8.73 6.75 0.08
CA THR A 108 -9.90 6.04 0.61
C THR A 108 -10.71 5.41 -0.51
N VAL A 109 -11.11 4.15 -0.31
CA VAL A 109 -11.90 3.43 -1.30
C VAL A 109 -13.23 2.98 -0.72
N ARG A 110 -14.32 3.44 -1.32
CA ARG A 110 -15.66 3.09 -0.86
C ARG A 110 -16.17 1.86 -1.60
N THR A 111 -16.29 0.76 -0.88
CA THR A 111 -16.78 -0.49 -1.47
C THR A 111 -18.30 -0.54 -1.48
N THR A 112 -18.88 -0.38 -2.67
CA THR A 112 -20.33 -0.39 -2.82
C THR A 112 -20.94 -1.61 -2.14
N GLU A 113 -22.25 -1.60 -1.98
CA GLU A 113 -22.96 -2.70 -1.35
C GLU A 113 -24.08 -3.22 -2.24
N GLU A 114 -24.12 -4.54 -2.43
CA GLU A 114 -25.14 -5.17 -3.27
C GLU A 114 -26.28 -5.69 -2.42
N SER A 115 -27.50 -5.50 -2.90
CA SER A 115 -28.69 -5.96 -2.18
C SER A 115 -29.64 -6.69 -3.12
N GLY A 116 -29.96 -7.93 -2.76
CA GLY A 116 -30.87 -8.73 -3.58
C GLY A 116 -30.30 -9.00 -4.96
N PRO A 117 -31.19 -9.10 -5.97
CA PRO A 117 -30.80 -9.36 -7.35
C PRO A 117 -30.07 -8.18 -7.99
N SER A 118 -29.68 -8.33 -9.25
CA SER A 118 -28.97 -7.27 -9.96
C SER A 118 -29.17 -7.41 -11.46
N SER A 119 -29.56 -6.32 -12.11
CA SER A 119 -29.79 -6.32 -13.55
C SER A 119 -28.65 -7.03 -14.29
N GLY A 120 -29.00 -7.83 -15.27
CA GLY A 120 -28.00 -8.56 -16.03
C GLY A 120 -27.25 -7.66 -17.01
N GLY A 1 32.81 -1.67 3.30
CA GLY A 1 32.60 -2.83 4.15
C GLY A 1 32.17 -4.04 3.36
N SER A 2 30.89 -4.37 3.44
CA SER A 2 30.35 -5.53 2.75
C SER A 2 30.61 -5.43 1.24
N SER A 3 31.63 -6.14 0.78
CA SER A 3 31.99 -6.13 -0.63
C SER A 3 30.75 -6.23 -1.52
N GLY A 4 30.53 -5.20 -2.34
CA GLY A 4 29.37 -5.19 -3.21
C GLY A 4 28.20 -4.44 -2.63
N SER A 5 26.98 -4.89 -2.93
CA SER A 5 25.78 -4.25 -2.43
C SER A 5 25.97 -3.78 -0.99
N SER A 6 25.38 -2.64 -0.66
CA SER A 6 25.49 -2.07 0.68
C SER A 6 24.14 -1.58 1.17
N GLY A 7 24.06 -1.24 2.45
CA GLY A 7 22.82 -0.78 3.04
C GLY A 7 23.01 0.47 3.89
N ARG A 8 23.78 1.42 3.37
CA ARG A 8 24.05 2.66 4.10
C ARG A 8 22.98 3.71 3.80
N GLN A 9 22.73 3.91 2.50
CA GLN A 9 21.72 4.89 2.07
C GLN A 9 20.33 4.48 2.53
N VAL A 10 20.23 3.28 3.09
CA VAL A 10 18.94 2.77 3.57
C VAL A 10 18.09 3.89 4.14
N GLN A 11 18.71 4.76 4.93
CA GLN A 11 18.00 5.88 5.54
C GLN A 11 18.21 7.16 4.74
N LYS A 12 19.33 7.23 4.03
CA LYS A 12 19.65 8.40 3.22
C LYS A 12 18.88 8.38 1.90
N GLU A 13 18.03 7.37 1.72
CA GLU A 13 17.24 7.23 0.52
C GLU A 13 15.79 6.91 0.85
N LEU A 14 15.60 5.89 1.69
CA LEU A 14 14.25 5.49 2.09
C LEU A 14 13.31 6.68 2.15
N GLY A 15 13.64 7.64 3.00
CA GLY A 15 12.81 8.83 3.14
C GLY A 15 12.72 9.63 1.86
N ASP A 16 13.86 9.83 1.21
CA ASP A 16 13.91 10.58 -0.04
C ASP A 16 12.83 10.09 -1.01
N VAL A 17 12.82 8.78 -1.25
CA VAL A 17 11.85 8.18 -2.17
C VAL A 17 10.47 8.82 -2.00
N LEU A 18 9.89 9.26 -3.11
CA LEU A 18 8.58 9.89 -3.09
C LEU A 18 7.53 8.99 -3.73
N VAL A 19 6.93 8.12 -2.91
CA VAL A 19 5.91 7.20 -3.39
C VAL A 19 4.63 7.94 -3.75
N ARG A 20 4.43 8.21 -5.02
CA ARG A 20 3.24 8.91 -5.50
C ARG A 20 2.05 7.98 -5.54
N LEU A 21 1.24 7.99 -4.49
CA LEU A 21 0.05 7.15 -4.42
C LEU A 21 -1.12 7.78 -5.14
N HIS A 22 -1.41 7.29 -6.35
CA HIS A 22 -2.52 7.81 -7.14
C HIS A 22 -3.85 7.59 -6.44
N ASN A 23 -4.33 6.35 -6.46
CA ASN A 23 -5.60 6.01 -5.82
C ASN A 23 -5.86 4.51 -5.90
N PRO A 24 -6.47 3.95 -4.85
CA PRO A 24 -6.79 2.52 -4.78
C PRO A 24 -7.91 2.13 -5.74
N VAL A 25 -7.55 1.96 -7.01
CA VAL A 25 -8.52 1.59 -8.03
C VAL A 25 -9.37 0.40 -7.57
N VAL A 26 -10.62 0.68 -7.23
CA VAL A 26 -11.54 -0.37 -6.77
C VAL A 26 -12.06 -1.19 -7.95
N LEU A 27 -11.59 -2.43 -8.06
CA LEU A 27 -12.02 -3.31 -9.14
C LEU A 27 -13.29 -4.07 -8.76
N THR A 28 -13.33 -4.56 -7.53
CA THR A 28 -14.48 -5.30 -7.04
C THR A 28 -14.80 -4.94 -5.59
N PRO A 29 -16.05 -5.20 -5.16
CA PRO A 29 -16.50 -4.91 -3.81
C PRO A 29 -15.85 -5.82 -2.77
N THR A 30 -15.07 -6.78 -3.25
CA THR A 30 -14.38 -7.72 -2.36
C THR A 30 -12.87 -7.58 -2.48
N THR A 31 -12.42 -6.94 -3.55
CA THR A 31 -10.99 -6.75 -3.78
C THR A 31 -10.70 -5.34 -4.29
N VAL A 32 -9.48 -4.88 -4.08
CA VAL A 32 -9.08 -3.55 -4.52
C VAL A 32 -7.63 -3.54 -5.01
N GLN A 33 -7.39 -2.84 -6.12
CA GLN A 33 -6.05 -2.76 -6.69
C GLN A 33 -5.43 -1.39 -6.43
N VAL A 34 -4.40 -1.36 -5.61
CA VAL A 34 -3.71 -0.11 -5.28
C VAL A 34 -2.50 0.09 -6.17
N THR A 35 -2.31 1.33 -6.63
CA THR A 35 -1.18 1.65 -7.49
C THR A 35 -0.35 2.79 -6.89
N TRP A 36 0.94 2.82 -7.26
CA TRP A 36 1.83 3.86 -6.76
C TRP A 36 3.13 3.88 -7.56
N THR A 37 3.70 5.07 -7.72
CA THR A 37 4.94 5.23 -8.46
C THR A 37 6.03 5.85 -7.60
N VAL A 38 7.29 5.63 -7.98
CA VAL A 38 8.42 6.17 -7.24
C VAL A 38 9.42 6.84 -8.17
N ASP A 39 9.64 8.13 -7.96
CA ASP A 39 10.57 8.89 -8.78
C ASP A 39 11.91 8.17 -8.88
N ARG A 40 12.42 7.69 -7.75
CA ARG A 40 13.69 6.99 -7.72
C ARG A 40 13.52 5.60 -7.10
N GLN A 41 13.53 4.58 -7.97
CA GLN A 41 13.38 3.20 -7.51
C GLN A 41 14.55 2.79 -6.61
N PRO A 42 14.24 2.49 -5.34
CA PRO A 42 15.24 2.08 -4.35
C PRO A 42 15.81 0.69 -4.64
N GLN A 43 17.08 0.51 -4.33
CA GLN A 43 17.76 -0.77 -4.56
C GLN A 43 17.77 -1.61 -3.29
N PHE A 44 18.15 -0.99 -2.18
CA PHE A 44 18.22 -1.68 -0.90
C PHE A 44 16.86 -2.25 -0.52
N ILE A 45 15.81 -1.44 -0.71
CA ILE A 45 14.46 -1.86 -0.39
C ILE A 45 14.29 -3.36 -0.57
N GLN A 46 13.48 -3.97 0.29
CA GLN A 46 13.23 -5.41 0.22
C GLN A 46 11.74 -5.69 0.06
N GLY A 47 11.03 -4.78 -0.60
CA GLY A 47 9.60 -4.95 -0.81
C GLY A 47 8.82 -3.71 -0.48
N TYR A 48 7.49 -3.84 -0.43
CA TYR A 48 6.63 -2.71 -0.13
C TYR A 48 5.47 -3.14 0.77
N ARG A 49 5.33 -2.47 1.91
CA ARG A 49 4.26 -2.79 2.86
C ARG A 49 3.00 -2.00 2.53
N VAL A 50 1.90 -2.72 2.33
CA VAL A 50 0.62 -2.08 2.01
C VAL A 50 -0.35 -2.16 3.19
N MET A 51 -0.34 -1.13 4.02
CA MET A 51 -1.21 -1.08 5.19
C MET A 51 -2.64 -0.70 4.79
N TYR A 52 -3.61 -1.31 5.45
CA TYR A 52 -5.02 -1.04 5.16
C TYR A 52 -5.90 -1.39 6.35
N ARG A 53 -7.11 -0.83 6.37
CA ARG A 53 -8.04 -1.08 7.46
C ARG A 53 -9.42 -0.53 7.12
N GLN A 54 -10.45 -1.07 7.79
CA GLN A 54 -11.82 -0.62 7.55
C GLN A 54 -12.09 0.70 8.27
N THR A 55 -13.08 1.44 7.76
CA THR A 55 -13.44 2.72 8.35
C THR A 55 -14.74 2.61 9.14
N SER A 56 -15.73 1.94 8.56
CA SER A 56 -17.03 1.76 9.20
C SER A 56 -17.30 0.29 9.48
N GLY A 57 -18.37 0.02 10.23
CA GLY A 57 -18.73 -1.34 10.56
C GLY A 57 -18.20 -1.77 11.91
N LEU A 58 -17.62 -2.97 11.97
CA LEU A 58 -17.08 -3.50 13.22
C LEU A 58 -15.56 -3.34 13.26
N GLN A 59 -14.91 -3.70 12.15
CA GLN A 59 -13.45 -3.60 12.07
C GLN A 59 -13.03 -2.18 11.72
N ALA A 60 -13.92 -1.22 11.97
CA ALA A 60 -13.64 0.18 11.69
C ALA A 60 -12.58 0.73 12.64
N THR A 61 -11.76 1.65 12.14
CA THR A 61 -10.71 2.26 12.95
C THR A 61 -10.10 1.23 13.90
N SER A 62 -10.11 -0.04 13.49
CA SER A 62 -9.56 -1.10 14.32
C SER A 62 -8.12 -1.40 13.93
N SER A 63 -7.47 -2.28 14.69
CA SER A 63 -6.08 -2.64 14.43
C SER A 63 -5.79 -2.63 12.93
N TRP A 64 -4.83 -1.80 12.53
CA TRP A 64 -4.46 -1.69 11.13
C TRP A 64 -3.81 -2.97 10.63
N GLN A 65 -3.86 -3.19 9.32
CA GLN A 65 -3.29 -4.39 8.72
C GLN A 65 -2.12 -4.03 7.80
N ASN A 66 -1.46 -5.05 7.26
CA ASN A 66 -0.33 -4.83 6.37
C ASN A 66 -0.17 -6.01 5.41
N LEU A 67 -0.13 -5.72 4.12
CA LEU A 67 0.03 -6.75 3.10
C LEU A 67 1.45 -6.74 2.52
N ASP A 68 2.27 -7.69 2.97
CA ASP A 68 3.64 -7.78 2.50
C ASP A 68 3.68 -8.22 1.03
N ALA A 69 3.85 -7.26 0.14
CA ALA A 69 3.90 -7.55 -1.29
C ALA A 69 4.89 -8.67 -1.59
N LYS A 70 5.95 -8.74 -0.79
CA LYS A 70 6.97 -9.77 -0.96
C LYS A 70 7.56 -9.72 -2.36
N VAL A 71 7.62 -8.53 -2.93
CA VAL A 71 8.17 -8.34 -4.27
C VAL A 71 8.49 -6.87 -4.53
N PRO A 72 9.80 -6.54 -4.54
CA PRO A 72 10.26 -5.17 -4.78
C PRO A 72 10.05 -4.73 -6.22
N THR A 73 9.74 -5.68 -7.09
CA THR A 73 9.51 -5.40 -8.50
C THR A 73 8.01 -5.36 -8.80
N GLU A 74 7.23 -4.81 -7.87
CA GLU A 74 5.79 -4.72 -8.05
C GLU A 74 5.25 -3.44 -7.44
N ARG A 75 4.57 -2.63 -8.25
CA ARG A 75 4.01 -1.36 -7.78
C ARG A 75 2.49 -1.43 -7.78
N SER A 76 1.94 -2.62 -7.52
CA SER A 76 0.50 -2.81 -7.50
C SER A 76 0.14 -4.05 -6.68
N ALA A 77 -0.50 -3.83 -5.54
CA ALA A 77 -0.91 -4.92 -4.67
C ALA A 77 -2.41 -5.18 -4.78
N VAL A 78 -2.83 -6.38 -4.40
CA VAL A 78 -4.23 -6.75 -4.45
C VAL A 78 -4.75 -7.16 -3.07
N LEU A 79 -5.67 -6.36 -2.54
CA LEU A 79 -6.24 -6.63 -1.23
C LEU A 79 -7.60 -7.31 -1.36
N VAL A 80 -7.66 -8.60 -1.05
CA VAL A 80 -8.89 -9.36 -1.12
C VAL A 80 -9.51 -9.56 0.25
N ASN A 81 -10.71 -10.11 0.28
CA ASN A 81 -11.41 -10.36 1.54
C ASN A 81 -11.83 -9.05 2.20
N LEU A 82 -12.44 -8.17 1.41
CA LEU A 82 -12.90 -6.88 1.90
C LEU A 82 -14.41 -6.84 2.00
N LYS A 83 -14.93 -5.86 2.76
CA LYS A 83 -16.36 -5.71 2.93
C LYS A 83 -16.97 -4.96 1.75
N LYS A 84 -18.27 -5.18 1.52
CA LYS A 84 -18.97 -4.53 0.42
C LYS A 84 -19.81 -3.37 0.93
N GLY A 85 -19.58 -2.18 0.36
CA GLY A 85 -20.33 -1.01 0.77
C GLY A 85 -19.73 -0.33 1.98
N VAL A 86 -18.40 -0.19 1.98
CA VAL A 86 -17.70 0.45 3.09
C VAL A 86 -16.35 1.01 2.64
N THR A 87 -16.00 2.18 3.15
CA THR A 87 -14.75 2.82 2.80
C THR A 87 -13.58 2.14 3.49
N TYR A 88 -12.39 2.26 2.90
CA TYR A 88 -11.20 1.65 3.45
C TYR A 88 -9.98 2.56 3.27
N GLU A 89 -9.29 2.84 4.37
CA GLU A 89 -8.11 3.71 4.33
C GLU A 89 -6.85 2.88 4.09
N ILE A 90 -6.21 3.10 2.95
CA ILE A 90 -4.99 2.38 2.60
C ILE A 90 -3.87 3.35 2.23
N LYS A 91 -2.65 2.99 2.60
CA LYS A 91 -1.49 3.83 2.29
C LYS A 91 -0.27 2.97 1.96
N VAL A 92 0.51 3.41 0.97
CA VAL A 92 1.70 2.68 0.56
C VAL A 92 2.94 3.25 1.23
N ARG A 93 3.91 2.37 1.51
CA ARG A 93 5.15 2.78 2.15
C ARG A 93 6.22 1.70 2.00
N PRO A 94 7.40 2.10 1.50
CA PRO A 94 8.53 1.18 1.31
C PRO A 94 9.13 0.71 2.63
N TYR A 95 9.91 -0.37 2.55
CA TYR A 95 10.54 -0.93 3.74
C TYR A 95 11.72 -1.82 3.37
N PHE A 96 12.70 -1.89 4.25
CA PHE A 96 13.89 -2.71 4.01
C PHE A 96 13.86 -3.98 4.85
N ASN A 97 13.73 -3.81 6.17
CA ASN A 97 13.68 -4.94 7.08
C ASN A 97 12.53 -4.79 8.08
N GLU A 98 12.61 -3.75 8.91
CA GLU A 98 11.57 -3.51 9.91
C GLU A 98 10.98 -2.11 9.74
N PHE A 99 11.85 -1.13 9.49
CA PHE A 99 11.42 0.25 9.30
C PHE A 99 10.64 0.40 8.00
N GLN A 100 9.93 1.52 7.87
CA GLN A 100 9.14 1.79 6.67
C GLN A 100 9.27 3.25 6.25
N GLY A 101 9.68 3.47 5.01
CA GLY A 101 9.84 4.82 4.51
C GLY A 101 8.59 5.66 4.69
N MET A 102 8.67 6.93 4.32
CA MET A 102 7.53 7.84 4.43
C MET A 102 6.24 7.18 3.94
N ASP A 103 5.22 7.20 4.78
CA ASP A 103 3.93 6.60 4.43
C ASP A 103 3.14 7.52 3.50
N SER A 104 2.91 7.06 2.27
CA SER A 104 2.17 7.84 1.30
C SER A 104 0.82 8.26 1.84
N GLU A 105 0.34 9.43 1.40
CA GLU A 105 -0.94 9.95 1.86
C GLU A 105 -2.00 8.85 1.89
N SER A 106 -2.79 8.84 2.97
CA SER A 106 -3.83 7.83 3.13
C SER A 106 -4.96 8.04 2.12
N LYS A 107 -5.26 7.00 1.35
CA LYS A 107 -6.30 7.08 0.34
C LYS A 107 -7.48 6.19 0.72
N THR A 108 -8.68 6.77 0.73
CA THR A 108 -9.89 6.02 1.07
C THR A 108 -10.55 5.42 -0.16
N VAL A 109 -10.89 4.14 -0.08
CA VAL A 109 -11.52 3.45 -1.20
C VAL A 109 -12.93 3.00 -0.83
N ARG A 110 -13.92 3.50 -1.56
CA ARG A 110 -15.31 3.16 -1.31
C ARG A 110 -15.72 1.94 -2.15
N THR A 111 -15.90 0.80 -1.47
CA THR A 111 -16.29 -0.42 -2.16
C THR A 111 -17.79 -0.45 -2.42
N THR A 112 -18.16 -0.26 -3.70
CA THR A 112 -19.57 -0.26 -4.09
C THR A 112 -20.31 -1.42 -3.44
N GLU A 113 -21.64 -1.35 -3.48
CA GLU A 113 -22.48 -2.39 -2.91
C GLU A 113 -23.54 -2.86 -3.89
N GLU A 114 -23.88 -4.14 -3.83
CA GLU A 114 -24.87 -4.72 -4.72
C GLU A 114 -24.48 -4.52 -6.18
N SER A 115 -23.21 -4.75 -6.49
CA SER A 115 -22.70 -4.59 -7.84
C SER A 115 -23.37 -5.57 -8.80
N GLY A 116 -23.81 -5.07 -9.94
CA GLY A 116 -24.46 -5.92 -10.93
C GLY A 116 -23.50 -6.89 -11.59
N PRO A 117 -23.95 -8.13 -11.77
CA PRO A 117 -23.13 -9.18 -12.40
C PRO A 117 -22.91 -8.94 -13.89
N SER A 118 -21.74 -8.39 -14.22
CA SER A 118 -21.41 -8.10 -15.60
C SER A 118 -20.33 -9.05 -16.11
N SER A 119 -20.76 -10.13 -16.75
CA SER A 119 -19.84 -11.13 -17.28
C SER A 119 -19.02 -10.55 -18.42
N GLY A 120 -17.92 -9.88 -18.07
CA GLY A 120 -17.06 -9.29 -19.08
C GLY A 120 -15.93 -8.47 -18.46
N GLY A 1 32.54 7.60 -0.11
CA GLY A 1 32.67 6.56 -1.09
C GLY A 1 31.71 5.41 -0.85
N SER A 2 31.70 4.45 -1.77
CA SER A 2 30.83 3.29 -1.65
C SER A 2 31.56 2.00 -2.02
N SER A 3 31.83 1.17 -1.03
CA SER A 3 32.54 -0.08 -1.26
C SER A 3 32.32 -1.04 -0.08
N GLY A 4 32.53 -2.33 -0.33
CA GLY A 4 32.36 -3.32 0.72
C GLY A 4 30.94 -3.41 1.21
N SER A 5 30.74 -3.17 2.50
CA SER A 5 29.41 -3.24 3.10
C SER A 5 28.42 -2.41 2.29
N SER A 6 27.21 -2.94 2.13
CA SER A 6 26.17 -2.26 1.38
C SER A 6 24.96 -1.95 2.27
N GLY A 7 24.25 -0.89 1.95
CA GLY A 7 23.08 -0.50 2.72
C GLY A 7 23.32 0.74 3.55
N ARG A 8 24.13 1.65 3.03
CA ARG A 8 24.43 2.90 3.72
C ARG A 8 23.39 3.97 3.42
N GLN A 9 22.88 3.96 2.20
CA GLN A 9 21.87 4.93 1.79
C GLN A 9 20.47 4.47 2.20
N VAL A 10 20.41 3.45 3.04
CA VAL A 10 19.15 2.92 3.51
C VAL A 10 18.39 3.94 4.36
N GLN A 11 19.07 4.49 5.36
CA GLN A 11 18.46 5.49 6.23
C GLN A 11 18.56 6.88 5.63
N LYS A 12 18.92 6.94 4.34
CA LYS A 12 19.05 8.21 3.65
C LYS A 12 18.02 8.34 2.54
N GLU A 13 17.94 7.31 1.69
CA GLU A 13 16.99 7.31 0.58
C GLU A 13 15.60 6.91 1.06
N LEU A 14 15.54 5.89 1.92
CA LEU A 14 14.28 5.41 2.45
C LEU A 14 13.29 6.56 2.62
N GLY A 15 13.79 7.71 3.05
CA GLY A 15 12.94 8.87 3.25
C GLY A 15 12.85 9.74 2.01
N ASP A 16 14.00 10.02 1.41
CA ASP A 16 14.05 10.85 0.21
C ASP A 16 13.01 10.41 -0.80
N VAL A 17 13.19 9.22 -1.36
CA VAL A 17 12.26 8.67 -2.34
C VAL A 17 10.82 8.95 -1.94
N LEU A 18 10.00 9.30 -2.91
CA LEU A 18 8.58 9.59 -2.66
C LEU A 18 7.69 8.73 -3.54
N VAL A 19 6.69 8.11 -2.92
CA VAL A 19 5.75 7.25 -3.65
C VAL A 19 4.48 8.02 -4.03
N ARG A 20 4.05 7.83 -5.27
CA ARG A 20 2.85 8.50 -5.76
C ARG A 20 1.67 7.55 -5.81
N LEU A 21 0.84 7.59 -4.77
CA LEU A 21 -0.34 6.72 -4.69
C LEU A 21 -1.52 7.34 -5.41
N HIS A 22 -1.59 7.11 -6.72
CA HIS A 22 -2.68 7.64 -7.54
C HIS A 22 -4.02 7.46 -6.84
N ASN A 23 -4.52 6.23 -6.85
CA ASN A 23 -5.80 5.91 -6.21
C ASN A 23 -6.07 4.42 -6.25
N PRO A 24 -6.59 3.89 -5.14
CA PRO A 24 -6.91 2.46 -5.01
C PRO A 24 -8.10 2.06 -5.87
N VAL A 25 -7.85 1.85 -7.17
CA VAL A 25 -8.90 1.46 -8.09
C VAL A 25 -9.75 0.33 -7.53
N VAL A 26 -10.99 0.65 -7.16
CA VAL A 26 -11.90 -0.34 -6.61
C VAL A 26 -12.49 -1.22 -7.71
N LEU A 27 -11.88 -2.38 -7.92
CA LEU A 27 -12.36 -3.31 -8.95
C LEU A 27 -13.67 -3.95 -8.53
N THR A 28 -13.63 -4.72 -7.46
CA THR A 28 -14.82 -5.41 -6.95
C THR A 28 -15.05 -5.08 -5.48
N PRO A 29 -16.29 -5.28 -5.02
CA PRO A 29 -16.68 -5.03 -3.63
C PRO A 29 -16.04 -6.02 -2.66
N THR A 30 -15.21 -6.91 -3.18
CA THR A 30 -14.54 -7.91 -2.36
C THR A 30 -13.03 -7.83 -2.53
N THR A 31 -12.59 -7.06 -3.51
CA THR A 31 -11.16 -6.91 -3.78
C THR A 31 -10.86 -5.52 -4.37
N VAL A 32 -9.82 -4.88 -3.84
CA VAL A 32 -9.42 -3.56 -4.32
C VAL A 32 -7.97 -3.55 -4.76
N GLN A 33 -7.71 -2.91 -5.89
CA GLN A 33 -6.35 -2.83 -6.43
C GLN A 33 -5.72 -1.48 -6.09
N VAL A 34 -4.45 -1.51 -5.68
CA VAL A 34 -3.73 -0.29 -5.33
C VAL A 34 -2.48 -0.12 -6.19
N THR A 35 -2.36 1.04 -6.82
CA THR A 35 -1.21 1.33 -7.67
C THR A 35 -0.48 2.59 -7.21
N TRP A 36 0.82 2.63 -7.45
CA TRP A 36 1.63 3.78 -7.06
C TRP A 36 2.87 3.89 -7.94
N THR A 37 3.42 5.10 -8.04
CA THR A 37 4.61 5.34 -8.84
C THR A 37 5.70 6.01 -8.03
N VAL A 38 6.89 5.42 -8.03
CA VAL A 38 8.02 5.97 -7.29
C VAL A 38 8.95 6.77 -8.20
N ASP A 39 9.31 7.96 -7.76
CA ASP A 39 10.19 8.83 -8.54
C ASP A 39 11.54 8.16 -8.78
N ARG A 40 12.19 7.73 -7.69
CA ARG A 40 13.49 7.07 -7.79
C ARG A 40 13.44 5.69 -7.14
N GLN A 41 12.92 4.71 -7.87
CA GLN A 41 12.82 3.35 -7.36
C GLN A 41 14.08 2.96 -6.60
N PRO A 42 13.95 2.82 -5.28
CA PRO A 42 15.07 2.45 -4.40
C PRO A 42 15.51 1.00 -4.62
N GLN A 43 16.80 0.80 -4.84
CA GLN A 43 17.35 -0.53 -5.06
C GLN A 43 17.53 -1.26 -3.73
N PHE A 44 18.15 -0.59 -2.78
CA PHE A 44 18.39 -1.17 -1.46
C PHE A 44 17.11 -1.77 -0.89
N ILE A 45 16.01 -1.05 -1.06
CA ILE A 45 14.72 -1.51 -0.55
C ILE A 45 14.53 -3.00 -0.78
N GLN A 46 13.63 -3.60 -0.02
CA GLN A 46 13.36 -5.03 -0.14
C GLN A 46 12.03 -5.28 -0.85
N GLY A 47 11.02 -4.51 -0.47
CA GLY A 47 9.71 -4.66 -1.08
C GLY A 47 8.81 -3.47 -0.82
N TYR A 48 7.60 -3.73 -0.33
CA TYR A 48 6.65 -2.68 -0.04
C TYR A 48 5.58 -3.15 0.93
N ARG A 49 5.18 -2.27 1.85
CA ARG A 49 4.16 -2.60 2.83
C ARG A 49 2.86 -1.86 2.55
N VAL A 50 1.82 -2.62 2.17
CA VAL A 50 0.53 -2.04 1.86
C VAL A 50 -0.44 -2.22 3.03
N MET A 51 -0.41 -1.29 3.97
CA MET A 51 -1.29 -1.35 5.14
C MET A 51 -2.69 -0.87 4.78
N TYR A 52 -3.69 -1.50 5.39
CA TYR A 52 -5.08 -1.14 5.12
C TYR A 52 -5.97 -1.49 6.32
N ARG A 53 -7.10 -0.82 6.42
CA ARG A 53 -8.04 -1.06 7.51
C ARG A 53 -9.41 -0.48 7.20
N GLN A 54 -10.43 -0.94 7.92
CA GLN A 54 -11.79 -0.47 7.71
C GLN A 54 -12.07 0.77 8.56
N THR A 55 -12.80 1.72 7.99
CA THR A 55 -13.14 2.96 8.69
C THR A 55 -14.56 2.91 9.23
N SER A 56 -15.48 2.40 8.43
CA SER A 56 -16.88 2.30 8.82
C SER A 56 -17.22 0.88 9.28
N GLY A 57 -18.34 0.75 9.98
CA GLY A 57 -18.75 -0.55 10.47
C GLY A 57 -18.15 -0.90 11.82
N LEU A 58 -18.30 -2.15 12.24
CA LEU A 58 -17.76 -2.59 13.52
C LEU A 58 -16.29 -2.98 13.39
N GLN A 59 -15.96 -3.70 12.32
CA GLN A 59 -14.59 -4.13 12.07
C GLN A 59 -13.66 -2.93 11.96
N ALA A 60 -14.24 -1.75 11.77
CA ALA A 60 -13.46 -0.53 11.63
C ALA A 60 -12.81 -0.14 12.96
N THR A 61 -11.94 0.85 12.92
CA THR A 61 -11.24 1.31 14.11
C THR A 61 -10.94 0.15 15.06
N SER A 62 -10.63 -1.01 14.48
CA SER A 62 -10.32 -2.20 15.27
C SER A 62 -8.82 -2.46 15.28
N SER A 63 -8.22 -2.51 14.11
CA SER A 63 -6.79 -2.75 13.99
C SER A 63 -6.33 -2.62 12.54
N TRP A 64 -5.12 -2.11 12.36
CA TRP A 64 -4.56 -1.94 11.02
C TRP A 64 -3.96 -3.24 10.49
N GLN A 65 -3.98 -3.40 9.18
CA GLN A 65 -3.43 -4.61 8.55
C GLN A 65 -2.19 -4.28 7.74
N ASN A 66 -1.45 -5.31 7.36
CA ASN A 66 -0.23 -5.13 6.57
C ASN A 66 -0.12 -6.22 5.50
N LEU A 67 0.03 -5.79 4.26
CA LEU A 67 0.16 -6.72 3.13
C LEU A 67 1.51 -6.57 2.46
N ASP A 68 2.47 -7.41 2.86
CA ASP A 68 3.81 -7.37 2.28
C ASP A 68 3.81 -7.94 0.87
N ALA A 69 4.26 -7.14 -0.09
CA ALA A 69 4.32 -7.55 -1.49
C ALA A 69 5.52 -8.46 -1.74
N LYS A 70 6.59 -8.24 -0.99
CA LYS A 70 7.81 -9.04 -1.13
C LYS A 70 8.37 -8.90 -2.54
N VAL A 71 8.15 -7.75 -3.16
CA VAL A 71 8.64 -7.50 -4.51
C VAL A 71 8.84 -6.00 -4.74
N PRO A 72 10.12 -5.60 -4.86
CA PRO A 72 10.49 -4.20 -5.09
C PRO A 72 10.11 -3.72 -6.48
N THR A 73 9.98 -4.67 -7.41
CA THR A 73 9.62 -4.34 -8.79
C THR A 73 8.13 -4.08 -8.92
N GLU A 74 7.34 -4.78 -8.11
CA GLU A 74 5.89 -4.63 -8.13
C GLU A 74 5.46 -3.35 -7.43
N ARG A 75 4.92 -2.41 -8.20
CA ARG A 75 4.47 -1.13 -7.65
C ARG A 75 2.95 -1.11 -7.51
N SER A 76 2.37 -2.26 -7.17
CA SER A 76 0.92 -2.37 -7.02
C SER A 76 0.56 -3.60 -6.21
N ALA A 77 -0.58 -3.55 -5.53
CA ALA A 77 -1.06 -4.66 -4.72
C ALA A 77 -2.55 -4.88 -4.89
N VAL A 78 -3.02 -6.06 -4.49
CA VAL A 78 -4.43 -6.40 -4.61
C VAL A 78 -4.99 -6.90 -3.28
N LEU A 79 -5.74 -6.04 -2.59
CA LEU A 79 -6.34 -6.40 -1.31
C LEU A 79 -7.63 -7.18 -1.51
N VAL A 80 -7.64 -8.43 -1.08
CA VAL A 80 -8.82 -9.28 -1.20
C VAL A 80 -9.56 -9.39 0.12
N ASN A 81 -10.59 -10.21 0.15
CA ASN A 81 -11.39 -10.42 1.36
C ASN A 81 -11.75 -9.07 2.00
N LEU A 82 -12.30 -8.17 1.19
CA LEU A 82 -12.68 -6.84 1.68
C LEU A 82 -14.20 -6.76 1.89
N LYS A 83 -14.61 -5.92 2.83
CA LYS A 83 -16.03 -5.74 3.12
C LYS A 83 -16.72 -4.95 2.01
N LYS A 84 -18.00 -5.25 1.79
CA LYS A 84 -18.77 -4.57 0.76
C LYS A 84 -19.58 -3.42 1.37
N GLY A 85 -19.44 -2.24 0.78
CA GLY A 85 -20.17 -1.08 1.26
C GLY A 85 -19.49 -0.43 2.45
N VAL A 86 -18.26 0.05 2.24
CA VAL A 86 -17.50 0.69 3.30
C VAL A 86 -16.20 1.28 2.77
N THR A 87 -15.76 2.39 3.37
CA THR A 87 -14.53 3.05 2.95
C THR A 87 -13.31 2.43 3.64
N TYR A 88 -12.26 2.22 2.87
CA TYR A 88 -11.03 1.63 3.40
C TYR A 88 -9.85 2.56 3.19
N GLU A 89 -9.09 2.80 4.26
CA GLU A 89 -7.92 3.68 4.19
C GLU A 89 -6.65 2.87 3.98
N ILE A 90 -6.00 3.09 2.83
CA ILE A 90 -4.77 2.38 2.51
C ILE A 90 -3.66 3.36 2.16
N LYS A 91 -2.43 2.99 2.51
CA LYS A 91 -1.26 3.84 2.23
C LYS A 91 -0.05 2.99 1.86
N VAL A 92 0.72 3.46 0.90
CA VAL A 92 1.92 2.75 0.45
C VAL A 92 3.18 3.41 0.97
N ARG A 93 4.18 2.60 1.31
CA ARG A 93 5.44 3.11 1.82
C ARG A 93 6.56 2.09 1.63
N PRO A 94 7.71 2.56 1.11
CA PRO A 94 8.87 1.70 0.87
C PRO A 94 9.52 1.24 2.16
N TYR A 95 9.60 -0.08 2.35
CA TYR A 95 10.20 -0.64 3.55
C TYR A 95 11.30 -1.63 3.19
N PHE A 96 12.31 -1.73 4.05
CA PHE A 96 13.43 -2.63 3.82
C PHE A 96 13.29 -3.89 4.67
N ASN A 97 13.45 -3.73 5.99
CA ASN A 97 13.34 -4.86 6.91
C ASN A 97 12.34 -4.55 8.01
N GLU A 98 12.71 -3.66 8.92
CA GLU A 98 11.85 -3.29 10.03
C GLU A 98 11.38 -1.84 9.90
N PHE A 99 12.27 -0.98 9.39
CA PHE A 99 11.95 0.43 9.20
C PHE A 99 11.09 0.64 7.96
N GLN A 100 10.31 1.72 7.96
CA GLN A 100 9.44 2.04 6.84
C GLN A 100 9.77 3.41 6.26
N GLY A 101 9.38 3.63 5.02
CA GLY A 101 9.65 4.90 4.37
C GLY A 101 8.51 5.88 4.54
N MET A 102 8.41 6.84 3.61
CA MET A 102 7.36 7.84 3.67
C MET A 102 6.01 7.24 3.28
N ASP A 103 5.02 7.45 4.14
CA ASP A 103 3.67 6.93 3.88
C ASP A 103 2.90 7.85 2.94
N SER A 104 2.66 7.37 1.73
CA SER A 104 1.94 8.14 0.73
C SER A 104 0.61 8.65 1.28
N GLU A 105 0.16 9.79 0.79
CA GLU A 105 -1.09 10.38 1.24
C GLU A 105 -2.18 9.31 1.38
N SER A 106 -2.42 8.88 2.61
CA SER A 106 -3.43 7.86 2.88
C SER A 106 -4.66 8.07 2.00
N LYS A 107 -4.93 7.10 1.13
CA LYS A 107 -6.08 7.18 0.24
C LYS A 107 -7.25 6.36 0.78
N THR A 108 -8.44 6.63 0.26
CA THR A 108 -9.64 5.92 0.70
C THR A 108 -10.33 5.24 -0.48
N VAL A 109 -10.66 3.96 -0.31
CA VAL A 109 -11.33 3.20 -1.36
C VAL A 109 -12.71 2.74 -0.90
N ARG A 110 -13.74 3.35 -1.48
CA ARG A 110 -15.12 3.00 -1.14
C ARG A 110 -15.61 1.82 -1.98
N THR A 111 -15.81 0.68 -1.33
CA THR A 111 -16.28 -0.52 -2.02
C THR A 111 -17.79 -0.51 -2.17
N THR A 112 -18.25 -0.26 -3.39
CA THR A 112 -19.68 -0.21 -3.68
C THR A 112 -20.39 -1.44 -3.12
N GLU A 113 -21.71 -1.41 -3.15
CA GLU A 113 -22.51 -2.53 -2.64
C GLU A 113 -23.51 -3.01 -3.69
N GLU A 114 -23.94 -2.09 -4.56
CA GLU A 114 -24.89 -2.42 -5.61
C GLU A 114 -24.17 -2.68 -6.93
N SER A 115 -24.51 -3.79 -7.57
CA SER A 115 -23.90 -4.16 -8.84
C SER A 115 -24.77 -3.70 -10.02
N GLY A 116 -24.12 -3.37 -11.13
CA GLY A 116 -24.85 -2.92 -12.30
C GLY A 116 -24.18 -1.73 -12.98
N PRO A 117 -24.50 -0.53 -12.50
CA PRO A 117 -23.94 0.72 -13.05
C PRO A 117 -22.46 0.87 -12.74
N SER A 118 -21.68 1.20 -13.76
CA SER A 118 -20.24 1.38 -13.59
C SER A 118 -19.73 2.53 -14.46
N SER A 119 -19.38 3.63 -13.82
CA SER A 119 -18.88 4.80 -14.53
C SER A 119 -17.49 4.55 -15.10
N GLY A 120 -17.14 5.29 -16.15
CA GLY A 120 -15.84 5.11 -16.77
C GLY A 120 -15.94 4.73 -18.24
N GLY A 1 35.60 4.27 -0.20
CA GLY A 1 36.21 3.11 0.40
C GLY A 1 35.39 2.56 1.56
N SER A 2 34.53 1.59 1.27
CA SER A 2 33.67 0.99 2.28
C SER A 2 33.44 -0.49 1.99
N SER A 3 33.97 -1.35 2.86
CA SER A 3 33.82 -2.79 2.69
C SER A 3 32.90 -3.37 3.75
N GLY A 4 31.84 -4.04 3.31
CA GLY A 4 30.89 -4.63 4.23
C GLY A 4 29.59 -5.01 3.56
N SER A 5 28.48 -4.85 4.29
CA SER A 5 27.17 -5.18 3.76
C SER A 5 26.49 -3.94 3.18
N SER A 6 25.76 -4.13 2.08
CA SER A 6 25.06 -3.03 1.42
C SER A 6 23.83 -2.61 2.23
N GLY A 7 23.87 -1.40 2.77
CA GLY A 7 22.75 -0.90 3.55
C GLY A 7 23.13 0.32 4.38
N ARG A 8 23.89 1.23 3.79
CA ARG A 8 24.32 2.44 4.48
C ARG A 8 23.44 3.62 4.12
N GLN A 9 23.18 3.77 2.82
CA GLN A 9 22.35 4.86 2.33
C GLN A 9 20.87 4.53 2.48
N VAL A 10 20.57 3.51 3.29
CA VAL A 10 19.19 3.10 3.51
C VAL A 10 18.39 4.19 4.22
N GLN A 11 19.00 4.78 5.25
CA GLN A 11 18.34 5.83 6.02
C GLN A 11 18.33 7.14 5.24
N LYS A 12 18.96 7.13 4.06
CA LYS A 12 19.03 8.32 3.22
C LYS A 12 17.96 8.27 2.13
N GLU A 13 17.96 7.18 1.36
CA GLU A 13 16.99 7.02 0.28
C GLU A 13 15.60 6.73 0.84
N LEU A 14 15.53 5.77 1.75
CA LEU A 14 14.25 5.39 2.36
C LEU A 14 13.31 6.59 2.45
N GLY A 15 13.79 7.66 3.08
CA GLY A 15 12.99 8.87 3.23
C GLY A 15 12.98 9.71 1.97
N ASP A 16 14.13 9.80 1.32
CA ASP A 16 14.26 10.59 0.09
C ASP A 16 13.16 10.23 -0.90
N VAL A 17 13.16 8.97 -1.35
CA VAL A 17 12.17 8.50 -2.30
C VAL A 17 10.76 8.90 -1.87
N LEU A 18 9.98 9.42 -2.81
CA LEU A 18 8.62 9.84 -2.52
C LEU A 18 7.61 8.98 -3.28
N VAL A 19 6.74 8.30 -2.54
CA VAL A 19 5.73 7.44 -3.14
C VAL A 19 4.49 8.24 -3.53
N ARG A 20 4.00 8.02 -4.74
CA ARG A 20 2.82 8.71 -5.23
C ARG A 20 1.65 7.74 -5.41
N LEU A 21 0.67 7.82 -4.51
CA LEU A 21 -0.50 6.96 -4.58
C LEU A 21 -1.62 7.62 -5.35
N HIS A 22 -1.79 7.21 -6.61
CA HIS A 22 -2.84 7.76 -7.46
C HIS A 22 -4.21 7.58 -6.83
N ASN A 23 -4.71 6.35 -6.87
CA ASN A 23 -6.02 6.03 -6.29
C ASN A 23 -6.29 4.53 -6.33
N PRO A 24 -6.81 4.00 -5.21
CA PRO A 24 -7.11 2.57 -5.08
C PRO A 24 -8.31 2.16 -5.95
N VAL A 25 -8.05 1.96 -7.24
CA VAL A 25 -9.10 1.56 -8.17
C VAL A 25 -9.93 0.41 -7.61
N VAL A 26 -11.15 0.71 -7.17
CA VAL A 26 -12.04 -0.29 -6.62
C VAL A 26 -12.66 -1.15 -7.72
N LEU A 27 -12.17 -2.38 -7.86
CA LEU A 27 -12.68 -3.30 -8.87
C LEU A 27 -13.93 -4.00 -8.38
N THR A 28 -13.80 -4.76 -7.29
CA THR A 28 -14.92 -5.49 -6.72
C THR A 28 -15.10 -5.17 -5.25
N PRO A 29 -16.31 -5.42 -4.72
CA PRO A 29 -16.64 -5.16 -3.31
C PRO A 29 -15.92 -6.12 -2.37
N THR A 30 -15.08 -6.99 -2.93
CA THR A 30 -14.34 -7.96 -2.15
C THR A 30 -12.84 -7.86 -2.42
N THR A 31 -12.50 -7.29 -3.58
CA THR A 31 -11.10 -7.14 -3.96
C THR A 31 -10.86 -5.81 -4.67
N VAL A 32 -9.88 -5.06 -4.19
CA VAL A 32 -9.55 -3.77 -4.77
C VAL A 32 -8.11 -3.73 -5.25
N GLN A 33 -7.88 -3.05 -6.37
CA GLN A 33 -6.54 -2.94 -6.93
C GLN A 33 -5.86 -1.65 -6.47
N VAL A 34 -4.57 -1.75 -6.16
CA VAL A 34 -3.80 -0.59 -5.71
C VAL A 34 -2.58 -0.35 -6.60
N THR A 35 -2.37 0.91 -6.99
CA THR A 35 -1.25 1.26 -7.84
C THR A 35 -0.55 2.52 -7.32
N TRP A 36 0.75 2.61 -7.56
CA TRP A 36 1.53 3.76 -7.13
C TRP A 36 2.85 3.84 -7.89
N THR A 37 3.51 5.00 -7.80
CA THR A 37 4.78 5.20 -8.48
C THR A 37 5.78 5.91 -7.58
N VAL A 38 7.05 5.53 -7.70
CA VAL A 38 8.11 6.13 -6.90
C VAL A 38 9.08 6.92 -7.76
N ASP A 39 9.49 8.08 -7.27
CA ASP A 39 10.42 8.93 -7.99
C ASP A 39 11.75 8.22 -8.22
N ARG A 40 12.25 7.57 -7.18
CA ARG A 40 13.52 6.85 -7.27
C ARG A 40 13.39 5.46 -6.65
N GLN A 41 13.37 4.44 -7.49
CA GLN A 41 13.25 3.06 -7.04
C GLN A 41 14.50 2.64 -6.25
N PRO A 42 14.32 2.43 -4.94
CA PRO A 42 15.42 2.03 -4.05
C PRO A 42 15.88 0.60 -4.31
N GLN A 43 17.19 0.37 -4.21
CA GLN A 43 17.75 -0.95 -4.43
C GLN A 43 17.70 -1.79 -3.15
N PHE A 44 18.22 -1.21 -2.06
CA PHE A 44 18.24 -1.90 -0.78
C PHE A 44 16.86 -2.41 -0.41
N ILE A 45 15.84 -1.59 -0.65
CA ILE A 45 14.46 -1.96 -0.35
C ILE A 45 14.26 -3.46 -0.48
N GLN A 46 13.47 -4.02 0.44
CA GLN A 46 13.19 -5.45 0.43
C GLN A 46 11.82 -5.73 -0.17
N GLY A 47 10.88 -4.82 0.05
CA GLY A 47 9.54 -4.99 -0.48
C GLY A 47 8.70 -3.74 -0.31
N TYR A 48 7.38 -3.93 -0.22
CA TYR A 48 6.45 -2.80 -0.06
C TYR A 48 5.29 -3.18 0.84
N ARG A 49 5.22 -2.54 2.01
CA ARG A 49 4.16 -2.80 2.97
C ARG A 49 2.95 -1.92 2.69
N VAL A 50 1.82 -2.56 2.40
CA VAL A 50 0.58 -1.83 2.11
C VAL A 50 -0.41 -1.95 3.27
N MET A 51 -0.32 -1.02 4.22
CA MET A 51 -1.21 -1.02 5.37
C MET A 51 -2.62 -0.60 4.97
N TYR A 52 -3.61 -1.36 5.42
CA TYR A 52 -5.00 -1.07 5.11
C TYR A 52 -5.91 -1.43 6.29
N ARG A 53 -6.99 -0.67 6.45
CA ARG A 53 -7.93 -0.90 7.53
C ARG A 53 -9.26 -0.19 7.26
N GLN A 54 -10.32 -0.64 7.92
CA GLN A 54 -11.63 -0.05 7.75
C GLN A 54 -11.71 1.33 8.40
N THR A 55 -12.61 2.16 7.91
CA THR A 55 -12.78 3.51 8.44
C THR A 55 -14.23 3.76 8.85
N SER A 56 -15.16 3.23 8.06
CA SER A 56 -16.58 3.40 8.34
C SER A 56 -17.20 2.11 8.89
N GLY A 57 -16.75 0.98 8.35
CA GLY A 57 -17.25 -0.30 8.80
C GLY A 57 -17.15 -0.48 10.30
N LEU A 58 -17.36 -1.71 10.77
CA LEU A 58 -17.29 -2.01 12.19
C LEU A 58 -15.84 -2.15 12.64
N GLN A 59 -15.04 -2.83 11.82
CA GLN A 59 -13.63 -3.03 12.14
C GLN A 59 -12.81 -1.80 11.80
N ALA A 60 -13.43 -0.63 11.94
CA ALA A 60 -12.74 0.63 11.66
C ALA A 60 -11.89 1.07 12.84
N THR A 61 -10.74 1.68 12.53
CA THR A 61 -9.83 2.14 13.57
C THR A 61 -9.74 1.14 14.73
N SER A 62 -10.03 -0.11 14.43
CA SER A 62 -9.98 -1.17 15.44
C SER A 62 -8.61 -1.84 15.46
N SER A 63 -8.11 -2.19 14.27
CA SER A 63 -6.81 -2.84 14.16
C SER A 63 -6.26 -2.71 12.74
N TRP A 64 -5.10 -2.09 12.62
CA TRP A 64 -4.46 -1.90 11.32
C TRP A 64 -3.90 -3.22 10.79
N GLN A 65 -3.88 -3.34 9.47
CA GLN A 65 -3.37 -4.55 8.83
C GLN A 65 -2.14 -4.24 7.98
N ASN A 66 -1.51 -5.29 7.46
CA ASN A 66 -0.33 -5.13 6.62
C ASN A 66 -0.29 -6.18 5.52
N LEU A 67 -0.15 -5.74 4.28
CA LEU A 67 -0.09 -6.64 3.14
C LEU A 67 1.31 -6.68 2.53
N ASP A 68 2.09 -7.67 2.95
CA ASP A 68 3.46 -7.82 2.45
C ASP A 68 3.45 -8.20 0.97
N ALA A 69 4.05 -7.34 0.13
CA ALA A 69 4.11 -7.59 -1.30
C ALA A 69 5.14 -8.67 -1.62
N LYS A 70 6.10 -8.84 -0.73
CA LYS A 70 7.15 -9.85 -0.93
C LYS A 70 7.80 -9.70 -2.30
N VAL A 71 7.87 -8.46 -2.79
CA VAL A 71 8.47 -8.18 -4.08
C VAL A 71 8.62 -6.68 -4.31
N PRO A 72 9.87 -6.20 -4.29
CA PRO A 72 10.18 -4.78 -4.49
C PRO A 72 9.93 -4.33 -5.93
N THR A 73 9.89 -5.29 -6.85
CA THR A 73 9.66 -4.99 -8.25
C THR A 73 8.17 -4.90 -8.56
N GLU A 74 7.39 -4.53 -7.54
CA GLU A 74 5.95 -4.39 -7.70
C GLU A 74 5.43 -3.13 -7.03
N ARG A 75 4.85 -2.24 -7.83
CA ARG A 75 4.33 -0.97 -7.32
C ARG A 75 2.80 -0.96 -7.40
N SER A 76 2.19 -2.13 -7.20
CA SER A 76 0.74 -2.25 -7.24
C SER A 76 0.28 -3.57 -6.64
N ALA A 77 -0.37 -3.49 -5.48
CA ALA A 77 -0.86 -4.69 -4.81
C ALA A 77 -2.38 -4.73 -4.80
N VAL A 78 -2.93 -5.93 -4.66
CA VAL A 78 -4.38 -6.10 -4.64
C VAL A 78 -4.84 -6.68 -3.31
N LEU A 79 -5.77 -5.99 -2.66
CA LEU A 79 -6.30 -6.43 -1.37
C LEU A 79 -7.50 -7.35 -1.56
N VAL A 80 -7.40 -8.56 -1.01
CA VAL A 80 -8.47 -9.54 -1.12
C VAL A 80 -9.17 -9.74 0.22
N ASN A 81 -10.32 -10.41 0.19
CA ASN A 81 -11.08 -10.67 1.41
C ASN A 81 -11.52 -9.36 2.06
N LEU A 82 -12.11 -8.47 1.27
CA LEU A 82 -12.57 -7.19 1.78
C LEU A 82 -14.09 -7.18 1.95
N LYS A 83 -14.58 -6.27 2.77
CA LYS A 83 -16.02 -6.15 3.02
C LYS A 83 -16.71 -5.41 1.88
N LYS A 84 -18.02 -5.56 1.80
CA LYS A 84 -18.81 -4.91 0.75
C LYS A 84 -19.58 -3.73 1.32
N GLY A 85 -19.44 -2.57 0.69
CA GLY A 85 -20.13 -1.39 1.14
C GLY A 85 -19.46 -0.73 2.34
N VAL A 86 -18.19 -0.39 2.17
CA VAL A 86 -17.42 0.25 3.24
C VAL A 86 -16.13 0.84 2.71
N THR A 87 -15.74 1.99 3.25
CA THR A 87 -14.52 2.66 2.84
C THR A 87 -13.29 2.03 3.51
N TYR A 88 -12.16 2.09 2.82
CA TYR A 88 -10.91 1.53 3.34
C TYR A 88 -9.74 2.47 3.08
N GLU A 89 -8.98 2.76 4.12
CA GLU A 89 -7.83 3.64 4.01
C GLU A 89 -6.54 2.84 3.85
N ILE A 90 -5.85 3.04 2.73
CA ILE A 90 -4.60 2.35 2.47
C ILE A 90 -3.50 3.32 2.06
N LYS A 91 -2.26 2.98 2.41
CA LYS A 91 -1.12 3.82 2.08
C LYS A 91 0.14 2.97 1.87
N VAL A 92 0.90 3.30 0.83
CA VAL A 92 2.13 2.57 0.52
C VAL A 92 3.30 3.11 1.33
N ARG A 93 4.22 2.23 1.70
CA ARG A 93 5.39 2.62 2.47
C ARG A 93 6.56 1.68 2.19
N PRO A 94 7.61 2.23 1.56
CA PRO A 94 8.81 1.46 1.21
C PRO A 94 9.63 1.08 2.44
N TYR A 95 9.55 -0.18 2.83
CA TYR A 95 10.29 -0.68 4.00
C TYR A 95 11.43 -1.60 3.57
N PHE A 96 12.51 -1.57 4.35
CA PHE A 96 13.66 -2.41 4.06
C PHE A 96 13.72 -3.62 4.99
N ASN A 97 13.94 -3.37 6.28
CA ASN A 97 14.00 -4.43 7.27
C ASN A 97 12.93 -4.25 8.34
N GLU A 98 13.11 -3.25 9.18
CA GLU A 98 12.16 -2.97 10.25
C GLU A 98 11.49 -1.61 10.04
N PHE A 99 12.29 -0.63 9.66
CA PHE A 99 11.79 0.72 9.43
C PHE A 99 10.89 0.77 8.19
N GLN A 100 10.08 1.81 8.09
CA GLN A 100 9.18 1.97 6.96
C GLN A 100 9.27 3.39 6.39
N GLY A 101 9.74 3.48 5.14
CA GLY A 101 9.87 4.78 4.50
C GLY A 101 8.62 5.61 4.61
N MET A 102 8.68 6.84 4.12
CA MET A 102 7.53 7.75 4.17
C MET A 102 6.26 7.02 3.75
N ASP A 103 5.12 7.59 4.11
CA ASP A 103 3.82 7.01 3.77
C ASP A 103 3.09 7.86 2.73
N SER A 104 2.83 7.27 1.57
CA SER A 104 2.15 7.96 0.49
C SER A 104 0.84 8.58 0.99
N GLU A 105 0.22 9.38 0.13
CA GLU A 105 -1.05 10.04 0.48
C GLU A 105 -2.14 9.01 0.74
N SER A 106 -2.47 8.80 2.02
CA SER A 106 -3.50 7.85 2.39
C SER A 106 -4.78 8.08 1.61
N LYS A 107 -5.09 7.17 0.70
CA LYS A 107 -6.29 7.27 -0.13
C LYS A 107 -7.39 6.34 0.39
N THR A 108 -8.63 6.82 0.38
CA THR A 108 -9.75 6.02 0.84
C THR A 108 -10.51 5.41 -0.34
N VAL A 109 -10.77 4.11 -0.25
CA VAL A 109 -11.48 3.39 -1.31
C VAL A 109 -12.85 2.94 -0.84
N ARG A 110 -13.89 3.48 -1.46
CA ARG A 110 -15.26 3.13 -1.12
C ARG A 110 -15.74 1.91 -1.90
N THR A 111 -15.84 0.78 -1.23
CA THR A 111 -16.29 -0.46 -1.86
C THR A 111 -17.78 -0.44 -2.11
N THR A 112 -18.17 -0.27 -3.37
CA THR A 112 -19.57 -0.23 -3.75
C THR A 112 -20.35 -1.36 -3.07
N GLU A 113 -21.68 -1.26 -3.11
CA GLU A 113 -22.53 -2.27 -2.49
C GLU A 113 -23.19 -3.14 -3.56
N GLU A 114 -23.70 -2.51 -4.61
CA GLU A 114 -24.35 -3.22 -5.70
C GLU A 114 -23.35 -3.60 -6.79
N SER A 115 -23.56 -4.73 -7.42
CA SER A 115 -22.68 -5.20 -8.48
C SER A 115 -22.29 -4.06 -9.40
N GLY A 116 -20.99 -3.95 -9.66
CA GLY A 116 -20.50 -2.88 -10.53
C GLY A 116 -19.96 -3.42 -11.85
N PRO A 117 -20.85 -3.56 -12.85
CA PRO A 117 -20.48 -4.06 -14.18
C PRO A 117 -19.63 -3.07 -14.95
N SER A 118 -18.55 -3.57 -15.55
CA SER A 118 -17.64 -2.73 -16.33
C SER A 118 -16.97 -3.53 -17.44
N SER A 119 -16.14 -2.86 -18.23
CA SER A 119 -15.44 -3.50 -19.33
C SER A 119 -14.09 -4.06 -18.86
N GLY A 120 -13.91 -5.36 -19.04
CA GLY A 120 -12.67 -5.99 -18.63
C GLY A 120 -12.65 -7.48 -18.94
N GLY A 1 25.64 -0.93 13.52
CA GLY A 1 24.21 -1.14 13.67
C GLY A 1 23.87 -2.56 14.07
N SER A 2 23.57 -3.40 13.08
CA SER A 2 23.22 -4.79 13.33
C SER A 2 24.34 -5.72 12.90
N SER A 3 25.27 -5.99 13.81
CA SER A 3 26.40 -6.87 13.53
C SER A 3 26.95 -6.61 12.14
N GLY A 4 26.98 -5.34 11.74
CA GLY A 4 27.49 -4.98 10.44
C GLY A 4 26.74 -5.67 9.31
N SER A 5 25.92 -4.91 8.59
CA SER A 5 25.14 -5.46 7.49
C SER A 5 24.96 -4.43 6.38
N SER A 6 24.75 -4.91 5.16
CA SER A 6 24.56 -4.03 4.01
C SER A 6 23.30 -3.19 4.18
N GLY A 7 23.49 -1.87 4.28
CA GLY A 7 22.37 -0.97 4.45
C GLY A 7 22.72 0.25 5.28
N ARG A 8 23.44 1.19 4.67
CA ARG A 8 23.84 2.40 5.36
C ARG A 8 23.06 3.61 4.84
N GLN A 9 22.82 3.63 3.54
CA GLN A 9 22.08 4.72 2.91
C GLN A 9 20.58 4.46 2.96
N VAL A 10 20.17 3.49 3.77
CA VAL A 10 18.77 3.14 3.90
C VAL A 10 17.99 4.25 4.57
N GLN A 11 18.50 4.73 5.70
CA GLN A 11 17.84 5.80 6.45
C GLN A 11 17.91 7.12 5.67
N LYS A 12 18.56 7.09 4.52
CA LYS A 12 18.70 8.28 3.69
C LYS A 12 17.74 8.22 2.50
N GLU A 13 17.93 7.22 1.65
CA GLU A 13 17.08 7.05 0.46
C GLU A 13 15.66 6.66 0.87
N LEU A 14 15.55 5.73 1.81
CA LEU A 14 14.25 5.26 2.28
C LEU A 14 13.24 6.40 2.27
N GLY A 15 13.35 7.30 3.24
CA GLY A 15 12.43 8.43 3.33
C GLY A 15 12.42 9.25 2.06
N ASP A 16 13.59 9.49 1.49
CA ASP A 16 13.71 10.27 0.27
C ASP A 16 12.72 9.79 -0.78
N VAL A 17 12.63 8.46 -0.94
CA VAL A 17 11.73 7.87 -1.91
C VAL A 17 10.35 8.51 -1.85
N LEU A 18 9.96 9.16 -2.94
CA LEU A 18 8.66 9.82 -3.01
C LEU A 18 7.67 8.99 -3.82
N VAL A 19 6.88 8.19 -3.12
CA VAL A 19 5.88 7.33 -3.76
C VAL A 19 4.60 8.11 -4.05
N ARG A 20 4.18 8.10 -5.31
CA ARG A 20 2.97 8.81 -5.72
C ARG A 20 1.79 7.85 -5.78
N LEU A 21 0.83 8.05 -4.88
CA LEU A 21 -0.37 7.21 -4.83
C LEU A 21 -1.49 7.80 -5.68
N HIS A 22 -1.69 7.25 -6.87
CA HIS A 22 -2.73 7.73 -7.77
C HIS A 22 -4.11 7.58 -7.13
N ASN A 23 -4.61 6.35 -7.07
CA ASN A 23 -5.92 6.09 -6.48
C ASN A 23 -6.20 4.59 -6.44
N PRO A 24 -6.76 4.12 -5.31
CA PRO A 24 -7.08 2.71 -5.12
C PRO A 24 -8.26 2.27 -5.99
N VAL A 25 -7.97 1.99 -7.26
CA VAL A 25 -9.00 1.56 -8.20
C VAL A 25 -9.75 0.34 -7.66
N VAL A 26 -10.96 0.56 -7.18
CA VAL A 26 -11.79 -0.53 -6.65
C VAL A 26 -12.36 -1.39 -7.76
N LEU A 27 -12.06 -2.69 -7.71
CA LEU A 27 -12.55 -3.62 -8.72
C LEU A 27 -13.78 -4.36 -8.22
N THR A 28 -13.77 -4.74 -6.95
CA THR A 28 -14.90 -5.45 -6.35
C THR A 28 -15.07 -5.07 -4.89
N PRO A 29 -16.27 -5.33 -4.35
CA PRO A 29 -16.59 -5.03 -2.94
C PRO A 29 -15.85 -5.94 -1.98
N THR A 30 -15.03 -6.83 -2.52
CA THR A 30 -14.26 -7.75 -1.69
C THR A 30 -12.78 -7.72 -2.06
N THR A 31 -12.44 -6.96 -3.10
CA THR A 31 -11.07 -6.85 -3.55
C THR A 31 -10.82 -5.49 -4.20
N VAL A 32 -9.71 -4.86 -3.83
CA VAL A 32 -9.35 -3.55 -4.37
C VAL A 32 -7.92 -3.55 -4.90
N GLN A 33 -7.72 -2.88 -6.04
CA GLN A 33 -6.41 -2.80 -6.65
C GLN A 33 -5.71 -1.50 -6.29
N VAL A 34 -4.48 -1.60 -5.80
CA VAL A 34 -3.71 -0.43 -5.41
C VAL A 34 -2.46 -0.27 -6.28
N THR A 35 -2.28 0.92 -6.84
CA THR A 35 -1.14 1.19 -7.69
C THR A 35 -0.40 2.45 -7.24
N TRP A 36 0.90 2.49 -7.50
CA TRP A 36 1.73 3.63 -7.11
C TRP A 36 2.98 3.72 -7.98
N THR A 37 3.70 4.83 -7.87
CA THR A 37 4.92 5.04 -8.64
C THR A 37 5.98 5.73 -7.80
N VAL A 38 7.23 5.66 -8.26
CA VAL A 38 8.33 6.29 -7.56
C VAL A 38 9.30 6.95 -8.53
N ASP A 39 10.10 7.88 -8.02
CA ASP A 39 11.07 8.59 -8.84
C ASP A 39 12.44 7.94 -8.76
N ARG A 40 12.87 7.64 -7.54
CA ARG A 40 14.17 7.00 -7.32
C ARG A 40 14.01 5.65 -6.64
N GLN A 41 13.62 4.64 -7.42
CA GLN A 41 13.43 3.29 -6.89
C GLN A 41 14.63 2.86 -6.05
N PRO A 42 14.38 2.60 -4.76
CA PRO A 42 15.43 2.16 -3.83
C PRO A 42 15.94 0.76 -4.14
N GLN A 43 17.22 0.52 -3.85
CA GLN A 43 17.82 -0.78 -4.10
C GLN A 43 17.68 -1.68 -2.88
N PHE A 44 18.05 -1.16 -1.72
CA PHE A 44 17.96 -1.92 -0.47
C PHE A 44 16.55 -2.45 -0.25
N ILE A 45 15.56 -1.59 -0.51
CA ILE A 45 14.15 -1.96 -0.35
C ILE A 45 13.94 -3.44 -0.66
N GLN A 46 13.25 -4.13 0.23
CA GLN A 46 12.97 -5.55 0.05
C GLN A 46 11.63 -5.76 -0.65
N GLY A 47 10.77 -4.74 -0.59
CA GLY A 47 9.47 -4.83 -1.22
C GLY A 47 8.63 -3.59 -0.99
N TYR A 48 7.37 -3.79 -0.59
CA TYR A 48 6.47 -2.67 -0.34
C TYR A 48 5.33 -3.10 0.59
N ARG A 49 5.23 -2.42 1.72
CA ARG A 49 4.19 -2.72 2.70
C ARG A 49 2.89 -1.99 2.36
N VAL A 50 1.84 -2.75 2.12
CA VAL A 50 0.54 -2.17 1.79
C VAL A 50 -0.38 -2.15 3.00
N MET A 51 -0.40 -1.03 3.71
CA MET A 51 -1.24 -0.88 4.88
C MET A 51 -2.69 -0.63 4.49
N TYR A 52 -3.61 -1.15 5.30
CA TYR A 52 -5.04 -0.98 5.04
C TYR A 52 -5.86 -1.36 6.26
N ARG A 53 -7.07 -0.82 6.34
CA ARG A 53 -7.97 -1.09 7.46
C ARG A 53 -9.35 -0.50 7.21
N GLN A 54 -10.32 -0.90 8.02
CA GLN A 54 -11.69 -0.41 7.89
C GLN A 54 -11.85 0.93 8.62
N THR A 55 -12.74 1.77 8.10
CA THR A 55 -13.00 3.07 8.69
C THR A 55 -14.34 3.09 9.42
N SER A 56 -15.31 2.36 8.89
CA SER A 56 -16.63 2.30 9.50
C SER A 56 -17.09 0.84 9.64
N GLY A 57 -17.82 0.56 10.71
CA GLY A 57 -18.31 -0.78 10.94
C GLY A 57 -17.91 -1.32 12.31
N LEU A 58 -17.65 -2.63 12.37
CA LEU A 58 -17.26 -3.26 13.62
C LEU A 58 -15.74 -3.28 13.77
N GLN A 59 -15.05 -3.75 12.73
CA GLN A 59 -13.60 -3.82 12.74
C GLN A 59 -12.99 -2.47 12.40
N ALA A 60 -13.83 -1.45 12.32
CA ALA A 60 -13.36 -0.10 12.00
C ALA A 60 -12.43 0.43 13.08
N THR A 61 -11.43 1.19 12.66
CA THR A 61 -10.46 1.76 13.60
C THR A 61 -10.15 0.79 14.73
N SER A 62 -10.19 -0.50 14.41
CA SER A 62 -9.91 -1.54 15.40
C SER A 62 -8.43 -1.95 15.36
N SER A 63 -7.89 -2.06 14.16
CA SER A 63 -6.50 -2.45 13.98
C SER A 63 -6.09 -2.35 12.51
N TRP A 64 -4.86 -1.91 12.28
CA TRP A 64 -4.34 -1.77 10.92
C TRP A 64 -3.69 -3.06 10.45
N GLN A 65 -3.86 -3.37 9.17
CA GLN A 65 -3.29 -4.59 8.59
C GLN A 65 -2.02 -4.28 7.81
N ASN A 66 -1.32 -5.32 7.37
CA ASN A 66 -0.09 -5.15 6.61
C ASN A 66 0.05 -6.26 5.57
N LEU A 67 0.25 -5.87 4.32
CA LEU A 67 0.41 -6.83 3.23
C LEU A 67 1.74 -6.63 2.52
N ASP A 68 2.72 -7.46 2.87
CA ASP A 68 4.05 -7.37 2.25
C ASP A 68 4.04 -8.00 0.86
N ALA A 69 4.38 -7.19 -0.14
CA ALA A 69 4.43 -7.66 -1.52
C ALA A 69 5.53 -8.69 -1.72
N LYS A 70 6.62 -8.53 -0.98
CA LYS A 70 7.75 -9.45 -1.07
C LYS A 70 8.35 -9.42 -2.48
N VAL A 71 8.34 -8.25 -3.10
CA VAL A 71 8.89 -8.10 -4.45
C VAL A 71 8.92 -6.63 -4.85
N PRO A 72 10.14 -6.04 -4.86
CA PRO A 72 10.34 -4.64 -5.23
C PRO A 72 10.11 -4.40 -6.72
N THR A 73 9.91 -5.48 -7.47
CA THR A 73 9.68 -5.39 -8.90
C THR A 73 8.20 -5.14 -9.21
N GLU A 74 7.43 -4.83 -8.18
CA GLU A 74 6.01 -4.57 -8.33
C GLU A 74 5.59 -3.31 -7.56
N ARG A 75 4.92 -2.39 -8.27
CA ARG A 75 4.47 -1.15 -7.65
C ARG A 75 2.95 -1.12 -7.54
N SER A 76 2.34 -2.30 -7.58
CA SER A 76 0.88 -2.40 -7.50
C SER A 76 0.47 -3.73 -6.86
N ALA A 77 -0.33 -3.64 -5.80
CA ALA A 77 -0.79 -4.84 -5.10
C ALA A 77 -2.32 -4.85 -5.02
N VAL A 78 -2.86 -6.00 -4.60
CA VAL A 78 -4.30 -6.15 -4.48
C VAL A 78 -4.68 -6.73 -3.12
N LEU A 79 -5.66 -6.11 -2.45
CA LEU A 79 -6.11 -6.57 -1.14
C LEU A 79 -7.36 -7.43 -1.27
N VAL A 80 -7.49 -8.41 -0.39
CA VAL A 80 -8.63 -9.31 -0.40
C VAL A 80 -9.24 -9.43 0.98
N ASN A 81 -10.36 -10.17 1.07
CA ASN A 81 -11.03 -10.37 2.34
C ASN A 81 -11.40 -9.03 2.99
N LEU A 82 -12.07 -8.19 2.21
CA LEU A 82 -12.49 -6.88 2.70
C LEU A 82 -14.00 -6.83 2.92
N LYS A 83 -14.47 -5.75 3.53
CA LYS A 83 -15.89 -5.58 3.78
C LYS A 83 -16.56 -4.79 2.66
N LYS A 84 -17.76 -5.23 2.27
CA LYS A 84 -18.50 -4.57 1.20
C LYS A 84 -19.39 -3.45 1.77
N GLY A 85 -19.27 -2.26 1.19
CA GLY A 85 -20.06 -1.13 1.64
C GLY A 85 -19.41 -0.41 2.80
N VAL A 86 -18.16 0.00 2.61
CA VAL A 86 -17.43 0.72 3.65
C VAL A 86 -16.12 1.29 3.12
N THR A 87 -15.75 2.48 3.60
CA THR A 87 -14.52 3.12 3.17
C THR A 87 -13.30 2.46 3.78
N TYR A 88 -12.28 2.23 2.96
CA TYR A 88 -11.05 1.59 3.42
C TYR A 88 -9.84 2.49 3.15
N GLU A 89 -9.12 2.84 4.21
CA GLU A 89 -7.94 3.68 4.09
C GLU A 89 -6.70 2.84 3.80
N ILE A 90 -6.01 3.18 2.71
CA ILE A 90 -4.81 2.46 2.31
C ILE A 90 -3.69 3.42 1.96
N LYS A 91 -2.46 3.05 2.31
CA LYS A 91 -1.29 3.88 2.03
C LYS A 91 -0.07 3.01 1.74
N VAL A 92 0.74 3.45 0.78
CA VAL A 92 1.95 2.72 0.41
C VAL A 92 3.17 3.26 1.15
N ARG A 93 4.13 2.39 1.40
CA ARG A 93 5.35 2.78 2.10
C ARG A 93 6.46 1.74 1.89
N PRO A 94 7.58 2.19 1.29
CA PRO A 94 8.73 1.33 1.03
C PRO A 94 9.45 0.91 2.30
N TYR A 95 9.40 -0.38 2.61
CA TYR A 95 10.05 -0.90 3.80
C TYR A 95 11.23 -1.80 3.42
N PHE A 96 12.22 -1.87 4.31
CA PHE A 96 13.40 -2.69 4.08
C PHE A 96 13.31 -4.02 4.83
N ASN A 97 13.53 -3.96 6.14
CA ASN A 97 13.46 -5.16 6.97
C ASN A 97 12.30 -5.08 7.96
N GLU A 98 12.29 -4.03 8.77
CA GLU A 98 11.24 -3.83 9.76
C GLU A 98 10.64 -2.43 9.65
N PHE A 99 11.51 -1.43 9.53
CA PHE A 99 11.08 -0.05 9.42
C PHE A 99 10.34 0.19 8.10
N GLN A 100 9.51 1.22 8.08
CA GLN A 100 8.75 1.56 6.88
C GLN A 100 9.16 2.92 6.34
N GLY A 101 9.29 3.01 5.02
CA GLY A 101 9.68 4.26 4.39
C GLY A 101 8.57 5.30 4.44
N MET A 102 8.93 6.55 4.17
CA MET A 102 7.96 7.64 4.18
C MET A 102 6.66 7.22 3.52
N ASP A 103 5.57 7.26 4.28
CA ASP A 103 4.26 6.89 3.75
C ASP A 103 3.70 7.96 2.84
N SER A 104 2.87 7.56 1.88
CA SER A 104 2.27 8.50 0.94
C SER A 104 0.89 8.94 1.42
N GLU A 105 0.29 9.87 0.68
CA GLU A 105 -1.03 10.39 1.02
C GLU A 105 -2.07 9.27 0.98
N SER A 106 -2.42 8.75 2.15
CA SER A 106 -3.40 7.67 2.25
C SER A 106 -4.62 7.97 1.37
N LYS A 107 -5.14 6.92 0.74
CA LYS A 107 -6.30 7.06 -0.12
C LYS A 107 -7.45 6.19 0.36
N THR A 108 -8.61 6.79 0.57
CA THR A 108 -9.79 6.07 1.02
C THR A 108 -10.56 5.48 -0.14
N VAL A 109 -10.81 4.17 -0.08
CA VAL A 109 -11.54 3.48 -1.14
C VAL A 109 -12.92 3.03 -0.66
N ARG A 110 -13.96 3.55 -1.30
CA ARG A 110 -15.33 3.21 -0.94
C ARG A 110 -15.79 1.96 -1.69
N THR A 111 -15.77 0.83 -1.01
CA THR A 111 -16.19 -0.43 -1.61
C THR A 111 -17.71 -0.47 -1.81
N THR A 112 -18.14 -0.31 -3.05
CA THR A 112 -19.57 -0.32 -3.37
C THR A 112 -20.29 -1.40 -2.58
N GLU A 113 -21.57 -1.15 -2.28
CA GLU A 113 -22.37 -2.10 -1.53
C GLU A 113 -22.30 -3.49 -2.15
N GLU A 114 -22.50 -3.56 -3.47
CA GLU A 114 -22.45 -4.84 -4.18
C GLU A 114 -22.38 -4.61 -5.69
N SER A 115 -21.46 -5.32 -6.34
CA SER A 115 -21.29 -5.19 -7.78
C SER A 115 -21.32 -6.55 -8.45
N GLY A 116 -22.49 -6.92 -8.98
CA GLY A 116 -22.63 -8.20 -9.65
C GLY A 116 -21.72 -8.33 -10.84
N PRO A 117 -22.31 -8.68 -12.01
CA PRO A 117 -21.55 -8.85 -13.25
C PRO A 117 -21.02 -7.53 -13.80
N SER A 118 -19.74 -7.26 -13.54
CA SER A 118 -19.10 -6.03 -14.00
C SER A 118 -18.41 -6.25 -15.35
N SER A 119 -17.94 -5.15 -15.94
CA SER A 119 -17.26 -5.22 -17.22
C SER A 119 -16.18 -6.30 -17.23
N GLY A 120 -15.96 -6.91 -18.38
CA GLY A 120 -14.95 -7.95 -18.49
C GLY A 120 -15.16 -9.06 -17.48
N GLY A 1 27.70 -8.40 7.17
CA GLY A 1 28.45 -7.20 7.50
C GLY A 1 29.24 -6.66 6.33
N SER A 2 30.38 -7.28 6.04
CA SER A 2 31.22 -6.84 4.94
C SER A 2 30.58 -7.17 3.60
N SER A 3 30.65 -6.22 2.67
CA SER A 3 30.06 -6.41 1.34
C SER A 3 28.78 -7.22 1.42
N GLY A 4 27.93 -6.89 2.39
CA GLY A 4 26.68 -7.60 2.56
C GLY A 4 25.55 -6.69 3.02
N SER A 5 25.87 -5.77 3.92
CA SER A 5 24.88 -4.84 4.45
C SER A 5 24.24 -4.03 3.32
N SER A 6 25.05 -3.23 2.64
CA SER A 6 24.57 -2.40 1.55
C SER A 6 23.31 -1.62 1.97
N GLY A 7 23.32 -1.12 3.20
CA GLY A 7 22.19 -0.37 3.70
C GLY A 7 22.60 0.97 4.29
N ARG A 8 23.49 1.67 3.59
CA ARG A 8 23.96 2.97 4.05
C ARG A 8 23.00 4.08 3.63
N GLN A 9 22.68 4.12 2.34
CA GLN A 9 21.77 5.13 1.81
C GLN A 9 20.32 4.75 2.09
N VAL A 10 20.12 3.77 2.95
CA VAL A 10 18.78 3.31 3.31
C VAL A 10 18.06 4.35 4.14
N GLN A 11 18.78 4.96 5.07
CA GLN A 11 18.20 5.98 5.94
C GLN A 11 18.23 7.35 5.28
N LYS A 12 18.61 7.38 4.00
CA LYS A 12 18.69 8.62 3.25
C LYS A 12 17.71 8.61 2.08
N GLU A 13 17.65 7.49 1.37
CA GLU A 13 16.76 7.35 0.23
C GLU A 13 15.38 6.89 0.67
N LEU A 14 15.34 5.90 1.57
CA LEU A 14 14.08 5.38 2.07
C LEU A 14 13.03 6.47 2.18
N GLY A 15 13.31 7.48 3.00
CA GLY A 15 12.38 8.58 3.17
C GLY A 15 12.27 9.44 1.93
N ASP A 16 13.42 9.90 1.43
CA ASP A 16 13.45 10.75 0.25
C ASP A 16 12.46 10.25 -0.80
N VAL A 17 12.61 9.00 -1.21
CA VAL A 17 11.73 8.40 -2.21
C VAL A 17 10.31 8.94 -2.08
N LEU A 18 9.81 9.54 -3.15
CA LEU A 18 8.47 10.10 -3.16
C LEU A 18 7.46 9.09 -3.71
N VAL A 19 6.78 8.38 -2.80
CA VAL A 19 5.80 7.39 -3.20
C VAL A 19 4.56 8.06 -3.82
N ARG A 20 4.42 7.91 -5.13
CA ARG A 20 3.28 8.49 -5.83
C ARG A 20 2.06 7.58 -5.76
N LEU A 21 1.24 7.78 -4.74
CA LEU A 21 0.04 6.98 -4.55
C LEU A 21 -1.17 7.64 -5.21
N HIS A 22 -1.30 7.44 -6.52
CA HIS A 22 -2.41 8.00 -7.27
C HIS A 22 -3.73 7.77 -6.55
N ASN A 23 -4.20 6.52 -6.57
CA ASN A 23 -5.45 6.17 -5.92
C ASN A 23 -5.71 4.66 -6.01
N PRO A 24 -6.25 4.09 -4.92
CA PRO A 24 -6.56 2.65 -4.86
C PRO A 24 -7.72 2.27 -5.77
N VAL A 25 -7.43 2.12 -7.05
CA VAL A 25 -8.45 1.74 -8.03
C VAL A 25 -9.31 0.58 -7.51
N VAL A 26 -10.56 0.89 -7.19
CA VAL A 26 -11.48 -0.14 -6.69
C VAL A 26 -12.12 -0.90 -7.84
N LEU A 27 -11.79 -2.18 -7.94
CA LEU A 27 -12.34 -3.04 -9.00
C LEU A 27 -13.63 -3.69 -8.54
N THR A 28 -13.58 -4.39 -7.41
CA THR A 28 -14.76 -5.06 -6.88
C THR A 28 -14.96 -4.72 -5.40
N PRO A 29 -16.19 -4.93 -4.91
CA PRO A 29 -16.54 -4.65 -3.51
C PRO A 29 -15.87 -5.63 -2.54
N THR A 30 -15.06 -6.52 -3.08
CA THR A 30 -14.37 -7.51 -2.26
C THR A 30 -12.87 -7.49 -2.55
N THR A 31 -12.46 -6.72 -3.55
CA THR A 31 -11.05 -6.62 -3.91
C THR A 31 -10.75 -5.27 -4.54
N VAL A 32 -9.65 -4.66 -4.09
CA VAL A 32 -9.25 -3.35 -4.62
C VAL A 32 -7.82 -3.40 -5.17
N GLN A 33 -7.56 -2.63 -6.21
CA GLN A 33 -6.25 -2.58 -6.83
C GLN A 33 -5.54 -1.28 -6.50
N VAL A 34 -4.42 -1.39 -5.77
CA VAL A 34 -3.64 -0.21 -5.39
C VAL A 34 -2.38 -0.09 -6.23
N THR A 35 -2.16 1.10 -6.79
CA THR A 35 -0.99 1.35 -7.61
C THR A 35 -0.20 2.55 -7.11
N TRP A 36 1.11 2.55 -7.35
CA TRP A 36 1.96 3.64 -6.92
C TRP A 36 3.28 3.64 -7.68
N THR A 37 3.79 4.83 -7.99
CA THR A 37 5.04 4.96 -8.73
C THR A 37 6.09 5.68 -7.91
N VAL A 38 7.36 5.42 -8.21
CA VAL A 38 8.46 6.05 -7.49
C VAL A 38 9.42 6.75 -8.45
N ASP A 39 9.79 7.98 -8.13
CA ASP A 39 10.70 8.76 -8.97
C ASP A 39 12.10 8.15 -8.94
N ARG A 40 12.54 7.72 -7.76
CA ARG A 40 13.85 7.12 -7.60
C ARG A 40 13.75 5.70 -7.07
N GLN A 41 13.35 4.78 -7.95
CA GLN A 41 13.21 3.38 -7.56
C GLN A 41 14.42 2.92 -6.75
N PRO A 42 14.22 2.74 -5.43
CA PRO A 42 15.28 2.30 -4.52
C PRO A 42 15.66 0.84 -4.75
N GLN A 43 16.97 0.58 -4.79
CA GLN A 43 17.47 -0.77 -5.01
C GLN A 43 17.60 -1.52 -3.68
N PHE A 44 18.14 -0.83 -2.68
CA PHE A 44 18.32 -1.43 -1.36
C PHE A 44 16.99 -1.95 -0.81
N ILE A 45 15.91 -1.29 -1.18
CA ILE A 45 14.58 -1.68 -0.72
C ILE A 45 14.36 -3.18 -0.91
N GLN A 46 13.39 -3.72 -0.18
CA GLN A 46 13.07 -5.14 -0.27
C GLN A 46 11.70 -5.36 -0.89
N GLY A 47 10.76 -4.46 -0.56
CA GLY A 47 9.42 -4.58 -1.10
C GLY A 47 8.54 -3.41 -0.70
N TYR A 48 7.26 -3.68 -0.49
CA TYR A 48 6.31 -2.64 -0.11
C TYR A 48 5.24 -3.20 0.83
N ARG A 49 5.03 -2.49 1.94
CA ARG A 49 4.04 -2.91 2.92
C ARG A 49 2.75 -2.09 2.79
N VAL A 50 1.70 -2.73 2.28
CA VAL A 50 0.42 -2.06 2.10
C VAL A 50 -0.46 -2.21 3.35
N MET A 51 -0.54 -1.14 4.14
CA MET A 51 -1.34 -1.16 5.35
C MET A 51 -2.76 -0.67 5.07
N TYR A 52 -3.74 -1.49 5.41
CA TYR A 52 -5.14 -1.15 5.19
C TYR A 52 -5.99 -1.48 6.42
N ARG A 53 -7.18 -0.91 6.48
CA ARG A 53 -8.09 -1.14 7.60
C ARG A 53 -9.44 -0.48 7.36
N GLN A 54 -10.48 -1.01 8.00
CA GLN A 54 -11.82 -0.47 7.85
C GLN A 54 -12.02 0.76 8.73
N THR A 55 -12.62 1.81 8.16
CA THR A 55 -12.87 3.04 8.90
C THR A 55 -14.28 3.06 9.45
N SER A 56 -15.25 2.61 8.66
CA SER A 56 -16.64 2.59 9.08
C SER A 56 -17.10 1.17 9.39
N GLY A 57 -18.11 1.05 10.25
CA GLY A 57 -18.62 -0.26 10.62
C GLY A 57 -18.08 -0.73 11.95
N LEU A 58 -18.33 -2.00 12.27
CA LEU A 58 -17.87 -2.58 13.53
C LEU A 58 -16.40 -2.95 13.44
N GLN A 59 -16.04 -3.72 12.43
CA GLN A 59 -14.66 -4.16 12.23
C GLN A 59 -13.73 -2.95 12.12
N ALA A 60 -14.31 -1.77 11.95
CA ALA A 60 -13.53 -0.54 11.84
C ALA A 60 -12.86 -0.20 13.16
N THR A 61 -11.87 0.70 13.10
CA THR A 61 -11.15 1.12 14.30
C THR A 61 -10.82 -0.08 15.18
N SER A 62 -10.72 -1.26 14.57
CA SER A 62 -10.41 -2.48 15.31
C SER A 62 -8.91 -2.75 15.31
N SER A 63 -8.36 -3.02 14.13
CA SER A 63 -6.94 -3.31 14.00
C SER A 63 -6.47 -3.08 12.56
N TRP A 64 -5.27 -2.53 12.42
CA TRP A 64 -4.71 -2.27 11.10
C TRP A 64 -4.16 -3.54 10.46
N GLN A 65 -4.04 -3.54 9.15
CA GLN A 65 -3.53 -4.69 8.42
C GLN A 65 -2.26 -4.34 7.65
N ASN A 66 -1.70 -5.32 6.95
CA ASN A 66 -0.49 -5.11 6.18
C ASN A 66 -0.27 -6.26 5.19
N LEU A 67 -0.16 -5.92 3.91
CA LEU A 67 0.05 -6.91 2.86
C LEU A 67 1.48 -6.86 2.35
N ASP A 68 2.31 -7.75 2.85
CA ASP A 68 3.71 -7.82 2.44
C ASP A 68 3.83 -8.28 0.99
N ALA A 69 4.22 -7.35 0.11
CA ALA A 69 4.37 -7.67 -1.31
C ALA A 69 5.58 -8.56 -1.54
N LYS A 70 6.62 -8.37 -0.75
CA LYS A 70 7.84 -9.17 -0.87
C LYS A 70 8.38 -9.12 -2.29
N VAL A 71 8.20 -7.98 -2.95
CA VAL A 71 8.67 -7.80 -4.32
C VAL A 71 8.91 -6.33 -4.63
N PRO A 72 10.19 -5.96 -4.80
CA PRO A 72 10.58 -4.59 -5.11
C PRO A 72 10.18 -4.17 -6.52
N THR A 73 10.00 -5.15 -7.40
CA THR A 73 9.62 -4.89 -8.77
C THR A 73 8.12 -4.63 -8.89
N GLU A 74 7.35 -5.20 -7.96
CA GLU A 74 5.91 -5.02 -7.95
C GLU A 74 5.51 -3.69 -7.32
N ARG A 75 4.99 -2.79 -8.13
CA ARG A 75 4.57 -1.47 -7.65
C ARG A 75 3.05 -1.40 -7.53
N SER A 76 2.43 -2.53 -7.23
CA SER A 76 0.98 -2.58 -7.10
C SER A 76 0.54 -3.90 -6.46
N ALA A 77 -0.30 -3.80 -5.43
CA ALA A 77 -0.80 -4.98 -4.74
C ALA A 77 -2.31 -5.06 -4.81
N VAL A 78 -2.86 -6.20 -4.38
CA VAL A 78 -4.31 -6.41 -4.40
C VAL A 78 -4.81 -6.89 -3.04
N LEU A 79 -5.76 -6.14 -2.47
CA LEU A 79 -6.32 -6.49 -1.17
C LEU A 79 -7.62 -7.27 -1.34
N VAL A 80 -7.53 -8.58 -1.11
CA VAL A 80 -8.70 -9.45 -1.23
C VAL A 80 -9.38 -9.65 0.13
N ASN A 81 -10.56 -10.27 0.11
CA ASN A 81 -11.31 -10.52 1.33
C ASN A 81 -11.70 -9.21 2.00
N LEU A 82 -12.24 -8.28 1.22
CA LEU A 82 -12.65 -6.99 1.75
C LEU A 82 -14.17 -6.94 1.96
N LYS A 83 -14.63 -5.92 2.67
CA LYS A 83 -16.04 -5.76 2.95
C LYS A 83 -16.71 -4.90 1.87
N LYS A 84 -17.95 -5.25 1.54
CA LYS A 84 -18.70 -4.51 0.53
C LYS A 84 -19.51 -3.38 1.15
N GLY A 85 -19.48 -2.22 0.53
CA GLY A 85 -20.22 -1.07 1.04
C GLY A 85 -19.56 -0.46 2.26
N VAL A 86 -18.28 -0.08 2.11
CA VAL A 86 -17.54 0.53 3.21
C VAL A 86 -16.23 1.12 2.70
N THR A 87 -15.79 2.20 3.35
CA THR A 87 -14.54 2.87 2.98
C THR A 87 -13.34 2.17 3.61
N TYR A 88 -12.20 2.23 2.91
CA TYR A 88 -10.98 1.60 3.40
C TYR A 88 -9.78 2.52 3.17
N GLU A 89 -9.04 2.79 4.24
CA GLU A 89 -7.87 3.66 4.15
C GLU A 89 -6.60 2.83 3.99
N ILE A 90 -5.86 3.10 2.92
CA ILE A 90 -4.62 2.38 2.64
C ILE A 90 -3.50 3.34 2.24
N LYS A 91 -2.27 2.98 2.57
CA LYS A 91 -1.11 3.79 2.23
C LYS A 91 0.10 2.92 1.91
N VAL A 92 0.80 3.28 0.83
CA VAL A 92 1.98 2.52 0.41
C VAL A 92 3.24 3.06 1.10
N ARG A 93 3.92 2.19 1.84
CA ARG A 93 5.14 2.57 2.55
C ARG A 93 6.27 1.61 2.20
N PRO A 94 7.30 2.14 1.52
CA PRO A 94 8.47 1.36 1.12
C PRO A 94 9.34 0.97 2.31
N TYR A 95 9.27 -0.30 2.71
CA TYR A 95 10.04 -0.80 3.83
C TYR A 95 11.24 -1.62 3.35
N PHE A 96 12.26 -1.72 4.19
CA PHE A 96 13.46 -2.48 3.85
C PHE A 96 13.49 -3.81 4.59
N ASN A 97 13.67 -3.75 5.91
CA ASN A 97 13.72 -4.95 6.73
C ASN A 97 12.75 -4.85 7.90
N GLU A 98 13.07 -4.00 8.86
CA GLU A 98 12.22 -3.80 10.03
C GLU A 98 11.59 -2.42 10.03
N PHE A 99 12.34 -1.43 9.54
CA PHE A 99 11.86 -0.06 9.48
C PHE A 99 10.95 0.15 8.26
N GLN A 100 10.13 1.19 8.31
CA GLN A 100 9.23 1.50 7.21
C GLN A 100 9.59 2.84 6.57
N GLY A 101 9.42 2.91 5.25
CA GLY A 101 9.74 4.14 4.54
C GLY A 101 8.59 5.13 4.56
N MET A 102 8.91 6.40 4.37
CA MET A 102 7.90 7.45 4.37
C MET A 102 6.60 6.96 3.74
N ASP A 103 5.53 6.93 4.53
CA ASP A 103 4.24 6.48 4.05
C ASP A 103 3.52 7.59 3.29
N SER A 104 3.08 7.29 2.08
CA SER A 104 2.38 8.27 1.25
C SER A 104 1.06 8.69 1.90
N GLU A 105 0.38 9.65 1.28
CA GLU A 105 -0.89 10.14 1.80
C GLU A 105 -1.94 9.03 1.81
N SER A 106 -2.45 8.72 3.00
CA SER A 106 -3.45 7.68 3.15
C SER A 106 -4.61 7.90 2.17
N LYS A 107 -4.85 6.90 1.32
CA LYS A 107 -5.93 6.99 0.34
C LYS A 107 -7.14 6.19 0.79
N THR A 108 -8.32 6.80 0.68
CA THR A 108 -9.56 6.14 1.08
C THR A 108 -10.32 5.59 -0.13
N VAL A 109 -10.63 4.30 -0.09
CA VAL A 109 -11.35 3.66 -1.18
C VAL A 109 -12.75 3.25 -0.75
N ARG A 110 -13.76 3.76 -1.44
CA ARG A 110 -15.15 3.44 -1.13
C ARG A 110 -15.64 2.26 -1.96
N THR A 111 -15.78 1.11 -1.30
CA THR A 111 -16.23 -0.10 -1.99
C THR A 111 -17.75 -0.09 -2.17
N THR A 112 -18.19 0.15 -3.40
CA THR A 112 -19.61 0.19 -3.71
C THR A 112 -20.34 -1.01 -3.10
N GLU A 113 -21.67 -1.00 -3.18
CA GLU A 113 -22.48 -2.07 -2.64
C GLU A 113 -23.43 -2.62 -3.70
N GLU A 114 -23.68 -3.93 -3.63
CA GLU A 114 -24.58 -4.58 -4.59
C GLU A 114 -26.03 -4.46 -4.15
N SER A 115 -26.95 -4.88 -5.01
CA SER A 115 -28.37 -4.81 -4.71
C SER A 115 -28.84 -3.37 -4.62
N GLY A 116 -28.38 -2.54 -5.55
CA GLY A 116 -28.77 -1.14 -5.56
C GLY A 116 -28.28 -0.41 -6.80
N PRO A 117 -28.79 0.81 -7.01
CA PRO A 117 -28.41 1.64 -8.16
C PRO A 117 -26.98 2.14 -8.06
N SER A 118 -26.55 2.90 -9.07
CA SER A 118 -25.20 3.44 -9.10
C SER A 118 -25.21 4.89 -9.61
N SER A 119 -24.13 5.61 -9.31
CA SER A 119 -24.02 7.00 -9.73
C SER A 119 -24.38 7.16 -11.20
N GLY A 120 -25.28 8.11 -11.49
CA GLY A 120 -25.69 8.35 -12.85
C GLY A 120 -25.94 9.82 -13.14
N GLY A 1 27.57 3.67 -3.40
CA GLY A 1 28.62 3.06 -4.20
C GLY A 1 28.14 1.85 -4.97
N SER A 2 29.05 1.23 -5.72
CA SER A 2 28.70 0.05 -6.51
C SER A 2 28.94 -1.23 -5.73
N SER A 3 27.96 -1.60 -4.92
CA SER A 3 28.05 -2.80 -4.11
C SER A 3 26.67 -3.41 -3.85
N GLY A 4 26.57 -4.72 -4.05
CA GLY A 4 25.30 -5.39 -3.85
C GLY A 4 24.72 -5.14 -2.47
N SER A 5 25.24 -5.85 -1.47
CA SER A 5 24.77 -5.69 -0.10
C SER A 5 25.24 -4.37 0.50
N SER A 6 24.48 -3.31 0.25
CA SER A 6 24.82 -1.99 0.75
C SER A 6 23.61 -1.32 1.41
N GLY A 7 23.77 -0.92 2.66
CA GLY A 7 22.68 -0.28 3.38
C GLY A 7 23.14 0.94 4.17
N ARG A 8 23.81 1.86 3.49
CA ARG A 8 24.31 3.07 4.13
C ARG A 8 23.40 4.26 3.84
N GLN A 9 23.09 4.46 2.57
CA GLN A 9 22.23 5.56 2.16
C GLN A 9 20.76 5.19 2.33
N VAL A 10 20.51 4.12 3.07
CA VAL A 10 19.14 3.66 3.32
C VAL A 10 18.37 4.66 4.18
N GLN A 11 19.02 5.17 5.22
CA GLN A 11 18.38 6.13 6.11
C GLN A 11 18.18 7.46 5.41
N LYS A 12 18.81 7.62 4.25
CA LYS A 12 18.68 8.85 3.47
C LYS A 12 17.63 8.71 2.39
N GLU A 13 17.77 7.69 1.55
CA GLU A 13 16.82 7.45 0.47
C GLU A 13 15.44 7.10 1.02
N LEU A 14 15.43 6.32 2.11
CA LEU A 14 14.18 5.92 2.74
C LEU A 14 13.20 7.08 2.82
N GLY A 15 13.67 8.22 3.31
CA GLY A 15 12.82 9.40 3.42
C GLY A 15 12.96 10.32 2.23
N ASP A 16 13.81 9.94 1.28
CA ASP A 16 14.03 10.75 0.08
C ASP A 16 13.03 10.38 -1.02
N VAL A 17 13.01 9.10 -1.38
CA VAL A 17 12.10 8.62 -2.41
C VAL A 17 10.68 9.13 -2.18
N LEU A 18 10.00 9.46 -3.26
CA LEU A 18 8.62 9.96 -3.18
C LEU A 18 7.64 8.96 -3.77
N VAL A 19 6.99 8.18 -2.90
CA VAL A 19 6.03 7.18 -3.34
C VAL A 19 4.66 7.81 -3.57
N ARG A 20 4.25 7.91 -4.83
CA ARG A 20 2.97 8.49 -5.18
C ARG A 20 1.89 7.42 -5.27
N LEU A 21 0.99 7.41 -4.29
CA LEU A 21 -0.09 6.43 -4.26
C LEU A 21 -1.29 6.91 -5.06
N HIS A 22 -1.52 6.28 -6.21
CA HIS A 22 -2.63 6.65 -7.08
C HIS A 22 -3.94 6.10 -6.53
N ASN A 23 -5.05 6.78 -6.84
CA ASN A 23 -6.37 6.35 -6.38
C ASN A 23 -6.55 4.85 -6.57
N PRO A 24 -6.91 4.16 -5.49
CA PRO A 24 -7.13 2.70 -5.52
C PRO A 24 -8.38 2.32 -6.30
N VAL A 25 -8.21 2.05 -7.58
CA VAL A 25 -9.33 1.67 -8.43
C VAL A 25 -10.12 0.52 -7.83
N VAL A 26 -11.28 0.83 -7.29
CA VAL A 26 -12.14 -0.18 -6.68
C VAL A 26 -12.77 -1.08 -7.73
N LEU A 27 -12.22 -2.29 -7.88
CA LEU A 27 -12.73 -3.25 -8.86
C LEU A 27 -14.04 -3.88 -8.37
N THR A 28 -14.02 -4.41 -7.15
CA THR A 28 -15.19 -5.04 -6.57
C THR A 28 -15.37 -4.64 -5.11
N PRO A 29 -16.59 -4.81 -4.59
CA PRO A 29 -16.93 -4.47 -3.21
C PRO A 29 -16.26 -5.41 -2.21
N THR A 30 -15.47 -6.35 -2.72
CA THR A 30 -14.78 -7.32 -1.87
C THR A 30 -13.28 -7.28 -2.12
N THR A 31 -12.88 -6.74 -3.26
CA THR A 31 -11.47 -6.65 -3.62
C THR A 31 -11.16 -5.34 -4.33
N VAL A 32 -10.05 -4.72 -3.97
CA VAL A 32 -9.64 -3.46 -4.58
C VAL A 32 -8.19 -3.52 -5.07
N GLN A 33 -7.93 -2.91 -6.22
CA GLN A 33 -6.59 -2.90 -6.80
C GLN A 33 -5.83 -1.65 -6.36
N VAL A 34 -4.60 -1.85 -5.91
CA VAL A 34 -3.76 -0.75 -5.46
C VAL A 34 -2.60 -0.51 -6.42
N THR A 35 -2.17 0.75 -6.52
CA THR A 35 -1.07 1.11 -7.41
C THR A 35 -0.33 2.33 -6.89
N TRP A 36 0.98 2.37 -7.12
CA TRP A 36 1.81 3.48 -6.68
C TRP A 36 3.05 3.62 -7.56
N THR A 37 3.67 4.80 -7.52
CA THR A 37 4.86 5.06 -8.30
C THR A 37 5.96 5.67 -7.44
N VAL A 38 7.21 5.56 -7.90
CA VAL A 38 8.34 6.11 -7.18
C VAL A 38 9.31 6.82 -8.12
N ASP A 39 9.60 8.08 -7.82
CA ASP A 39 10.50 8.88 -8.64
C ASP A 39 11.90 8.27 -8.66
N ARG A 40 12.36 7.82 -7.50
CA ARG A 40 13.68 7.21 -7.38
C ARG A 40 13.60 5.86 -6.68
N GLN A 41 13.28 4.82 -7.44
CA GLN A 41 13.17 3.47 -6.89
C GLN A 41 14.43 3.09 -6.12
N PRO A 42 14.27 2.83 -4.82
CA PRO A 42 15.38 2.44 -3.94
C PRO A 42 15.92 1.06 -4.27
N GLN A 43 17.24 0.91 -4.23
CA GLN A 43 17.89 -0.36 -4.52
C GLN A 43 17.95 -1.24 -3.28
N PHE A 44 18.40 -0.66 -2.17
CA PHE A 44 18.51 -1.39 -0.91
C PHE A 44 17.15 -1.97 -0.51
N ILE A 45 16.10 -1.17 -0.69
CA ILE A 45 14.75 -1.59 -0.35
C ILE A 45 14.59 -3.11 -0.50
N GLN A 46 13.78 -3.70 0.35
CA GLN A 46 13.54 -5.14 0.30
C GLN A 46 12.19 -5.44 -0.34
N GLY A 47 11.19 -4.62 -0.04
CA GLY A 47 9.87 -4.81 -0.60
C GLY A 47 8.95 -3.63 -0.34
N TYR A 48 7.65 -3.90 -0.31
CA TYR A 48 6.66 -2.85 -0.08
C TYR A 48 5.52 -3.35 0.79
N ARG A 49 5.42 -2.82 2.00
CA ARG A 49 4.37 -3.21 2.94
C ARG A 49 3.06 -2.48 2.63
N VAL A 50 2.19 -3.17 1.90
CA VAL A 50 0.89 -2.59 1.53
C VAL A 50 -0.10 -2.70 2.69
N MET A 51 -0.13 -1.68 3.54
CA MET A 51 -1.05 -1.65 4.67
C MET A 51 -2.46 -1.28 4.23
N TYR A 52 -3.42 -1.55 5.10
CA TYR A 52 -4.82 -1.25 4.80
C TYR A 52 -5.72 -1.55 6.00
N ARG A 53 -6.82 -0.82 6.11
CA ARG A 53 -7.75 -1.01 7.20
C ARG A 53 -9.02 -0.19 7.00
N GLN A 54 -10.10 -0.58 7.67
CA GLN A 54 -11.37 0.12 7.55
C GLN A 54 -11.34 1.44 8.31
N THR A 55 -12.16 2.39 7.88
CA THR A 55 -12.24 3.69 8.53
C THR A 55 -13.52 3.83 9.34
N SER A 56 -14.62 3.34 8.79
CA SER A 56 -15.91 3.41 9.46
C SER A 56 -16.48 2.01 9.70
N GLY A 57 -17.15 1.83 10.84
CA GLY A 57 -17.73 0.55 11.16
C GLY A 57 -16.99 -0.16 12.28
N LEU A 58 -17.06 -1.48 12.29
CA LEU A 58 -16.39 -2.28 13.30
C LEU A 58 -14.88 -2.29 13.09
N GLN A 59 -14.45 -2.92 12.01
CA GLN A 59 -13.04 -3.00 11.68
C GLN A 59 -12.38 -1.62 11.76
N ALA A 60 -13.19 -0.57 11.61
CA ALA A 60 -12.69 0.79 11.66
C ALA A 60 -11.69 0.97 12.79
N THR A 61 -10.54 1.57 12.46
CA THR A 61 -9.49 1.79 13.45
C THR A 61 -9.44 0.66 14.47
N SER A 62 -9.65 -0.57 14.00
CA SER A 62 -9.63 -1.73 14.88
C SER A 62 -8.26 -2.40 14.86
N SER A 63 -7.82 -2.82 13.68
CA SER A 63 -6.53 -3.49 13.54
C SER A 63 -5.99 -3.32 12.12
N TRP A 64 -4.87 -2.60 12.00
CA TRP A 64 -4.25 -2.37 10.70
C TRP A 64 -3.73 -3.67 10.10
N GLN A 65 -3.82 -3.78 8.78
CA GLN A 65 -3.36 -4.97 8.08
C GLN A 65 -2.13 -4.67 7.23
N ASN A 66 -1.43 -5.72 6.83
CA ASN A 66 -0.22 -5.56 6.02
C ASN A 66 -0.11 -6.69 5.00
N LEU A 67 0.17 -6.34 3.76
CA LEU A 67 0.31 -7.31 2.69
C LEU A 67 1.71 -7.26 2.08
N ASP A 68 2.61 -8.08 2.61
CA ASP A 68 3.99 -8.13 2.12
C ASP A 68 4.03 -8.57 0.66
N ALA A 69 4.55 -7.71 -0.20
CA ALA A 69 4.64 -8.01 -1.63
C ALA A 69 5.78 -8.97 -1.91
N LYS A 70 6.78 -8.97 -1.03
CA LYS A 70 7.94 -9.84 -1.18
C LYS A 70 8.59 -9.65 -2.54
N VAL A 71 8.54 -8.42 -3.06
CA VAL A 71 9.13 -8.11 -4.36
C VAL A 71 9.03 -6.62 -4.65
N PRO A 72 10.19 -5.95 -4.66
CA PRO A 72 10.28 -4.51 -4.94
C PRO A 72 9.96 -4.17 -6.38
N THR A 73 9.84 -5.20 -7.21
CA THR A 73 9.53 -5.01 -8.63
C THR A 73 8.03 -5.04 -8.87
N GLU A 74 7.25 -4.83 -7.82
CA GLU A 74 5.80 -4.84 -7.91
C GLU A 74 5.20 -3.57 -7.30
N ARG A 75 4.54 -2.78 -8.14
CA ARG A 75 3.93 -1.54 -7.68
C ARG A 75 2.41 -1.67 -7.63
N SER A 76 1.94 -2.89 -7.42
CA SER A 76 0.50 -3.15 -7.35
C SER A 76 0.20 -4.26 -6.35
N ALA A 77 -0.78 -4.03 -5.49
CA ALA A 77 -1.16 -5.01 -4.48
C ALA A 77 -2.69 -5.09 -4.34
N VAL A 78 -3.23 -6.28 -4.52
CA VAL A 78 -4.67 -6.48 -4.42
C VAL A 78 -5.06 -6.86 -2.99
N LEU A 79 -6.14 -6.24 -2.50
CA LEU A 79 -6.62 -6.51 -1.16
C LEU A 79 -7.95 -7.26 -1.19
N VAL A 80 -7.93 -8.50 -0.70
CA VAL A 80 -9.13 -9.33 -0.68
C VAL A 80 -9.72 -9.40 0.72
N ASN A 81 -10.95 -9.89 0.82
CA ASN A 81 -11.63 -10.01 2.10
C ASN A 81 -11.94 -8.63 2.69
N LEU A 82 -12.56 -7.78 1.89
CA LEU A 82 -12.91 -6.43 2.34
C LEU A 82 -14.41 -6.32 2.60
N LYS A 83 -14.79 -5.29 3.35
CA LYS A 83 -16.20 -5.06 3.67
C LYS A 83 -16.90 -4.32 2.54
N LYS A 84 -18.19 -4.56 2.39
CA LYS A 84 -18.98 -3.91 1.36
C LYS A 84 -19.68 -2.67 1.90
N GLY A 85 -19.80 -1.64 1.07
CA GLY A 85 -20.44 -0.41 1.49
C GLY A 85 -19.73 0.26 2.64
N VAL A 86 -18.43 0.49 2.48
CA VAL A 86 -17.63 1.12 3.52
C VAL A 86 -16.32 1.66 2.96
N THR A 87 -15.84 2.76 3.52
CA THR A 87 -14.60 3.37 3.07
C THR A 87 -13.39 2.68 3.69
N TYR A 88 -12.30 2.62 2.93
CA TYR A 88 -11.07 1.98 3.41
C TYR A 88 -9.86 2.86 3.14
N GLU A 89 -9.09 3.14 4.20
CA GLU A 89 -7.91 3.98 4.09
C GLU A 89 -6.65 3.12 3.92
N ILE A 90 -6.07 3.17 2.73
CA ILE A 90 -4.87 2.39 2.45
C ILE A 90 -3.71 3.30 2.06
N LYS A 91 -2.50 2.93 2.49
CA LYS A 91 -1.31 3.71 2.19
C LYS A 91 -0.12 2.80 1.90
N VAL A 92 0.91 3.36 1.26
CA VAL A 92 2.10 2.60 0.92
C VAL A 92 3.34 3.23 1.56
N ARG A 93 4.24 2.38 2.04
CA ARG A 93 5.47 2.86 2.67
C ARG A 93 6.63 1.90 2.38
N PRO A 94 7.69 2.41 1.75
CA PRO A 94 8.88 1.62 1.41
C PRO A 94 9.68 1.23 2.65
N TYR A 95 9.71 -0.05 2.95
CA TYR A 95 10.45 -0.55 4.10
C TYR A 95 11.58 -1.48 3.67
N PHE A 96 12.71 -1.38 4.36
CA PHE A 96 13.87 -2.21 4.05
C PHE A 96 13.96 -3.41 4.99
N ASN A 97 14.30 -3.14 6.25
CA ASN A 97 14.43 -4.20 7.24
C ASN A 97 13.31 -4.09 8.28
N GLU A 98 13.34 -3.01 9.06
CA GLU A 98 12.34 -2.79 10.09
C GLU A 98 11.73 -1.39 9.98
N PHE A 99 12.57 -0.42 9.62
CA PHE A 99 12.12 0.96 9.47
C PHE A 99 11.18 1.10 8.28
N GLN A 100 10.40 2.18 8.27
CA GLN A 100 9.45 2.44 7.20
C GLN A 100 9.65 3.83 6.63
N GLY A 101 9.48 3.96 5.30
CA GLY A 101 9.64 5.24 4.66
C GLY A 101 8.43 6.13 4.84
N MET A 102 8.58 7.42 4.52
CA MET A 102 7.50 8.38 4.65
C MET A 102 6.17 7.75 4.22
N ASP A 103 5.08 8.28 4.77
CA ASP A 103 3.75 7.77 4.44
C ASP A 103 3.23 8.41 3.16
N SER A 104 2.86 7.58 2.19
CA SER A 104 2.35 8.06 0.92
C SER A 104 0.97 8.69 1.10
N GLU A 105 0.45 9.28 0.01
CA GLU A 105 -0.85 9.92 0.05
C GLU A 105 -1.96 8.90 0.31
N SER A 106 -2.38 8.78 1.57
CA SER A 106 -3.41 7.83 1.94
C SER A 106 -4.71 8.10 1.17
N LYS A 107 -5.11 7.15 0.34
CA LYS A 107 -6.31 7.28 -0.45
C LYS A 107 -7.45 6.43 0.12
N THR A 108 -8.65 6.99 0.13
CA THR A 108 -9.82 6.28 0.66
C THR A 108 -10.61 5.62 -0.46
N VAL A 109 -10.89 4.33 -0.30
CA VAL A 109 -11.64 3.58 -1.30
C VAL A 109 -13.01 3.18 -0.76
N ARG A 110 -14.06 3.77 -1.33
CA ARG A 110 -15.43 3.47 -0.91
C ARG A 110 -16.00 2.31 -1.72
N THR A 111 -16.10 1.15 -1.09
CA THR A 111 -16.63 -0.04 -1.75
C THR A 111 -18.14 0.05 -1.91
N THR A 112 -18.59 0.30 -3.14
CA THR A 112 -20.02 0.41 -3.42
C THR A 112 -20.79 -0.74 -2.80
N GLU A 113 -22.12 -0.64 -2.82
CA GLU A 113 -22.98 -1.67 -2.26
C GLU A 113 -24.02 -2.12 -3.28
N GLU A 114 -24.44 -1.21 -4.14
CA GLU A 114 -25.43 -1.51 -5.17
C GLU A 114 -24.77 -1.71 -6.53
N SER A 115 -25.09 -2.84 -7.17
CA SER A 115 -24.52 -3.15 -8.47
C SER A 115 -25.49 -2.78 -9.60
N GLY A 116 -24.94 -2.42 -10.74
CA GLY A 116 -25.78 -2.04 -11.88
C GLY A 116 -24.97 -1.77 -13.12
N PRO A 117 -24.81 -0.47 -13.46
CA PRO A 117 -24.04 -0.06 -14.64
C PRO A 117 -22.55 -0.31 -14.49
N SER A 118 -22.03 -1.30 -15.22
CA SER A 118 -20.62 -1.64 -15.17
C SER A 118 -19.76 -0.49 -15.70
N SER A 119 -18.92 0.07 -14.83
CA SER A 119 -18.05 1.17 -15.21
C SER A 119 -17.19 0.79 -16.40
N GLY A 120 -16.69 1.80 -17.12
CA GLY A 120 -15.86 1.57 -18.27
C GLY A 120 -14.95 0.37 -18.10
N GLY A 1 39.36 -4.60 5.99
CA GLY A 1 38.79 -5.10 4.75
C GLY A 1 37.75 -6.18 4.97
N SER A 2 36.69 -5.83 5.69
CA SER A 2 35.62 -6.78 5.98
C SER A 2 34.28 -6.07 6.09
N SER A 3 33.30 -6.52 5.31
CA SER A 3 31.98 -5.92 5.32
C SER A 3 31.04 -6.70 6.24
N GLY A 4 29.90 -6.09 6.57
CA GLY A 4 28.94 -6.74 7.44
C GLY A 4 27.71 -5.88 7.68
N SER A 5 27.93 -4.69 8.24
CA SER A 5 26.83 -3.78 8.54
C SER A 5 26.51 -2.90 7.32
N SER A 6 26.48 -3.53 6.15
CA SER A 6 26.19 -2.81 4.91
C SER A 6 24.83 -2.12 4.98
N GLY A 7 24.80 -0.85 4.58
CA GLY A 7 23.55 -0.10 4.60
C GLY A 7 23.76 1.33 5.05
N ARG A 8 24.32 2.15 4.18
CA ARG A 8 24.57 3.55 4.49
C ARG A 8 23.49 4.44 3.88
N GLN A 9 23.10 4.13 2.65
CA GLN A 9 22.08 4.91 1.95
C GLN A 9 20.70 4.62 2.53
N VAL A 10 20.59 3.54 3.29
CA VAL A 10 19.32 3.15 3.90
C VAL A 10 18.58 4.37 4.43
N GLN A 11 19.13 4.98 5.47
CA GLN A 11 18.51 6.16 6.08
C GLN A 11 18.91 7.43 5.33
N LYS A 12 19.19 7.29 4.03
CA LYS A 12 19.59 8.41 3.20
C LYS A 12 18.67 8.54 1.99
N GLU A 13 18.15 7.41 1.53
CA GLU A 13 17.27 7.40 0.37
C GLU A 13 15.84 7.07 0.79
N LEU A 14 15.69 6.13 1.71
CA LEU A 14 14.38 5.72 2.21
C LEU A 14 13.42 6.90 2.23
N GLY A 15 13.68 7.86 3.13
CA GLY A 15 12.84 9.03 3.23
C GLY A 15 12.78 9.83 1.94
N ASP A 16 13.93 10.28 1.48
CA ASP A 16 14.01 11.06 0.25
C ASP A 16 13.04 10.52 -0.80
N VAL A 17 12.89 9.20 -0.82
CA VAL A 17 11.99 8.56 -1.78
C VAL A 17 10.63 9.24 -1.80
N LEU A 18 10.20 9.66 -2.99
CA LEU A 18 8.91 10.32 -3.14
C LEU A 18 7.90 9.40 -3.80
N VAL A 19 7.05 8.78 -3.00
CA VAL A 19 6.03 7.87 -3.50
C VAL A 19 4.73 8.60 -3.79
N ARG A 20 3.99 8.13 -4.79
CA ARG A 20 2.73 8.75 -5.17
C ARG A 20 1.62 7.70 -5.28
N LEU A 21 0.94 7.45 -4.17
CA LEU A 21 -0.14 6.47 -4.14
C LEU A 21 -1.25 6.84 -5.12
N HIS A 22 -1.45 6.01 -6.13
CA HIS A 22 -2.48 6.25 -7.12
C HIS A 22 -3.85 5.79 -6.63
N ASN A 23 -4.90 6.50 -7.04
CA ASN A 23 -6.25 6.16 -6.63
C ASN A 23 -6.48 4.66 -6.71
N PRO A 24 -6.88 4.05 -5.58
CA PRO A 24 -7.15 2.61 -5.50
C PRO A 24 -8.40 2.21 -6.27
N VAL A 25 -8.24 2.01 -7.58
CA VAL A 25 -9.36 1.62 -8.43
C VAL A 25 -10.12 0.44 -7.84
N VAL A 26 -11.39 0.65 -7.52
CA VAL A 26 -12.23 -0.41 -6.95
C VAL A 26 -12.77 -1.33 -8.04
N LEU A 27 -12.22 -2.54 -8.11
CA LEU A 27 -12.65 -3.51 -9.10
C LEU A 27 -13.91 -4.24 -8.65
N THR A 28 -13.96 -4.55 -7.35
CA THR A 28 -15.11 -5.25 -6.78
C THR A 28 -15.33 -4.86 -5.33
N PRO A 29 -16.55 -5.06 -4.83
CA PRO A 29 -16.91 -4.74 -3.45
C PRO A 29 -16.25 -5.68 -2.44
N THR A 30 -15.45 -6.61 -2.95
CA THR A 30 -14.75 -7.56 -2.10
C THR A 30 -13.24 -7.53 -2.34
N THR A 31 -12.85 -6.97 -3.48
CA THR A 31 -11.45 -6.87 -3.84
C THR A 31 -11.13 -5.52 -4.50
N VAL A 32 -10.05 -4.91 -4.08
CA VAL A 32 -9.64 -3.62 -4.63
C VAL A 32 -8.18 -3.65 -5.08
N GLN A 33 -7.89 -3.02 -6.21
CA GLN A 33 -6.54 -2.97 -6.76
C GLN A 33 -5.86 -1.66 -6.39
N VAL A 34 -4.71 -1.76 -5.73
CA VAL A 34 -3.95 -0.58 -5.32
C VAL A 34 -2.78 -0.33 -6.26
N THR A 35 -2.50 0.94 -6.54
CA THR A 35 -1.40 1.30 -7.41
C THR A 35 -0.65 2.52 -6.88
N TRP A 36 0.65 2.56 -7.14
CA TRP A 36 1.48 3.68 -6.68
C TRP A 36 2.74 3.80 -7.53
N THR A 37 3.26 5.01 -7.63
CA THR A 37 4.47 5.27 -8.41
C THR A 37 5.51 6.03 -7.59
N VAL A 38 6.77 5.64 -7.74
CA VAL A 38 7.86 6.29 -7.02
C VAL A 38 8.81 7.02 -7.98
N ASP A 39 9.19 8.23 -7.60
CA ASP A 39 10.09 9.03 -8.43
C ASP A 39 11.51 8.46 -8.39
N ARG A 40 12.00 8.18 -7.19
CA ARG A 40 13.33 7.64 -7.01
C ARG A 40 13.29 6.20 -6.50
N GLN A 41 13.11 5.26 -7.42
CA GLN A 41 13.05 3.84 -7.06
C GLN A 41 14.27 3.42 -6.27
N PRO A 42 14.06 3.13 -4.97
CA PRO A 42 15.15 2.70 -4.08
C PRO A 42 15.67 1.31 -4.41
N GLN A 43 16.98 1.12 -4.26
CA GLN A 43 17.60 -0.17 -4.55
C GLN A 43 17.64 -1.04 -3.30
N PHE A 44 18.13 -0.47 -2.20
CA PHE A 44 18.23 -1.20 -0.94
C PHE A 44 16.88 -1.82 -0.56
N ILE A 45 15.81 -1.15 -0.95
CA ILE A 45 14.46 -1.63 -0.65
C ILE A 45 14.35 -3.14 -0.89
N GLN A 46 13.40 -3.78 -0.23
CA GLN A 46 13.19 -5.21 -0.37
C GLN A 46 11.84 -5.51 -1.00
N GLY A 47 10.86 -4.66 -0.70
CA GLY A 47 9.52 -4.85 -1.24
C GLY A 47 8.62 -3.66 -0.99
N TYR A 48 7.44 -3.91 -0.43
CA TYR A 48 6.49 -2.84 -0.15
C TYR A 48 5.40 -3.33 0.80
N ARG A 49 5.24 -2.63 1.92
CA ARG A 49 4.23 -2.99 2.92
C ARG A 49 2.99 -2.13 2.77
N VAL A 50 1.91 -2.73 2.27
CA VAL A 50 0.65 -2.02 2.07
C VAL A 50 -0.27 -2.19 3.28
N MET A 51 -0.37 -1.14 4.09
CA MET A 51 -1.22 -1.17 5.27
C MET A 51 -2.62 -0.67 4.95
N TYR A 52 -3.63 -1.47 5.29
CA TYR A 52 -5.01 -1.10 5.04
C TYR A 52 -5.90 -1.45 6.23
N ARG A 53 -7.09 -0.85 6.27
CA ARG A 53 -8.03 -1.10 7.35
C ARG A 53 -9.39 -0.46 7.06
N GLN A 54 -10.39 -0.81 7.86
CA GLN A 54 -11.73 -0.27 7.68
C GLN A 54 -11.89 1.07 8.39
N THR A 55 -12.66 1.97 7.80
CA THR A 55 -12.88 3.28 8.38
C THR A 55 -14.25 3.36 9.05
N SER A 56 -15.24 2.73 8.45
CA SER A 56 -16.59 2.73 8.98
C SER A 56 -16.99 1.34 9.47
N GLY A 57 -17.90 1.29 10.44
CA GLY A 57 -18.34 0.02 10.97
C GLY A 57 -17.61 -0.38 12.23
N LEU A 58 -17.85 -1.60 12.70
CA LEU A 58 -17.20 -2.08 13.92
C LEU A 58 -15.72 -2.38 13.66
N GLN A 59 -15.45 -3.13 12.59
CA GLN A 59 -14.08 -3.48 12.24
C GLN A 59 -13.23 -2.24 12.06
N ALA A 60 -13.88 -1.09 11.92
CA ALA A 60 -13.17 0.18 11.73
C ALA A 60 -12.28 0.48 12.94
N THR A 61 -11.23 1.25 12.70
CA THR A 61 -10.30 1.62 13.77
C THR A 61 -10.17 0.50 14.79
N SER A 62 -10.14 -0.74 14.31
CA SER A 62 -10.02 -1.89 15.19
C SER A 62 -8.60 -2.45 15.16
N SER A 63 -8.13 -2.80 13.98
CA SER A 63 -6.79 -3.36 13.82
C SER A 63 -6.28 -3.16 12.39
N TRP A 64 -5.18 -2.42 12.26
CA TRP A 64 -4.60 -2.16 10.95
C TRP A 64 -4.01 -3.43 10.35
N GLN A 65 -4.13 -3.56 9.03
CA GLN A 65 -3.61 -4.73 8.32
C GLN A 65 -2.37 -4.37 7.52
N ASN A 66 -1.77 -5.38 6.89
CA ASN A 66 -0.57 -5.18 6.09
C ASN A 66 -0.38 -6.32 5.08
N LEU A 67 -0.20 -5.96 3.81
CA LEU A 67 -0.02 -6.95 2.77
C LEU A 67 1.41 -6.92 2.24
N ASP A 68 2.23 -7.86 2.68
CA ASP A 68 3.62 -7.94 2.25
C ASP A 68 3.71 -8.39 0.80
N ALA A 69 4.09 -7.47 -0.08
CA ALA A 69 4.22 -7.77 -1.50
C ALA A 69 5.40 -8.71 -1.77
N LYS A 70 6.51 -8.43 -1.09
CA LYS A 70 7.72 -9.25 -1.25
C LYS A 70 8.23 -9.18 -2.68
N VAL A 71 8.11 -8.01 -3.30
CA VAL A 71 8.57 -7.82 -4.67
C VAL A 71 8.87 -6.36 -4.96
N PRO A 72 10.17 -6.02 -5.04
CA PRO A 72 10.62 -4.65 -5.30
C PRO A 72 10.33 -4.21 -6.73
N THR A 73 9.65 -5.08 -7.49
CA THR A 73 9.30 -4.78 -8.87
C THR A 73 7.80 -4.61 -9.02
N GLU A 74 7.06 -4.87 -7.95
CA GLU A 74 5.60 -4.75 -7.98
C GLU A 74 5.16 -3.42 -7.37
N ARG A 75 4.37 -2.67 -8.12
CA ARG A 75 3.88 -1.38 -7.65
C ARG A 75 2.36 -1.41 -7.45
N SER A 76 1.82 -2.61 -7.22
CA SER A 76 0.39 -2.78 -7.02
C SER A 76 0.11 -3.91 -6.04
N ALA A 77 -0.99 -3.79 -5.30
CA ALA A 77 -1.37 -4.80 -4.33
C ALA A 77 -2.89 -4.98 -4.29
N VAL A 78 -3.34 -6.20 -4.55
CA VAL A 78 -4.77 -6.50 -4.54
C VAL A 78 -5.21 -7.05 -3.19
N LEU A 79 -6.13 -6.36 -2.53
CA LEU A 79 -6.63 -6.77 -1.23
C LEU A 79 -7.93 -7.57 -1.38
N VAL A 80 -7.89 -8.85 -1.02
CA VAL A 80 -9.06 -9.71 -1.10
C VAL A 80 -9.71 -9.88 0.26
N ASN A 81 -10.98 -10.30 0.26
CA ASN A 81 -11.72 -10.51 1.49
C ASN A 81 -12.04 -9.17 2.17
N LEU A 82 -12.59 -8.25 1.39
CA LEU A 82 -12.95 -6.93 1.91
C LEU A 82 -14.46 -6.84 2.15
N LYS A 83 -14.86 -5.83 2.93
CA LYS A 83 -16.27 -5.62 3.23
C LYS A 83 -16.96 -4.82 2.14
N LYS A 84 -18.24 -5.08 1.93
CA LYS A 84 -19.01 -4.38 0.92
C LYS A 84 -19.75 -3.19 1.52
N GLY A 85 -19.68 -2.04 0.84
CA GLY A 85 -20.34 -0.85 1.32
C GLY A 85 -19.58 -0.18 2.45
N VAL A 86 -18.31 0.13 2.22
CA VAL A 86 -17.48 0.76 3.22
C VAL A 86 -16.19 1.31 2.62
N THR A 87 -15.63 2.33 3.24
CA THR A 87 -14.39 2.94 2.76
C THR A 87 -13.18 2.31 3.43
N TYR A 88 -12.10 2.17 2.68
CA TYR A 88 -10.86 1.58 3.20
C TYR A 88 -9.67 2.49 2.93
N GLU A 89 -8.91 2.79 3.97
CA GLU A 89 -7.74 3.66 3.86
C GLU A 89 -6.47 2.82 3.75
N ILE A 90 -5.59 3.22 2.83
CA ILE A 90 -4.33 2.51 2.63
C ILE A 90 -3.19 3.48 2.31
N LYS A 91 -1.98 3.10 2.69
CA LYS A 91 -0.80 3.94 2.43
C LYS A 91 0.42 3.08 2.12
N VAL A 92 1.02 3.32 0.95
CA VAL A 92 2.19 2.57 0.54
C VAL A 92 3.46 3.12 1.19
N ARG A 93 4.21 2.25 1.84
CA ARG A 93 5.45 2.64 2.52
C ARG A 93 6.59 1.71 2.14
N PRO A 94 7.64 2.29 1.51
CA PRO A 94 8.82 1.53 1.09
C PRO A 94 9.66 1.06 2.27
N TYR A 95 9.71 -0.26 2.46
CA TYR A 95 10.47 -0.84 3.56
C TYR A 95 11.66 -1.64 3.02
N PHE A 96 12.72 -1.71 3.83
CA PHE A 96 13.92 -2.44 3.45
C PHE A 96 14.04 -3.75 4.22
N ASN A 97 14.10 -3.64 5.54
CA ASN A 97 14.22 -4.82 6.39
C ASN A 97 13.10 -4.85 7.43
N GLU A 98 13.12 -3.91 8.36
CA GLU A 98 12.11 -3.83 9.40
C GLU A 98 11.45 -2.45 9.43
N PHE A 99 12.27 -1.41 9.24
CA PHE A 99 11.76 -0.05 9.24
C PHE A 99 10.88 0.21 8.01
N GLN A 100 10.13 1.30 8.05
CA GLN A 100 9.24 1.65 6.95
C GLN A 100 9.44 3.11 6.54
N GLY A 101 9.77 3.33 5.27
CA GLY A 101 9.97 4.68 4.77
C GLY A 101 8.74 5.55 4.92
N MET A 102 8.85 6.80 4.50
CA MET A 102 7.74 7.74 4.59
C MET A 102 6.50 7.17 3.89
N ASP A 103 5.33 7.53 4.40
CA ASP A 103 4.07 7.05 3.84
C ASP A 103 3.45 8.11 2.93
N SER A 104 2.94 7.68 1.78
CA SER A 104 2.33 8.58 0.83
C SER A 104 0.93 8.99 1.28
N GLU A 105 0.30 9.88 0.52
CA GLU A 105 -1.04 10.35 0.85
C GLU A 105 -2.02 9.19 0.96
N SER A 106 -2.41 8.87 2.18
CA SER A 106 -3.35 7.77 2.41
C SER A 106 -4.58 7.90 1.53
N LYS A 107 -4.77 6.93 0.63
CA LYS A 107 -5.92 6.94 -0.27
C LYS A 107 -7.07 6.13 0.30
N THR A 108 -8.29 6.60 0.06
CA THR A 108 -9.48 5.92 0.56
C THR A 108 -10.30 5.34 -0.59
N VAL A 109 -10.62 4.05 -0.48
CA VAL A 109 -11.39 3.36 -1.50
C VAL A 109 -12.78 3.01 -0.99
N ARG A 110 -13.80 3.48 -1.71
CA ARG A 110 -15.19 3.21 -1.33
C ARG A 110 -15.74 2.00 -2.08
N THR A 111 -15.98 0.92 -1.36
CA THR A 111 -16.50 -0.30 -1.96
C THR A 111 -18.03 -0.26 -2.03
N THR A 112 -18.55 -0.07 -3.23
CA THR A 112 -20.00 -0.02 -3.44
C THR A 112 -20.70 -1.11 -2.65
N GLU A 113 -22.01 -0.94 -2.46
CA GLU A 113 -22.80 -1.91 -1.72
C GLU A 113 -23.62 -2.78 -2.67
N GLU A 114 -23.70 -4.06 -2.36
CA GLU A 114 -24.45 -5.01 -3.19
C GLU A 114 -25.95 -4.76 -3.07
N SER A 115 -26.58 -4.41 -4.18
CA SER A 115 -28.01 -4.13 -4.21
C SER A 115 -28.54 -4.15 -5.64
N GLY A 116 -29.86 -4.09 -5.77
CA GLY A 116 -30.48 -4.10 -7.09
C GLY A 116 -30.65 -2.71 -7.66
N PRO A 117 -29.87 -2.40 -8.71
CA PRO A 117 -29.91 -1.10 -9.38
C PRO A 117 -31.22 -0.87 -10.14
N SER A 118 -31.63 -1.88 -10.91
CA SER A 118 -32.85 -1.79 -11.69
C SER A 118 -34.08 -1.92 -10.79
N SER A 119 -34.51 -0.80 -10.23
CA SER A 119 -35.68 -0.79 -9.35
C SER A 119 -36.93 -0.37 -10.12
N GLY A 120 -36.89 0.82 -10.69
CA GLY A 120 -38.04 1.31 -11.45
C GLY A 120 -39.25 1.52 -10.57
N GLY A 1 34.12 1.00 0.86
CA GLY A 1 32.94 0.25 1.22
C GLY A 1 33.14 -0.62 2.44
N SER A 2 32.18 -0.61 3.35
CA SER A 2 32.26 -1.39 4.58
C SER A 2 31.64 -2.77 4.38
N SER A 3 32.50 -3.77 4.19
CA SER A 3 32.04 -5.15 3.99
C SER A 3 31.34 -5.67 5.23
N GLY A 4 30.03 -5.90 5.12
CA GLY A 4 29.27 -6.40 6.25
C GLY A 4 27.79 -6.08 6.14
N SER A 5 27.14 -5.89 7.28
CA SER A 5 25.72 -5.57 7.31
C SER A 5 25.49 -4.07 7.48
N SER A 6 26.38 -3.28 6.88
CA SER A 6 26.29 -1.83 6.97
C SER A 6 25.16 -1.30 6.07
N GLY A 7 24.19 -0.63 6.69
CA GLY A 7 23.08 -0.08 5.95
C GLY A 7 23.01 1.43 6.02
N ARG A 8 24.00 2.08 5.43
CA ARG A 8 24.06 3.55 5.43
C ARG A 8 23.03 4.13 4.46
N GLN A 9 23.08 3.67 3.21
CA GLN A 9 22.16 4.15 2.19
C GLN A 9 20.72 4.09 2.68
N VAL A 10 20.49 3.29 3.72
CA VAL A 10 19.15 3.15 4.29
C VAL A 10 18.59 4.49 4.73
N GLN A 11 19.17 5.04 5.80
CA GLN A 11 18.72 6.33 6.32
C GLN A 11 19.35 7.48 5.54
N LYS A 12 19.66 7.23 4.28
CA LYS A 12 20.26 8.24 3.42
C LYS A 12 19.45 8.45 2.15
N GLU A 13 18.65 7.44 1.79
CA GLU A 13 17.81 7.50 0.60
C GLU A 13 16.35 7.28 0.95
N LEU A 14 16.11 6.43 1.95
CA LEU A 14 14.76 6.12 2.39
C LEU A 14 13.89 7.38 2.39
N GLY A 15 14.23 8.32 3.27
CA GLY A 15 13.48 9.56 3.36
C GLY A 15 13.43 10.31 2.05
N ASP A 16 14.41 10.05 1.19
CA ASP A 16 14.48 10.71 -0.11
C ASP A 16 13.75 9.89 -1.18
N VAL A 17 12.58 9.36 -0.82
CA VAL A 17 11.79 8.57 -1.75
C VAL A 17 10.32 8.98 -1.70
N LEU A 18 9.88 9.67 -2.74
CA LEU A 18 8.49 10.12 -2.83
C LEU A 18 7.61 9.06 -3.50
N VAL A 19 6.65 8.53 -2.76
CA VAL A 19 5.75 7.52 -3.28
C VAL A 19 4.35 8.10 -3.52
N ARG A 20 3.90 8.05 -4.77
CA ARG A 20 2.59 8.57 -5.11
C ARG A 20 1.57 7.45 -5.21
N LEU A 21 0.52 7.54 -4.39
CA LEU A 21 -0.53 6.51 -4.37
C LEU A 21 -1.71 6.95 -5.24
N HIS A 22 -1.90 6.26 -6.36
CA HIS A 22 -3.00 6.57 -7.27
C HIS A 22 -4.33 6.09 -6.69
N ASN A 23 -5.40 6.79 -7.05
CA ASN A 23 -6.74 6.44 -6.57
C ASN A 23 -6.98 4.94 -6.67
N PRO A 24 -7.27 4.31 -5.52
CA PRO A 24 -7.53 2.86 -5.47
C PRO A 24 -8.85 2.49 -6.12
N VAL A 25 -8.78 2.13 -7.41
CA VAL A 25 -9.98 1.75 -8.16
C VAL A 25 -10.67 0.56 -7.51
N VAL A 26 -11.91 0.77 -7.09
CA VAL A 26 -12.69 -0.28 -6.45
C VAL A 26 -13.21 -1.29 -7.47
N LEU A 27 -12.44 -2.34 -7.71
CA LEU A 27 -12.82 -3.38 -8.67
C LEU A 27 -14.05 -4.14 -8.18
N THR A 28 -13.99 -4.63 -6.95
CA THR A 28 -15.09 -5.38 -6.35
C THR A 28 -15.31 -4.99 -4.90
N PRO A 29 -16.50 -5.31 -4.38
CA PRO A 29 -16.86 -5.00 -2.99
C PRO A 29 -16.10 -5.85 -1.99
N THR A 30 -15.20 -6.69 -2.49
CA THR A 30 -14.40 -7.57 -1.65
C THR A 30 -12.94 -7.56 -2.08
N THR A 31 -12.62 -6.72 -3.05
CA THR A 31 -11.25 -6.61 -3.55
C THR A 31 -11.01 -5.26 -4.23
N VAL A 32 -9.93 -4.60 -3.86
CA VAL A 32 -9.58 -3.30 -4.42
C VAL A 32 -8.15 -3.30 -4.96
N GLN A 33 -7.96 -2.66 -6.10
CA GLN A 33 -6.64 -2.57 -6.72
C GLN A 33 -5.87 -1.39 -6.18
N VAL A 34 -4.62 -1.63 -5.77
CA VAL A 34 -3.78 -0.58 -5.23
C VAL A 34 -2.54 -0.37 -6.10
N THR A 35 -2.42 0.83 -6.67
CA THR A 35 -1.29 1.16 -7.52
C THR A 35 -0.58 2.42 -7.04
N TRP A 36 0.74 2.44 -7.17
CA TRP A 36 1.53 3.60 -6.75
C TRP A 36 2.76 3.77 -7.64
N THR A 37 3.32 4.97 -7.64
CA THR A 37 4.49 5.27 -8.45
C THR A 37 5.57 5.94 -7.62
N VAL A 38 6.81 5.49 -7.79
CA VAL A 38 7.95 6.06 -7.06
C VAL A 38 8.88 6.82 -7.99
N ASP A 39 9.30 8.00 -7.55
CA ASP A 39 10.20 8.83 -8.34
C ASP A 39 11.62 8.24 -8.36
N ARG A 40 12.13 7.96 -7.17
CA ARG A 40 13.48 7.39 -7.05
C ARG A 40 13.43 5.98 -6.46
N GLN A 41 13.05 5.02 -7.28
CA GLN A 41 12.96 3.62 -6.84
C GLN A 41 14.18 3.24 -6.01
N PRO A 42 13.95 3.04 -4.70
CA PRO A 42 15.02 2.67 -3.77
C PRO A 42 15.51 1.24 -4.00
N GLN A 43 16.81 1.10 -4.23
CA GLN A 43 17.41 -0.22 -4.46
C GLN A 43 17.49 -1.01 -3.17
N PHE A 44 18.01 -0.37 -2.11
CA PHE A 44 18.15 -1.03 -0.82
C PHE A 44 16.81 -1.63 -0.37
N ILE A 45 15.74 -0.88 -0.57
CA ILE A 45 14.41 -1.33 -0.18
C ILE A 45 14.29 -2.84 -0.31
N GLN A 46 13.52 -3.46 0.59
CA GLN A 46 13.33 -4.89 0.57
C GLN A 46 11.97 -5.25 -0.04
N GLY A 47 10.99 -4.38 0.16
CA GLY A 47 9.67 -4.62 -0.38
C GLY A 47 8.71 -3.48 -0.11
N TYR A 48 7.42 -3.77 -0.14
CA TYR A 48 6.40 -2.76 0.10
C TYR A 48 5.28 -3.31 0.97
N ARG A 49 5.18 -2.79 2.18
CA ARG A 49 4.15 -3.23 3.12
C ARG A 49 2.82 -2.50 2.87
N VAL A 50 2.02 -3.06 1.96
CA VAL A 50 0.73 -2.46 1.63
C VAL A 50 -0.27 -2.65 2.76
N MET A 51 -0.35 -1.66 3.65
CA MET A 51 -1.28 -1.72 4.78
C MET A 51 -2.68 -1.34 4.35
N TYR A 52 -3.66 -1.60 5.22
CA TYR A 52 -5.05 -1.28 4.92
C TYR A 52 -5.94 -1.57 6.12
N ARG A 53 -6.98 -0.76 6.30
CA ARG A 53 -7.90 -0.93 7.41
C ARG A 53 -9.20 -0.16 7.16
N GLN A 54 -10.24 -0.51 7.91
CA GLN A 54 -11.54 0.14 7.77
C GLN A 54 -11.55 1.49 8.48
N THR A 55 -12.32 2.44 7.94
CA THR A 55 -12.41 3.77 8.52
C THR A 55 -13.74 3.95 9.27
N SER A 56 -14.80 3.38 8.71
CA SER A 56 -16.12 3.47 9.33
C SER A 56 -16.73 2.09 9.52
N GLY A 57 -17.70 2.00 10.44
CA GLY A 57 -18.35 0.72 10.70
C GLY A 57 -17.96 0.14 12.05
N LEU A 58 -17.67 -1.15 12.07
CA LEU A 58 -17.29 -1.83 13.31
C LEU A 58 -15.79 -2.07 13.35
N GLN A 59 -15.23 -2.55 12.25
CA GLN A 59 -13.80 -2.82 12.16
C GLN A 59 -13.03 -1.55 11.81
N ALA A 60 -13.65 -0.40 12.04
CA ALA A 60 -13.03 0.89 11.74
C ALA A 60 -11.91 1.19 12.73
N THR A 61 -10.83 1.78 12.24
CA THR A 61 -9.69 2.12 13.08
C THR A 61 -9.58 1.18 14.27
N SER A 62 -9.80 -0.11 14.01
CA SER A 62 -9.73 -1.11 15.07
C SER A 62 -8.38 -1.82 15.05
N SER A 63 -7.94 -2.20 13.86
CA SER A 63 -6.66 -2.90 13.71
C SER A 63 -6.14 -2.77 12.28
N TRP A 64 -4.93 -2.23 12.13
CA TRP A 64 -4.33 -2.05 10.82
C TRP A 64 -3.84 -3.39 10.26
N GLN A 65 -3.76 -3.48 8.94
CA GLN A 65 -3.32 -4.70 8.28
C GLN A 65 -2.02 -4.45 7.51
N ASN A 66 -1.42 -5.54 7.02
CA ASN A 66 -0.18 -5.44 6.26
C ASN A 66 -0.10 -6.54 5.21
N LEU A 67 0.15 -6.13 3.97
CA LEU A 67 0.25 -7.08 2.85
C LEU A 67 1.62 -6.99 2.17
N ASP A 68 2.55 -7.81 2.63
CA ASP A 68 3.90 -7.81 2.07
C ASP A 68 3.88 -8.33 0.63
N ALA A 69 4.35 -7.49 -0.30
CA ALA A 69 4.39 -7.86 -1.70
C ALA A 69 5.53 -8.83 -1.99
N LYS A 70 6.56 -8.80 -1.14
CA LYS A 70 7.71 -9.67 -1.30
C LYS A 70 8.38 -9.46 -2.65
N VAL A 71 8.32 -8.22 -3.14
CA VAL A 71 8.93 -7.89 -4.42
C VAL A 71 8.99 -6.38 -4.62
N PRO A 72 10.20 -5.81 -4.55
CA PRO A 72 10.42 -4.37 -4.71
C PRO A 72 10.19 -3.92 -6.15
N THR A 73 10.24 -4.86 -7.08
CA THR A 73 10.04 -4.55 -8.49
C THR A 73 8.56 -4.57 -8.85
N GLU A 74 7.71 -4.42 -7.84
CA GLU A 74 6.27 -4.42 -8.05
C GLU A 74 5.62 -3.21 -7.37
N ARG A 75 4.86 -2.43 -8.14
CA ARG A 75 4.20 -1.25 -7.61
C ARG A 75 2.69 -1.42 -7.63
N SER A 76 2.24 -2.68 -7.63
CA SER A 76 0.81 -2.98 -7.66
C SER A 76 0.49 -4.16 -6.75
N ALA A 77 -0.59 -4.02 -5.98
CA ALA A 77 -1.01 -5.07 -5.07
C ALA A 77 -2.53 -5.18 -5.01
N VAL A 78 -3.03 -6.30 -4.50
CA VAL A 78 -4.47 -6.52 -4.39
C VAL A 78 -4.87 -6.83 -2.95
N LEU A 79 -5.90 -6.17 -2.47
CA LEU A 79 -6.39 -6.37 -1.12
C LEU A 79 -7.68 -7.19 -1.11
N VAL A 80 -7.58 -8.45 -0.69
CA VAL A 80 -8.74 -9.33 -0.65
C VAL A 80 -9.37 -9.33 0.75
N ASN A 81 -10.46 -10.08 0.90
CA ASN A 81 -11.15 -10.16 2.17
C ASN A 81 -11.56 -8.78 2.67
N LEU A 82 -12.28 -8.04 1.81
CA LEU A 82 -12.73 -6.70 2.16
C LEU A 82 -14.23 -6.69 2.44
N LYS A 83 -14.70 -5.61 3.05
CA LYS A 83 -16.13 -5.48 3.38
C LYS A 83 -16.88 -4.81 2.24
N LYS A 84 -18.20 -5.00 2.21
CA LYS A 84 -19.04 -4.42 1.17
C LYS A 84 -19.87 -3.26 1.73
N GLY A 85 -19.78 -2.10 1.07
CA GLY A 85 -20.51 -0.95 1.52
C GLY A 85 -19.83 -0.21 2.66
N VAL A 86 -18.58 0.17 2.43
CA VAL A 86 -17.81 0.88 3.44
C VAL A 86 -16.52 1.47 2.85
N THR A 87 -16.01 2.52 3.48
CA THR A 87 -14.79 3.17 3.02
C THR A 87 -13.56 2.51 3.62
N TYR A 88 -12.51 2.38 2.80
CA TYR A 88 -11.27 1.77 3.24
C TYR A 88 -10.08 2.66 2.93
N GLU A 89 -9.29 2.96 3.95
CA GLU A 89 -8.11 3.81 3.79
C GLU A 89 -6.85 2.98 3.64
N ILE A 90 -6.20 3.09 2.48
CA ILE A 90 -4.99 2.33 2.20
C ILE A 90 -3.87 3.25 1.75
N LYS A 91 -2.64 2.94 2.16
CA LYS A 91 -1.48 3.73 1.79
C LYS A 91 -0.29 2.83 1.46
N VAL A 92 0.86 3.45 1.19
CA VAL A 92 2.07 2.71 0.85
C VAL A 92 3.30 3.34 1.50
N ARG A 93 4.19 2.50 2.00
CA ARG A 93 5.40 2.97 2.66
C ARG A 93 6.57 2.02 2.40
N PRO A 94 7.64 2.55 1.80
CA PRO A 94 8.83 1.76 1.47
C PRO A 94 9.61 1.35 2.72
N TYR A 95 9.45 0.09 3.13
CA TYR A 95 10.13 -0.42 4.31
C TYR A 95 11.32 -1.29 3.92
N PHE A 96 12.43 -1.12 4.65
CA PHE A 96 13.64 -1.89 4.38
C PHE A 96 13.73 -3.11 5.29
N ASN A 97 13.76 -2.85 6.59
CA ASN A 97 13.85 -3.93 7.58
C ASN A 97 12.68 -3.87 8.56
N GLU A 98 12.58 -2.76 9.28
CA GLU A 98 11.50 -2.58 10.25
C GLU A 98 10.85 -1.21 10.08
N PHE A 99 11.67 -0.19 9.81
CA PHE A 99 11.17 1.16 9.64
C PHE A 99 10.32 1.27 8.37
N GLN A 100 9.71 2.43 8.17
CA GLN A 100 8.87 2.66 7.00
C GLN A 100 9.17 4.04 6.39
N GLY A 101 9.85 4.04 5.25
CA GLY A 101 10.17 5.29 4.59
C GLY A 101 8.96 6.20 4.45
N MET A 102 9.18 7.37 3.85
CA MET A 102 8.10 8.34 3.66
C MET A 102 6.78 7.62 3.35
N ASP A 103 5.69 8.14 3.92
CA ASP A 103 4.38 7.56 3.70
C ASP A 103 3.65 8.27 2.57
N SER A 104 2.94 7.50 1.75
CA SER A 104 2.21 8.05 0.62
C SER A 104 0.82 8.53 1.06
N GLU A 105 0.20 9.36 0.23
CA GLU A 105 -1.13 9.89 0.54
C GLU A 105 -2.14 8.76 0.67
N SER A 106 -2.74 8.63 1.86
CA SER A 106 -3.72 7.59 2.12
C SER A 106 -5.00 7.84 1.32
N LYS A 107 -5.26 6.98 0.34
CA LYS A 107 -6.44 7.10 -0.50
C LYS A 107 -7.59 6.27 0.07
N THR A 108 -8.80 6.83 0.03
CA THR A 108 -9.98 6.15 0.54
C THR A 108 -10.75 5.48 -0.60
N VAL A 109 -11.14 4.22 -0.39
CA VAL A 109 -11.89 3.47 -1.38
C VAL A 109 -13.22 2.97 -0.83
N ARG A 110 -14.32 3.46 -1.38
CA ARG A 110 -15.64 3.06 -0.92
C ARG A 110 -16.13 1.83 -1.69
N THR A 111 -16.33 0.73 -0.95
CA THR A 111 -16.79 -0.51 -1.56
C THR A 111 -18.29 -0.48 -1.81
N THR A 112 -18.67 -0.32 -3.07
CA THR A 112 -20.08 -0.27 -3.43
C THR A 112 -20.83 -1.49 -2.90
N GLU A 113 -22.16 -1.47 -3.03
CA GLU A 113 -22.99 -2.57 -2.56
C GLU A 113 -23.67 -3.28 -3.72
N GLU A 114 -24.06 -2.50 -4.73
CA GLU A 114 -24.73 -3.05 -5.90
C GLU A 114 -23.80 -3.04 -7.11
N SER A 115 -23.26 -4.19 -7.46
CA SER A 115 -22.35 -4.32 -8.60
C SER A 115 -22.77 -5.46 -9.51
N GLY A 116 -22.84 -5.18 -10.81
CA GLY A 116 -23.23 -6.20 -11.77
C GLY A 116 -22.82 -5.85 -13.18
N PRO A 117 -23.69 -5.11 -13.90
CA PRO A 117 -23.44 -4.69 -15.27
C PRO A 117 -22.33 -3.65 -15.37
N SER A 118 -21.10 -4.12 -15.59
CA SER A 118 -19.96 -3.23 -15.70
C SER A 118 -18.84 -3.88 -16.51
N SER A 119 -17.92 -3.06 -17.02
CA SER A 119 -16.81 -3.56 -17.81
C SER A 119 -15.64 -2.59 -17.76
N GLY A 120 -14.43 -3.13 -17.56
CA GLY A 120 -13.25 -2.29 -17.50
C GLY A 120 -13.39 -1.14 -16.51
#